data_9H4G
#
_entry.id   9H4G
#
_cell.length_a   156.589
_cell.length_b   156.589
_cell.length_c   211.989
_cell.angle_alpha   90.000
_cell.angle_beta   90.000
_cell.angle_gamma   90.000
#
_symmetry.space_group_name_H-M   'P 43 2 2'
#
loop_
_entity.id
_entity.type
_entity.pdbx_description
1 polymer 'Trans-aconitate decarboxylase 1'
2 non-polymer 'ACONITATE ION'
#
_entity_poly.entity_id   1
_entity_poly.type   'polypeptide(L)'
_entity_poly.pdbx_seq_one_letter_code
;MAPALNANPTTKRDELSAPSASHKLGMSSMASRAAGGGLKLTGLPDLSDSAGTLSDIFGTPQMREIWSDQNRVACYLEIE
AALAIVQADLGIIPKNAAHEIVEHCRVQEIDWALYKQKTELIIYPVLGIVQQLVANCKDGLGEYCHWGATTQDITDTATV
MQIRQSLTLVKQRLDSIVSSLEHLAEQHRNVPMAARSNLKQAVPITFGFKMARFLATFRRHQQRLVELEKRVYTLEFGGA
AGNLSSLGDQGIATHDALAKMLDLAPAEIAWHTEHDRFAEVGTFLGLLTGTLAKLATDIKLMSQTEVGEVGEPFISNRGS
SSTMPQKNNPISCVYIHACAANVRQGAAALLDAMQSDHEAGTGPWEIIWVQLPLMMNWTSAALNNADFVLRGLQVFPDAM
QHNLDLSKGLIVSEAVMMGLGNTLGRQYAHDAVYECCRTAFVQDRPLLDVLLENHEIASKLDRTELEKLCDPANYLGQCS
QWIDRVLSPPSSA
;
_entity_poly.pdbx_strand_id   A,B,C,D
#
loop_
_chem_comp.id
_chem_comp.type
_chem_comp.name
_chem_comp.formula
TRA non-polymer 'ACONITATE ION' 'C6 H3 O6 -3'
#
# COMPACT_ATOMS: atom_id res chain seq x y z
N GLY A 59 9.81 -16.17 10.08
CA GLY A 59 10.44 -17.01 9.07
C GLY A 59 10.75 -18.43 9.54
N THR A 60 11.41 -19.24 8.65
CA THR A 60 11.80 -20.62 8.93
C THR A 60 13.29 -20.70 9.24
N PRO A 61 13.70 -21.65 10.10
CA PRO A 61 15.13 -21.77 10.45
C PRO A 61 16.07 -21.78 9.25
N GLN A 62 15.67 -22.36 8.12
CA GLN A 62 16.55 -22.40 6.96
C GLN A 62 16.74 -20.99 6.38
N MET A 63 15.64 -20.27 6.19
CA MET A 63 15.70 -18.91 5.63
C MET A 63 16.08 -17.87 6.67
N ARG A 64 15.68 -18.07 7.93
CA ARG A 64 15.99 -17.07 8.95
C ARG A 64 17.47 -17.03 9.33
N GLU A 65 18.25 -18.04 8.96
CA GLU A 65 19.69 -17.96 9.19
C GLU A 65 20.41 -17.37 8.00
N ILE A 66 19.83 -17.47 6.80
CA ILE A 66 20.40 -16.81 5.63
C ILE A 66 20.59 -15.33 5.93
N TRP A 67 19.62 -14.72 6.61
CA TRP A 67 19.67 -13.30 6.92
C TRP A 67 20.10 -13.03 8.36
N SER A 68 20.64 -14.01 9.05
CA SER A 68 21.19 -13.78 10.38
C SER A 68 22.50 -12.99 10.26
N ASP A 69 22.85 -12.31 11.35
CA ASP A 69 24.11 -11.57 11.39
C ASP A 69 25.28 -12.48 11.04
N GLN A 70 25.32 -13.67 11.65
CA GLN A 70 26.43 -14.59 11.41
C GLN A 70 26.65 -14.81 9.92
N ASN A 71 25.57 -15.03 9.17
CA ASN A 71 25.70 -15.23 7.72
C ASN A 71 26.04 -13.92 6.99
N ARG A 72 25.47 -12.80 7.44
CA ARG A 72 25.70 -11.54 6.73
C ARG A 72 27.18 -11.15 6.77
N VAL A 73 27.75 -11.02 7.97
CA VAL A 73 29.17 -10.68 8.06
C VAL A 73 30.04 -11.77 7.43
N ALA A 74 29.50 -12.97 7.26
CA ALA A 74 30.22 -13.99 6.52
C ALA A 74 30.31 -13.60 5.05
N CYS A 75 29.23 -13.08 4.47
CA CYS A 75 29.27 -12.54 3.13
C CYS A 75 30.22 -11.34 3.06
N TYR A 76 30.17 -10.46 4.08
CA TYR A 76 31.13 -9.37 4.18
C TYR A 76 32.56 -9.90 4.07
N LEU A 77 32.93 -10.83 4.95
CA LEU A 77 34.30 -11.34 4.97
C LEU A 77 34.64 -12.07 3.68
N GLU A 78 33.67 -12.76 3.08
CA GLU A 78 33.96 -13.42 1.82
C GLU A 78 34.13 -12.43 0.68
N ILE A 79 33.42 -11.30 0.74
CA ILE A 79 33.57 -10.28 -0.29
C ILE A 79 34.93 -9.60 -0.16
N GLU A 80 35.30 -9.23 1.06
CA GLU A 80 36.57 -8.54 1.28
C GLU A 80 37.76 -9.38 0.83
N ALA A 81 37.73 -10.68 1.11
CA ALA A 81 38.82 -11.55 0.69
C ALA A 81 38.97 -11.54 -0.84
N ALA A 82 37.87 -11.71 -1.56
CA ALA A 82 37.95 -11.69 -3.02
C ALA A 82 38.52 -10.36 -3.52
N LEU A 83 38.14 -9.25 -2.87
CA LEU A 83 38.68 -7.96 -3.28
C LEU A 83 40.19 -7.89 -3.06
N ALA A 84 40.66 -8.42 -1.93
CA ALA A 84 42.10 -8.42 -1.67
C ALA A 84 42.84 -9.27 -2.70
N ILE A 85 42.31 -10.46 -3.01
CA ILE A 85 42.89 -11.31 -4.04
C ILE A 85 42.93 -10.59 -5.39
N VAL A 86 41.78 -10.08 -5.83
CA VAL A 86 41.70 -9.44 -7.14
C VAL A 86 42.69 -8.28 -7.23
N GLN A 87 42.72 -7.43 -6.21
CA GLN A 87 43.55 -6.23 -6.29
C GLN A 87 45.03 -6.54 -6.08
N ALA A 88 45.35 -7.56 -5.30
CA ALA A 88 46.73 -8.05 -5.29
C ALA A 88 47.09 -8.61 -6.66
N ASP A 89 46.22 -9.47 -7.19
CA ASP A 89 46.47 -10.07 -8.50
C ASP A 89 46.64 -9.00 -9.58
N LEU A 90 45.98 -7.85 -9.43
CA LEU A 90 46.15 -6.73 -10.34
C LEU A 90 47.35 -5.85 -9.97
N GLY A 91 48.10 -6.21 -8.94
CA GLY A 91 49.24 -5.41 -8.51
C GLY A 91 48.89 -4.15 -7.77
N ILE A 92 47.67 -4.04 -7.23
CA ILE A 92 47.30 -2.85 -6.47
C ILE A 92 47.80 -2.94 -5.04
N ILE A 93 47.84 -4.15 -4.46
CA ILE A 93 48.32 -4.31 -3.10
C ILE A 93 49.31 -5.46 -3.08
N PRO A 94 50.12 -5.56 -2.03
CA PRO A 94 51.17 -6.60 -1.97
C PRO A 94 50.59 -8.00 -1.86
N LYS A 95 51.28 -8.94 -2.51
CA LYS A 95 50.83 -10.34 -2.49
C LYS A 95 50.74 -10.87 -1.05
N ASN A 96 51.72 -10.53 -0.21
CA ASN A 96 51.71 -11.06 1.15
C ASN A 96 50.62 -10.42 2.00
N ALA A 97 50.30 -9.14 1.77
CA ALA A 97 49.21 -8.52 2.50
C ALA A 97 47.88 -9.17 2.15
N ALA A 98 47.61 -9.35 0.86
CA ALA A 98 46.41 -10.06 0.44
C ALA A 98 46.42 -11.49 0.96
N HIS A 99 47.56 -12.18 0.84
CA HIS A 99 47.66 -13.56 1.30
C HIS A 99 47.31 -13.70 2.77
N GLU A 100 47.62 -12.68 3.58
CA GLU A 100 47.32 -12.68 5.01
C GLU A 100 45.95 -12.10 5.32
N ILE A 101 45.53 -11.07 4.58
CA ILE A 101 44.20 -10.48 4.77
C ILE A 101 43.13 -11.57 4.64
N VAL A 102 43.21 -12.36 3.57
CA VAL A 102 42.24 -13.42 3.35
C VAL A 102 42.26 -14.42 4.49
N GLU A 103 43.45 -14.67 5.05
CA GLU A 103 43.57 -15.64 6.12
C GLU A 103 42.71 -15.28 7.32
N HIS A 104 42.50 -13.99 7.57
CA HIS A 104 41.72 -13.52 8.70
C HIS A 104 40.29 -13.16 8.33
N CYS A 105 39.82 -13.61 7.16
CA CYS A 105 38.42 -13.43 6.77
C CYS A 105 37.61 -14.66 7.19
N ARG A 106 37.61 -14.93 8.49
CA ARG A 106 36.87 -16.03 9.08
C ARG A 106 35.95 -15.47 10.16
N VAL A 107 34.64 -15.74 10.01
CA VAL A 107 33.67 -15.20 10.95
C VAL A 107 33.94 -15.72 12.36
N GLN A 108 34.52 -16.91 12.48
CA GLN A 108 34.88 -17.44 13.78
C GLN A 108 35.85 -16.55 14.55
N GLU A 109 36.56 -15.65 13.85
CA GLU A 109 37.59 -14.83 14.48
C GLU A 109 37.11 -13.41 14.75
N ILE A 110 35.81 -13.18 14.72
CA ILE A 110 35.24 -11.85 14.89
C ILE A 110 34.57 -11.81 16.24
N ASP A 111 34.89 -10.79 17.04
CA ASP A 111 34.24 -10.67 18.32
C ASP A 111 32.82 -10.19 18.06
N TRP A 112 31.86 -11.05 18.37
CA TRP A 112 30.47 -10.71 18.12
C TRP A 112 29.94 -9.75 19.17
N ALA A 113 30.74 -9.47 20.21
CA ALA A 113 30.32 -8.50 21.20
C ALA A 113 30.41 -7.08 20.66
N LEU A 114 30.89 -6.92 19.43
CA LEU A 114 30.96 -5.61 18.78
C LEU A 114 31.91 -4.67 19.52
N ILE A 123 27.23 0.58 14.99
CA ILE A 123 26.74 1.83 14.42
C ILE A 123 27.08 1.87 12.93
N TYR A 124 28.23 1.33 12.57
CA TYR A 124 28.53 1.05 11.18
C TYR A 124 28.44 -0.45 10.95
N PRO A 125 27.63 -0.84 9.96
CA PRO A 125 27.41 -2.29 9.75
C PRO A 125 28.64 -2.97 9.16
N VAL A 126 29.32 -2.31 8.24
CA VAL A 126 30.43 -2.91 7.52
C VAL A 126 31.78 -2.45 8.10
N LEU A 127 31.94 -1.14 8.27
CA LEU A 127 33.22 -0.63 8.77
C LEU A 127 33.52 -1.15 10.18
N GLY A 128 32.50 -1.52 10.95
CA GLY A 128 32.75 -2.15 12.23
C GLY A 128 33.41 -3.51 12.09
N ILE A 129 33.14 -4.22 11.00
CA ILE A 129 33.79 -5.49 10.75
C ILE A 129 35.18 -5.29 10.15
N VAL A 130 35.27 -4.41 9.14
CA VAL A 130 36.55 -4.17 8.47
C VAL A 130 37.59 -3.62 9.44
N GLN A 131 37.15 -3.02 10.55
CA GLN A 131 38.08 -2.60 11.58
C GLN A 131 38.64 -3.79 12.36
N GLN A 132 37.79 -4.78 12.65
CA GLN A 132 38.28 -5.98 13.31
C GLN A 132 39.23 -6.78 12.42
N LEU A 133 39.16 -6.58 11.11
CA LEU A 133 40.09 -7.22 10.18
C LEU A 133 41.38 -6.42 10.05
N VAL A 134 41.28 -5.09 9.98
CA VAL A 134 42.47 -4.27 9.85
C VAL A 134 43.35 -4.43 11.09
N ALA A 135 42.74 -4.31 12.26
CA ALA A 135 43.47 -4.42 13.53
C ALA A 135 43.85 -5.87 13.88
N ASN A 136 43.36 -6.86 13.15
CA ASN A 136 43.69 -8.26 13.43
C ASN A 136 44.73 -8.85 12.50
N CYS A 137 45.17 -8.11 11.48
CA CYS A 137 46.17 -8.62 10.54
C CYS A 137 47.57 -8.33 11.03
N LYS A 138 48.47 -9.31 10.87
CA LYS A 138 49.83 -9.16 11.35
C LYS A 138 50.58 -8.13 10.53
N ASP A 139 51.54 -7.46 11.17
CA ASP A 139 52.42 -6.50 10.50
C ASP A 139 51.64 -5.33 9.93
N GLY A 140 50.43 -5.08 10.43
CA GLY A 140 49.59 -4.06 9.85
C GLY A 140 49.26 -4.29 8.40
N LEU A 141 49.30 -5.55 7.94
CA LEU A 141 48.97 -5.87 6.57
C LEU A 141 47.50 -5.66 6.26
N GLY A 142 46.65 -5.63 7.29
CA GLY A 142 45.23 -5.42 7.10
C GLY A 142 44.84 -4.04 6.62
N GLU A 143 45.79 -3.12 6.46
CA GLU A 143 45.46 -1.80 5.94
C GLU A 143 45.13 -1.82 4.46
N TYR A 144 45.25 -2.96 3.79
CA TYR A 144 45.09 -3.04 2.35
C TYR A 144 43.72 -3.58 1.92
N CYS A 145 42.91 -4.05 2.86
CA CYS A 145 41.59 -4.55 2.55
C CYS A 145 40.60 -3.37 2.42
N HIS A 146 39.45 -3.66 1.81
CA HIS A 146 38.41 -2.65 1.62
C HIS A 146 38.89 -1.53 0.68
N TRP A 147 39.91 -1.82 -0.12
CA TRP A 147 40.55 -0.80 -0.95
C TRP A 147 39.59 -0.29 -2.04
N GLY A 148 39.39 1.02 -2.09
CA GLY A 148 38.61 1.66 -3.12
C GLY A 148 37.12 1.38 -3.10
N ALA A 149 36.64 0.57 -2.17
CA ALA A 149 35.25 0.16 -2.10
C ALA A 149 34.51 0.98 -1.05
N THR A 150 33.24 1.28 -1.35
CA THR A 150 32.38 1.98 -0.40
C THR A 150 31.56 0.98 0.41
N THR A 151 31.06 1.46 1.56
CA THR A 151 30.32 0.58 2.46
C THR A 151 29.13 -0.08 1.77
N GLN A 152 28.37 0.70 1.00
CA GLN A 152 27.20 0.15 0.33
C GLN A 152 27.58 -0.97 -0.64
N ASP A 153 28.76 -0.88 -1.25
CA ASP A 153 29.22 -1.96 -2.11
C ASP A 153 29.20 -3.28 -1.37
N ILE A 154 29.69 -3.29 -0.14
CA ILE A 154 29.76 -4.53 0.63
C ILE A 154 28.35 -5.01 0.99
N THR A 155 27.50 -4.10 1.47
CA THR A 155 26.16 -4.51 1.89
C THR A 155 25.33 -4.99 0.71
N ASP A 156 25.25 -4.17 -0.35
CA ASP A 156 24.43 -4.53 -1.50
C ASP A 156 24.90 -5.85 -2.12
N THR A 157 26.21 -5.98 -2.35
CA THR A 157 26.74 -7.22 -2.88
C THR A 157 26.46 -8.39 -1.93
N ALA A 158 26.56 -8.14 -0.62
CA ALA A 158 26.22 -9.17 0.35
C ALA A 158 24.74 -9.53 0.26
N THR A 159 23.86 -8.53 0.15
CA THR A 159 22.44 -8.83 -0.02
C THR A 159 22.20 -9.67 -1.26
N VAL A 160 22.79 -9.28 -2.39
CA VAL A 160 22.65 -10.04 -3.62
C VAL A 160 23.05 -11.50 -3.39
N MET A 161 24.17 -11.71 -2.69
CA MET A 161 24.57 -13.08 -2.37
C MET A 161 23.49 -13.77 -1.53
N GLN A 162 22.91 -13.05 -0.57
CA GLN A 162 21.88 -13.63 0.28
C GLN A 162 20.60 -13.86 -0.51
N ILE A 163 20.22 -12.93 -1.38
CA ILE A 163 19.01 -13.11 -2.18
C ILE A 163 19.12 -14.39 -2.98
N ARG A 164 20.31 -14.69 -3.50
CA ARG A 164 20.51 -15.93 -4.25
C ARG A 164 20.29 -17.15 -3.36
N GLN A 165 20.89 -17.13 -2.17
CA GLN A 165 20.69 -18.22 -1.21
C GLN A 165 19.23 -18.40 -0.86
N SER A 166 18.50 -17.28 -0.73
CA SER A 166 17.09 -17.36 -0.42
C SER A 166 16.30 -17.97 -1.57
N LEU A 167 16.59 -17.54 -2.81
CA LEU A 167 15.91 -18.08 -3.96
C LEU A 167 16.23 -19.55 -4.20
N THR A 168 17.35 -20.03 -3.67
CA THR A 168 17.62 -21.47 -3.71
C THR A 168 16.56 -22.22 -2.93
N LEU A 169 16.24 -21.75 -1.72
CA LEU A 169 15.16 -22.38 -0.96
C LEU A 169 13.83 -22.26 -1.68
N VAL A 170 13.52 -21.09 -2.21
CA VAL A 170 12.24 -20.88 -2.88
C VAL A 170 12.10 -21.81 -4.07
N LYS A 171 13.16 -21.98 -4.85
CA LYS A 171 13.10 -22.88 -5.99
C LYS A 171 12.80 -24.31 -5.54
N GLN A 172 13.36 -24.70 -4.40
CA GLN A 172 13.10 -26.04 -3.87
C GLN A 172 11.67 -26.17 -3.36
N ARG A 173 11.17 -25.15 -2.66
CA ARG A 173 9.79 -25.17 -2.21
C ARG A 173 8.83 -25.25 -3.39
N LEU A 174 9.13 -24.53 -4.47
CA LEU A 174 8.26 -24.58 -5.64
C LEU A 174 8.28 -25.96 -6.29
N ASP A 175 9.44 -26.62 -6.30
CA ASP A 175 9.50 -27.97 -6.85
C ASP A 175 8.63 -28.93 -6.04
N SER A 176 8.78 -28.91 -4.71
CA SER A 176 7.95 -29.74 -3.86
C SER A 176 6.48 -29.42 -4.03
N ILE A 177 6.13 -28.13 -4.08
CA ILE A 177 4.72 -27.75 -4.19
C ILE A 177 4.17 -28.14 -5.55
N VAL A 178 4.94 -27.91 -6.63
CA VAL A 178 4.46 -28.29 -7.95
C VAL A 178 4.36 -29.81 -8.05
N SER A 179 5.30 -30.53 -7.45
CA SER A 179 5.23 -31.98 -7.43
C SER A 179 3.96 -32.45 -6.75
N SER A 180 3.69 -31.96 -5.53
CA SER A 180 2.46 -32.30 -4.83
C SER A 180 1.24 -32.04 -5.71
N LEU A 181 1.21 -30.90 -6.39
CA LEU A 181 0.06 -30.56 -7.21
C LEU A 181 -0.08 -31.54 -8.38
N GLU A 182 1.04 -31.86 -9.04
CA GLU A 182 1.00 -32.89 -10.09
C GLU A 182 0.43 -34.19 -9.53
N HIS A 183 0.82 -34.57 -8.32
CA HIS A 183 0.29 -35.79 -7.72
C HIS A 183 -1.20 -35.65 -7.42
N LEU A 184 -1.61 -34.55 -6.80
CA LEU A 184 -3.02 -34.36 -6.48
C LEU A 184 -3.88 -34.23 -7.74
N ALA A 185 -3.38 -33.50 -8.75
CA ALA A 185 -4.16 -33.32 -9.97
C ALA A 185 -4.43 -34.65 -10.67
N GLU A 186 -3.45 -35.56 -10.65
CA GLU A 186 -3.64 -36.89 -11.24
C GLU A 186 -4.52 -37.76 -10.34
N GLN A 187 -4.13 -37.91 -9.08
CA GLN A 187 -4.83 -38.79 -8.16
C GLN A 187 -6.33 -38.53 -8.15
N HIS A 188 -6.74 -37.27 -8.00
CA HIS A 188 -8.15 -36.88 -7.95
C HIS A 188 -8.66 -36.38 -9.29
N ARG A 189 -8.11 -36.90 -10.39
CA ARG A 189 -8.43 -36.41 -11.72
C ARG A 189 -9.93 -36.38 -11.98
N ASN A 190 -10.66 -37.39 -11.50
CA ASN A 190 -12.08 -37.54 -11.84
C ASN A 190 -13.03 -37.35 -10.67
N VAL A 191 -12.54 -36.90 -9.52
CA VAL A 191 -13.43 -36.68 -8.37
C VAL A 191 -14.31 -35.46 -8.60
N PRO A 192 -15.62 -35.64 -8.79
CA PRO A 192 -16.50 -34.49 -9.05
C PRO A 192 -16.75 -33.67 -7.79
N MET A 193 -17.06 -32.40 -8.02
CA MET A 193 -17.35 -31.45 -6.94
C MET A 193 -18.00 -30.23 -7.56
N ALA A 194 -18.53 -29.36 -6.70
CA ALA A 194 -19.27 -28.18 -7.15
C ALA A 194 -18.32 -27.00 -7.33
N ALA A 195 -18.26 -26.47 -8.56
CA ALA A 195 -17.58 -25.21 -8.79
C ALA A 195 -18.36 -24.07 -8.13
N ARG A 196 -17.64 -23.10 -7.56
CA ARG A 196 -18.24 -22.04 -6.77
C ARG A 196 -17.87 -20.69 -7.34
N SER A 197 -18.89 -19.85 -7.58
CA SER A 197 -18.73 -18.49 -8.08
C SER A 197 -19.38 -17.52 -7.10
N ASN A 198 -18.57 -16.66 -6.49
CA ASN A 198 -19.04 -15.78 -5.42
C ASN A 198 -19.52 -16.58 -4.23
N LEU A 199 -18.80 -17.66 -3.93
CA LEU A 199 -19.09 -18.59 -2.84
C LEU A 199 -20.40 -19.34 -3.04
N LYS A 200 -21.09 -19.13 -4.16
CA LYS A 200 -22.28 -19.89 -4.54
C LYS A 200 -21.88 -20.98 -5.52
N GLN A 201 -22.61 -22.09 -5.49
CA GLN A 201 -22.34 -23.20 -6.39
C GLN A 201 -22.67 -22.81 -7.83
N ALA A 202 -21.91 -23.39 -8.77
CA ALA A 202 -22.04 -23.03 -10.19
C ALA A 202 -22.31 -24.26 -11.05
N VAL A 203 -21.26 -24.98 -11.43
CA VAL A 203 -21.42 -26.21 -12.19
C VAL A 203 -20.40 -27.23 -11.73
N PRO A 204 -20.61 -28.50 -12.05
CA PRO A 204 -19.70 -29.54 -11.58
C PRO A 204 -18.34 -29.46 -12.25
N ILE A 205 -17.30 -29.71 -11.46
CA ILE A 205 -15.94 -29.90 -11.94
C ILE A 205 -15.28 -30.95 -11.07
N THR A 206 -14.05 -31.31 -11.39
CA THR A 206 -13.31 -32.29 -10.60
C THR A 206 -12.26 -31.60 -9.75
N PHE A 207 -11.97 -32.21 -8.59
CA PHE A 207 -10.98 -31.63 -7.68
C PHE A 207 -9.60 -31.61 -8.30
N GLY A 208 -9.26 -32.61 -9.12
CA GLY A 208 -8.00 -32.54 -9.84
C GLY A 208 -7.94 -31.37 -10.78
N PHE A 209 -9.08 -31.01 -11.37
CA PHE A 209 -9.16 -29.82 -12.21
C PHE A 209 -8.86 -28.56 -11.40
N LYS A 210 -9.37 -28.49 -10.18
CA LYS A 210 -9.03 -27.37 -9.30
C LYS A 210 -7.53 -27.32 -9.05
N MET A 211 -6.94 -28.47 -8.71
CA MET A 211 -5.49 -28.50 -8.46
C MET A 211 -4.70 -28.13 -9.70
N ALA A 212 -5.19 -28.48 -10.89
CA ALA A 212 -4.46 -28.15 -12.11
C ALA A 212 -4.38 -26.64 -12.32
N ARG A 213 -5.45 -25.92 -11.98
CA ARG A 213 -5.44 -24.47 -12.15
C ARG A 213 -4.37 -23.84 -11.27
N PHE A 214 -4.17 -24.37 -10.07
CA PHE A 214 -3.05 -23.90 -9.23
C PHE A 214 -1.71 -24.29 -9.85
N LEU A 215 -1.59 -25.54 -10.29
CA LEU A 215 -0.33 -26.02 -10.87
C LEU A 215 0.14 -25.13 -12.01
N ALA A 216 -0.76 -24.81 -12.94
CA ALA A 216 -0.39 -23.95 -14.05
C ALA A 216 0.15 -22.60 -13.56
N THR A 217 -0.38 -22.10 -12.43
CA THR A 217 0.07 -20.82 -11.90
C THR A 217 1.47 -20.94 -11.30
N PHE A 218 1.67 -21.91 -10.39
CA PHE A 218 2.98 -22.06 -9.76
C PHE A 218 4.08 -22.28 -10.79
N ARG A 219 3.73 -22.85 -11.94
CA ARG A 219 4.72 -22.98 -13.00
C ARG A 219 5.08 -21.61 -13.58
N ARG A 220 4.07 -20.75 -13.79
CA ARG A 220 4.35 -19.39 -14.23
C ARG A 220 5.25 -18.66 -13.25
N HIS A 221 4.98 -18.80 -11.94
CA HIS A 221 5.84 -18.17 -10.93
C HIS A 221 7.27 -18.69 -11.02
N GLN A 222 7.44 -19.97 -11.39
CA GLN A 222 8.78 -20.51 -11.56
C GLN A 222 9.50 -19.82 -12.71
N GLN A 223 8.83 -19.63 -13.84
CA GLN A 223 9.43 -18.90 -14.95
C GLN A 223 9.82 -17.50 -14.53
N ARG A 224 8.96 -16.82 -13.76
CA ARG A 224 9.29 -15.48 -13.31
C ARG A 224 10.56 -15.48 -12.47
N LEU A 225 10.70 -16.45 -11.57
CA LEU A 225 11.87 -16.51 -10.71
C LEU A 225 13.15 -16.65 -11.52
N VAL A 226 13.16 -17.55 -12.50
CA VAL A 226 14.36 -17.79 -13.28
C VAL A 226 14.74 -16.54 -14.08
N GLU A 227 13.75 -15.88 -14.67
CA GLU A 227 14.03 -14.74 -15.55
C GLU A 227 14.65 -13.58 -14.78
N LEU A 228 14.21 -13.34 -13.54
CA LEU A 228 14.79 -12.23 -12.80
C LEU A 228 16.17 -12.58 -12.24
N GLU A 229 16.49 -13.86 -12.10
CA GLU A 229 17.79 -14.26 -11.56
C GLU A 229 18.93 -13.67 -12.39
N LYS A 230 18.79 -13.65 -13.72
CA LYS A 230 19.86 -13.13 -14.54
C LYS A 230 20.09 -11.63 -14.33
N ARG A 231 19.09 -10.91 -13.84
CA ARG A 231 19.27 -9.50 -13.52
C ARG A 231 19.73 -9.27 -12.09
N VAL A 232 19.22 -10.06 -11.15
CA VAL A 232 19.50 -9.80 -9.74
C VAL A 232 20.91 -10.21 -9.36
N TYR A 233 21.41 -11.33 -9.91
CA TYR A 233 22.73 -11.84 -9.53
C TYR A 233 23.84 -11.03 -10.20
N THR A 234 23.88 -9.75 -9.83
CA THR A 234 24.86 -8.80 -10.33
C THR A 234 25.71 -8.29 -9.17
N LEU A 235 26.90 -7.79 -9.49
CA LEU A 235 27.78 -7.24 -8.47
C LEU A 235 27.48 -5.75 -8.30
N GLU A 236 27.77 -5.24 -7.10
CA GLU A 236 27.62 -3.82 -6.78
C GLU A 236 28.96 -3.34 -6.24
N PHE A 237 29.80 -2.79 -7.13
CA PHE A 237 31.13 -2.30 -6.76
C PHE A 237 31.39 -1.03 -7.57
N GLY A 238 31.03 0.12 -7.01
CA GLY A 238 31.18 1.37 -7.72
C GLY A 238 31.84 2.49 -6.93
N GLY A 239 32.16 2.22 -5.67
CA GLY A 239 32.78 3.27 -4.88
C GLY A 239 31.77 4.35 -4.49
N ALA A 240 32.30 5.56 -4.28
CA ALA A 240 31.49 6.64 -3.74
C ALA A 240 30.41 7.09 -4.71
N ALA A 241 30.78 7.30 -5.98
CA ALA A 241 29.84 7.79 -6.98
C ALA A 241 29.60 6.79 -8.09
N GLY A 242 30.04 5.54 -7.94
CA GLY A 242 29.83 4.53 -8.94
C GLY A 242 30.89 4.46 -10.01
N ASN A 243 31.87 5.37 -9.99
CA ASN A 243 32.94 5.43 -10.96
C ASN A 243 34.26 4.90 -10.43
N LEU A 244 34.34 4.58 -9.14
CA LEU A 244 35.56 4.08 -8.53
C LEU A 244 36.74 5.01 -8.82
N SER A 245 36.56 6.28 -8.45
CA SER A 245 37.58 7.29 -8.72
C SER A 245 38.92 6.88 -8.13
N SER A 246 38.94 6.50 -6.85
CA SER A 246 40.19 6.23 -6.16
C SER A 246 40.93 5.04 -6.74
N LEU A 247 40.24 4.14 -7.44
CA LEU A 247 40.92 3.05 -8.14
C LEU A 247 41.43 3.48 -9.51
N GLY A 248 41.21 4.73 -9.91
CA GLY A 248 41.66 5.20 -11.20
C GLY A 248 41.18 4.33 -12.35
N ASP A 249 42.12 3.84 -13.15
CA ASP A 249 41.80 3.00 -14.30
C ASP A 249 41.67 1.52 -13.96
N GLN A 250 42.03 1.12 -12.75
CA GLN A 250 41.88 -0.27 -12.34
C GLN A 250 40.49 -0.57 -11.81
N GLY A 251 39.63 0.44 -11.69
CA GLY A 251 38.29 0.24 -11.19
C GLY A 251 37.53 -0.81 -11.98
N ILE A 252 37.37 -0.56 -13.28
CA ILE A 252 36.67 -1.52 -14.13
C ILE A 252 37.42 -2.84 -14.15
N ALA A 253 38.75 -2.80 -14.10
CA ALA A 253 39.53 -4.02 -14.01
C ALA A 253 39.22 -4.78 -12.72
N THR A 254 39.20 -4.06 -11.60
CA THR A 254 38.91 -4.69 -10.31
C THR A 254 37.46 -5.17 -10.25
N HIS A 255 36.53 -4.35 -10.72
CA HIS A 255 35.11 -4.70 -10.64
C HIS A 255 34.82 -6.00 -11.39
N ASP A 256 35.20 -6.06 -12.66
CA ASP A 256 34.93 -7.24 -13.46
C ASP A 256 35.62 -8.46 -12.89
N ALA A 257 36.84 -8.28 -12.37
CA ALA A 257 37.53 -9.37 -11.69
C ALA A 257 36.74 -9.86 -10.49
N LEU A 258 36.23 -8.92 -9.68
CA LEU A 258 35.48 -9.29 -8.48
C LEU A 258 34.21 -10.05 -8.82
N ALA A 259 33.52 -9.66 -9.90
CA ALA A 259 32.29 -10.36 -10.28
C ALA A 259 32.55 -11.84 -10.52
N LYS A 260 33.58 -12.15 -11.31
CA LYS A 260 33.92 -13.55 -11.53
C LYS A 260 34.34 -14.22 -10.22
N MET A 261 35.03 -13.48 -9.36
CA MET A 261 35.45 -14.03 -8.09
C MET A 261 34.26 -14.46 -7.24
N LEU A 262 33.15 -13.74 -7.35
CA LEU A 262 31.96 -14.00 -6.54
C LEU A 262 30.84 -14.65 -7.35
N ASP A 263 31.14 -15.14 -8.56
CA ASP A 263 30.15 -15.75 -9.42
C ASP A 263 28.93 -14.84 -9.59
N LEU A 264 29.19 -13.57 -9.87
CA LEU A 264 28.15 -12.60 -10.14
C LEU A 264 28.37 -11.96 -11.50
N ALA A 265 27.29 -11.52 -12.11
CA ALA A 265 27.51 -10.84 -13.38
C ALA A 265 28.01 -9.42 -13.12
N PRO A 266 28.95 -8.94 -13.92
CA PRO A 266 29.39 -7.55 -13.80
C PRO A 266 28.28 -6.60 -14.21
N ALA A 267 28.35 -5.39 -13.65
CA ALA A 267 27.33 -4.40 -13.88
C ALA A 267 27.71 -3.49 -15.04
N GLU A 268 26.72 -3.15 -15.88
CA GLU A 268 26.94 -2.18 -16.94
C GLU A 268 27.42 -0.87 -16.36
N ILE A 269 26.78 -0.42 -15.29
CA ILE A 269 27.08 0.83 -14.62
C ILE A 269 26.60 0.70 -13.18
N ALA A 270 27.03 1.62 -12.31
CA ALA A 270 26.65 1.54 -10.90
C ALA A 270 25.13 1.63 -10.73
N TRP A 271 24.65 1.05 -9.62
CA TRP A 271 23.23 1.08 -9.31
C TRP A 271 22.99 1.34 -7.81
N HIS A 272 23.79 2.22 -7.21
CA HIS A 272 23.66 2.48 -5.78
C HIS A 272 22.32 3.13 -5.45
N THR A 273 21.69 3.80 -6.41
CA THR A 273 20.36 4.35 -6.24
C THR A 273 19.39 3.80 -7.26
N GLU A 274 19.84 2.92 -8.15
CA GLU A 274 19.00 2.27 -9.14
C GLU A 274 18.49 0.95 -8.55
N HIS A 275 17.47 1.07 -7.72
CA HIS A 275 16.89 -0.06 -6.98
C HIS A 275 15.87 -0.86 -7.76
N ASP A 276 16.04 -0.99 -9.08
CA ASP A 276 15.09 -1.78 -9.86
C ASP A 276 15.23 -3.26 -9.56
N ARG A 277 16.46 -3.73 -9.33
CA ARG A 277 16.69 -5.15 -9.08
C ARG A 277 16.02 -5.60 -7.80
N PHE A 278 16.39 -4.98 -6.67
CA PHE A 278 15.84 -5.38 -5.38
C PHE A 278 14.32 -5.26 -5.36
N ALA A 279 13.77 -4.20 -5.98
CA ALA A 279 12.33 -4.03 -6.00
C ALA A 279 11.67 -5.15 -6.79
N GLU A 280 12.25 -5.51 -7.94
CA GLU A 280 11.74 -6.62 -8.72
C GLU A 280 11.61 -7.88 -7.88
N VAL A 281 12.60 -8.15 -7.02
CA VAL A 281 12.53 -9.29 -6.10
C VAL A 281 11.30 -9.19 -5.23
N GLY A 282 11.08 -8.02 -4.63
CA GLY A 282 9.91 -7.79 -3.81
C GLY A 282 8.61 -8.07 -4.56
N THR A 283 8.45 -7.45 -5.73
CA THR A 283 7.20 -7.65 -6.48
C THR A 283 6.99 -9.11 -6.84
N PHE A 284 8.07 -9.85 -7.14
CA PHE A 284 7.92 -11.28 -7.37
C PHE A 284 7.43 -11.97 -6.11
N LEU A 285 8.09 -11.69 -4.98
CA LEU A 285 7.60 -12.20 -3.71
C LEU A 285 6.13 -11.84 -3.51
N GLY A 286 5.70 -10.69 -4.02
CA GLY A 286 4.30 -10.31 -3.92
C GLY A 286 3.40 -11.21 -4.75
N LEU A 287 3.79 -11.46 -6.01
CA LEU A 287 3.01 -12.36 -6.85
C LEU A 287 2.99 -13.77 -6.29
N LEU A 288 4.15 -14.28 -5.87
CA LEU A 288 4.22 -15.65 -5.37
C LEU A 288 3.32 -15.82 -4.15
N THR A 289 3.48 -14.97 -3.13
CA THR A 289 2.60 -15.06 -1.97
C THR A 289 1.14 -14.82 -2.35
N GLY A 290 0.90 -14.03 -3.40
CA GLY A 290 -0.47 -13.83 -3.84
C GLY A 290 -1.17 -15.13 -4.17
N THR A 291 -0.48 -16.00 -4.92
CA THR A 291 -1.04 -17.31 -5.22
C THR A 291 -1.14 -18.17 -3.97
N LEU A 292 -0.08 -18.17 -3.15
CA LEU A 292 -0.10 -18.93 -1.90
C LEU A 292 -1.27 -18.51 -1.02
N ALA A 293 -1.68 -17.25 -1.08
CA ALA A 293 -2.79 -16.79 -0.27
C ALA A 293 -4.11 -17.34 -0.79
N LYS A 294 -4.31 -17.31 -2.11
CA LYS A 294 -5.53 -17.86 -2.68
C LYS A 294 -5.65 -19.34 -2.33
N LEU A 295 -4.54 -20.07 -2.38
CA LEU A 295 -4.57 -21.49 -2.05
C LEU A 295 -5.04 -21.70 -0.62
N ALA A 296 -4.49 -20.94 0.33
CA ALA A 296 -4.88 -21.09 1.72
C ALA A 296 -6.36 -20.76 1.90
N THR A 297 -6.85 -19.76 1.17
CA THR A 297 -8.25 -19.39 1.27
C THR A 297 -9.15 -20.51 0.73
N ASP A 298 -8.79 -21.07 -0.44
CA ASP A 298 -9.60 -22.14 -1.01
C ASP A 298 -9.63 -23.34 -0.09
N ILE A 299 -8.50 -23.67 0.54
CA ILE A 299 -8.45 -24.81 1.45
C ILE A 299 -9.35 -24.58 2.65
N LYS A 300 -9.13 -23.48 3.38
CA LYS A 300 -9.93 -23.26 4.57
C LYS A 300 -11.41 -23.05 4.24
N LEU A 301 -11.73 -22.57 3.04
CA LEU A 301 -13.12 -22.57 2.61
C LEU A 301 -13.65 -23.98 2.44
N MET A 302 -12.85 -24.85 1.81
CA MET A 302 -13.25 -26.24 1.59
C MET A 302 -13.19 -27.08 2.86
N SER A 303 -12.54 -26.60 3.91
CA SER A 303 -12.47 -27.29 5.19
C SER A 303 -13.42 -26.71 6.24
N GLN A 304 -14.34 -25.82 5.84
CA GLN A 304 -15.31 -25.31 6.79
C GLN A 304 -16.11 -26.44 7.42
N THR A 305 -16.63 -26.19 8.62
CA THR A 305 -17.43 -27.20 9.29
C THR A 305 -18.60 -27.64 8.42
N GLU A 306 -19.28 -26.68 7.78
CA GLU A 306 -20.45 -26.94 6.95
C GLU A 306 -20.10 -27.46 5.56
N VAL A 307 -18.82 -27.53 5.20
CA VAL A 307 -18.42 -27.99 3.88
C VAL A 307 -17.71 -29.33 3.99
N GLY A 308 -16.52 -29.32 4.59
CA GLY A 308 -15.82 -30.56 4.88
C GLY A 308 -15.27 -31.32 3.69
N GLU A 309 -14.99 -30.63 2.58
CA GLU A 309 -14.48 -31.32 1.41
C GLU A 309 -13.01 -31.70 1.54
N VAL A 310 -12.24 -31.00 2.38
CA VAL A 310 -10.82 -31.30 2.60
C VAL A 310 -10.52 -31.16 4.08
N GLY A 311 -9.29 -31.53 4.44
CA GLY A 311 -8.83 -31.42 5.80
C GLY A 311 -7.34 -31.14 5.88
N GLU A 312 -6.97 -30.14 6.69
CA GLU A 312 -5.57 -29.81 6.85
C GLU A 312 -4.87 -30.85 7.72
N PRO A 313 -3.56 -31.02 7.56
CA PRO A 313 -2.79 -31.88 8.46
C PRO A 313 -2.17 -31.09 9.61
N SER A 332 -3.09 -23.88 10.02
CA SER A 332 -1.79 -23.89 9.36
C SER A 332 -1.81 -23.05 8.08
N CYS A 333 -2.99 -22.97 7.45
CA CYS A 333 -3.16 -22.11 6.29
C CYS A 333 -3.41 -20.66 6.68
N VAL A 334 -4.01 -20.42 7.85
CA VAL A 334 -4.37 -19.07 8.27
C VAL A 334 -3.15 -18.17 8.38
N TYR A 335 -1.96 -18.76 8.53
CA TYR A 335 -0.76 -17.95 8.61
C TYR A 335 -0.43 -17.33 7.26
N ILE A 336 -0.68 -18.07 6.17
CA ILE A 336 -0.36 -17.55 4.84
C ILE A 336 -1.08 -16.23 4.59
N HIS A 337 -2.25 -16.04 5.21
CA HIS A 337 -2.98 -14.80 4.99
C HIS A 337 -2.17 -13.61 5.47
N ALA A 338 -1.58 -13.73 6.67
CA ALA A 338 -0.74 -12.65 7.21
C ALA A 338 0.54 -12.48 6.39
N CYS A 339 1.19 -13.60 6.02
CA CYS A 339 2.39 -13.52 5.21
C CYS A 339 2.15 -12.73 3.94
N ALA A 340 1.14 -13.13 3.16
CA ALA A 340 0.83 -12.43 1.92
C ALA A 340 0.50 -10.97 2.17
N ALA A 341 -0.27 -10.69 3.23
CA ALA A 341 -0.71 -9.34 3.51
C ALA A 341 0.48 -8.44 3.85
N ASN A 342 1.44 -8.97 4.60
CA ASN A 342 2.64 -8.21 4.90
C ASN A 342 3.53 -8.07 3.68
N VAL A 343 3.66 -9.14 2.90
CA VAL A 343 4.56 -9.10 1.75
C VAL A 343 4.03 -8.15 0.69
N ARG A 344 2.71 -8.13 0.48
CA ARG A 344 2.18 -7.25 -0.55
C ARG A 344 2.38 -5.79 -0.18
N GLN A 345 2.12 -5.43 1.07
CA GLN A 345 2.37 -4.05 1.51
C GLN A 345 3.86 -3.75 1.54
N GLY A 346 4.68 -4.74 1.94
CA GLY A 346 6.12 -4.56 1.89
C GLY A 346 6.61 -4.23 0.50
N ALA A 347 6.10 -4.93 -0.51
CA ALA A 347 6.51 -4.65 -1.88
C ALA A 347 6.28 -3.19 -2.26
N ALA A 348 5.14 -2.62 -1.86
CA ALA A 348 4.87 -1.23 -2.15
C ALA A 348 5.95 -0.33 -1.55
N ALA A 349 6.41 -0.64 -0.34
CA ALA A 349 7.50 0.11 0.25
C ALA A 349 8.73 0.09 -0.64
N LEU A 350 9.06 -1.09 -1.19
CA LEU A 350 10.22 -1.18 -2.09
C LEU A 350 9.99 -0.42 -3.38
N LEU A 351 8.76 -0.43 -3.89
CA LEU A 351 8.46 0.40 -5.05
C LEU A 351 8.64 1.88 -4.71
N ASP A 352 8.30 2.26 -3.48
CA ASP A 352 8.55 3.64 -3.04
C ASP A 352 10.05 3.91 -2.96
N ALA A 353 10.81 2.95 -2.45
CA ALA A 353 12.26 3.11 -2.33
C ALA A 353 12.93 3.35 -3.68
N MET A 354 12.26 3.05 -4.79
CA MET A 354 12.86 3.29 -6.10
C MET A 354 13.04 4.78 -6.38
N GLN A 355 12.27 5.64 -5.71
CA GLN A 355 12.38 7.08 -5.90
C GLN A 355 13.57 7.63 -5.10
N SER A 356 14.76 7.12 -5.44
CA SER A 356 15.97 7.60 -4.79
C SER A 356 16.45 8.88 -5.47
N ASP A 357 17.42 9.53 -4.85
CA ASP A 357 17.90 10.83 -5.31
C ASP A 357 19.38 10.75 -5.66
N HIS A 358 19.74 11.28 -6.82
CA HIS A 358 21.12 11.46 -7.23
C HIS A 358 21.92 10.18 -7.16
N GLU A 359 23.13 10.24 -6.61
CA GLU A 359 24.07 9.13 -6.72
C GLU A 359 24.05 8.21 -5.51
N ALA A 360 23.56 8.67 -4.37
CA ALA A 360 23.49 7.84 -3.19
C ALA A 360 22.48 8.44 -2.23
N GLY A 361 21.74 7.57 -1.54
CA GLY A 361 20.74 8.06 -0.62
C GLY A 361 20.38 7.13 0.52
N THR A 362 20.68 7.54 1.74
CA THR A 362 20.23 6.81 2.91
C THR A 362 18.74 7.03 3.05
N GLY A 363 18.06 6.04 3.63
CA GLY A 363 16.62 6.10 3.76
C GLY A 363 15.95 5.25 2.70
N PRO A 364 15.93 5.72 1.46
CA PRO A 364 15.50 4.82 0.37
C PRO A 364 16.24 3.51 0.44
N TRP A 365 17.56 3.58 0.66
CA TRP A 365 18.33 2.37 0.93
C TRP A 365 17.84 1.68 2.20
N GLU A 366 17.59 2.47 3.25
CA GLU A 366 17.15 1.91 4.54
C GLU A 366 15.88 1.11 4.39
N ILE A 367 14.92 1.61 3.59
CA ILE A 367 13.67 0.90 3.36
C ILE A 367 13.93 -0.52 2.88
N ILE A 368 14.79 -0.66 1.88
CA ILE A 368 15.14 -1.98 1.36
C ILE A 368 15.86 -2.80 2.41
N TRP A 369 16.78 -2.18 3.15
CA TRP A 369 17.53 -2.90 4.18
C TRP A 369 16.59 -3.56 5.19
N VAL A 370 15.42 -2.99 5.40
CA VAL A 370 14.47 -3.47 6.38
C VAL A 370 13.46 -4.44 5.77
N GLN A 371 12.89 -4.07 4.62
CA GLN A 371 11.78 -4.82 4.07
C GLN A 371 12.23 -6.15 3.48
N LEU A 372 13.32 -6.14 2.72
CA LEU A 372 13.76 -7.31 1.96
C LEU A 372 13.87 -8.57 2.82
N PRO A 373 14.63 -8.54 3.91
CA PRO A 373 14.69 -9.75 4.77
C PRO A 373 13.35 -10.12 5.37
N LEU A 374 12.54 -9.14 5.76
CA LEU A 374 11.21 -9.44 6.30
C LEU A 374 10.35 -10.16 5.27
N MET A 375 10.30 -9.64 4.04
CA MET A 375 9.49 -10.27 3.00
C MET A 375 10.01 -11.66 2.68
N MET A 376 11.34 -11.84 2.70
CA MET A 376 11.92 -13.14 2.45
C MET A 376 11.51 -14.16 3.51
N ASN A 377 11.44 -13.73 4.77
CA ASN A 377 11.08 -14.65 5.82
C ASN A 377 9.58 -14.92 5.86
N TRP A 378 8.75 -13.93 5.49
CA TRP A 378 7.32 -14.19 5.36
C TRP A 378 7.04 -15.17 4.23
N THR A 379 7.69 -14.97 3.08
CA THR A 379 7.44 -15.85 1.94
C THR A 379 7.87 -17.27 2.23
N SER A 380 8.98 -17.44 2.96
CA SER A 380 9.42 -18.79 3.31
C SER A 380 8.44 -19.43 4.28
N ALA A 381 7.93 -18.66 5.24
CA ALA A 381 6.87 -19.15 6.11
C ALA A 381 5.66 -19.62 5.31
N ALA A 382 5.23 -18.82 4.34
CA ALA A 382 4.09 -19.20 3.51
C ALA A 382 4.41 -20.45 2.70
N LEU A 383 5.53 -20.43 1.97
CA LEU A 383 5.91 -21.59 1.18
C LEU A 383 6.07 -22.83 2.05
N ASN A 384 6.63 -22.66 3.24
CA ASN A 384 6.82 -23.78 4.14
C ASN A 384 5.48 -24.40 4.52
N ASN A 385 4.57 -23.59 5.03
CA ASN A 385 3.23 -24.08 5.37
C ASN A 385 2.56 -24.72 4.17
N ALA A 386 2.55 -24.02 3.04
CA ALA A 386 1.89 -24.53 1.84
C ALA A 386 2.47 -25.87 1.40
N ASP A 387 3.80 -25.97 1.33
CA ASP A 387 4.42 -27.22 0.92
C ASP A 387 3.94 -28.38 1.79
N PHE A 388 3.90 -28.17 3.10
CA PHE A 388 3.54 -29.22 4.04
C PHE A 388 2.07 -29.62 3.89
N VAL A 389 1.17 -28.62 3.88
CA VAL A 389 -0.26 -28.93 3.85
C VAL A 389 -0.63 -29.70 2.58
N LEU A 390 0.02 -29.39 1.45
CA LEU A 390 -0.28 -30.13 0.23
C LEU A 390 0.19 -31.57 0.34
N ARG A 391 1.39 -31.77 0.89
CA ARG A 391 1.90 -33.13 1.05
C ARG A 391 1.03 -33.96 1.99
N GLY A 392 0.38 -33.30 2.96
CA GLY A 392 -0.48 -34.01 3.90
C GLY A 392 -1.97 -33.71 3.76
N LEU A 393 -2.39 -33.24 2.59
CA LEU A 393 -3.77 -32.80 2.40
C LEU A 393 -4.74 -33.98 2.39
N GLN A 394 -5.84 -33.85 3.14
CA GLN A 394 -6.91 -34.84 3.17
C GLN A 394 -8.00 -34.47 2.17
N VAL A 395 -8.36 -35.41 1.31
CA VAL A 395 -9.42 -35.21 0.32
C VAL A 395 -10.56 -36.17 0.62
N PHE A 396 -11.77 -35.63 0.76
CA PHE A 396 -12.96 -36.41 1.12
C PHE A 396 -13.96 -36.40 -0.03
N PRO A 397 -13.87 -37.33 -0.98
CA PRO A 397 -14.79 -37.31 -2.13
C PRO A 397 -16.25 -37.45 -1.73
N ASP A 398 -16.55 -38.16 -0.63
CA ASP A 398 -17.95 -38.32 -0.23
C ASP A 398 -18.56 -36.98 0.15
N ALA A 399 -17.82 -36.15 0.88
CA ALA A 399 -18.32 -34.81 1.21
C ALA A 399 -18.56 -33.98 -0.04
N MET A 400 -17.67 -34.08 -1.02
CA MET A 400 -17.83 -33.34 -2.26
C MET A 400 -19.11 -33.75 -2.99
N GLN A 401 -19.40 -35.06 -3.02
CA GLN A 401 -20.66 -35.52 -3.62
C GLN A 401 -21.86 -34.96 -2.88
N HIS A 402 -21.82 -34.97 -1.55
CA HIS A 402 -22.97 -34.49 -0.78
C HIS A 402 -23.28 -33.04 -1.11
N ASN A 403 -22.25 -32.20 -1.14
CA ASN A 403 -22.46 -30.79 -1.47
C ASN A 403 -23.04 -30.63 -2.88
N LEU A 404 -22.63 -31.49 -3.81
CA LEU A 404 -23.12 -31.40 -5.17
C LEU A 404 -24.63 -31.63 -5.24
N ASP A 405 -25.16 -32.46 -4.35
CA ASP A 405 -26.58 -32.81 -4.34
C ASP A 405 -27.44 -31.81 -3.59
N LEU A 406 -26.83 -30.81 -2.95
CA LEU A 406 -27.62 -29.84 -2.21
C LEU A 406 -28.65 -29.16 -3.12
N SER A 407 -28.27 -28.89 -4.37
CA SER A 407 -29.14 -28.25 -5.34
C SER A 407 -30.24 -29.17 -5.84
N LYS A 408 -30.21 -30.46 -5.51
CA LYS A 408 -31.22 -31.43 -5.93
C LYS A 408 -31.30 -31.54 -7.45
N GLY A 409 -30.15 -31.43 -8.12
CA GLY A 409 -30.07 -31.56 -9.56
C GLY A 409 -30.08 -30.25 -10.32
N LEU A 410 -30.55 -29.16 -9.70
CA LEU A 410 -30.60 -27.87 -10.37
C LEU A 410 -29.24 -27.49 -10.96
N ILE A 411 -28.15 -27.90 -10.32
CA ILE A 411 -26.82 -27.48 -10.75
C ILE A 411 -26.53 -27.94 -12.18
N VAL A 412 -27.16 -29.03 -12.62
CA VAL A 412 -26.93 -29.54 -13.96
C VAL A 412 -28.13 -29.26 -14.86
N SER A 413 -28.84 -28.17 -14.59
CA SER A 413 -29.99 -27.81 -15.44
C SER A 413 -29.56 -27.59 -16.88
N GLU A 414 -28.37 -27.02 -17.08
CA GLU A 414 -27.86 -26.83 -18.43
C GLU A 414 -27.74 -28.16 -19.16
N ALA A 415 -27.33 -29.21 -18.45
CA ALA A 415 -27.23 -30.53 -19.04
C ALA A 415 -28.60 -31.07 -19.43
N VAL A 416 -29.58 -30.95 -18.52
CA VAL A 416 -30.92 -31.41 -18.82
C VAL A 416 -31.49 -30.72 -20.05
N MET A 417 -31.22 -29.41 -20.18
CA MET A 417 -31.73 -28.68 -21.33
C MET A 417 -31.21 -29.26 -22.64
N MET A 418 -29.89 -29.40 -22.77
CA MET A 418 -29.32 -29.85 -24.02
C MET A 418 -29.67 -31.31 -24.31
N GLY A 419 -29.74 -32.14 -23.28
CA GLY A 419 -30.13 -33.53 -23.48
C GLY A 419 -31.52 -33.66 -24.06
N LEU A 420 -32.50 -33.09 -23.35
CA LEU A 420 -33.90 -33.17 -23.73
C LEU A 420 -34.23 -32.43 -25.02
N GLY A 421 -33.37 -31.54 -25.50
CA GLY A 421 -33.69 -30.75 -26.67
C GLY A 421 -33.99 -31.55 -27.92
N ASN A 422 -33.47 -32.78 -28.02
CA ASN A 422 -33.75 -33.61 -29.19
C ASN A 422 -35.12 -34.26 -29.10
N THR A 423 -35.44 -34.91 -27.98
CA THR A 423 -36.73 -35.56 -27.83
C THR A 423 -37.85 -34.53 -27.87
N LEU A 424 -37.75 -33.49 -27.05
CA LEU A 424 -38.72 -32.41 -27.07
C LEU A 424 -38.25 -31.37 -28.09
N GLY A 425 -38.86 -30.19 -28.07
CA GLY A 425 -38.39 -29.11 -28.91
C GLY A 425 -37.24 -28.39 -28.23
N ARG A 426 -36.28 -27.94 -29.04
CA ARG A 426 -35.13 -27.24 -28.48
C ARG A 426 -35.60 -26.03 -27.67
N GLN A 427 -36.39 -25.15 -28.29
CA GLN A 427 -36.88 -23.98 -27.58
C GLN A 427 -37.74 -24.40 -26.38
N TYR A 428 -38.64 -25.36 -26.59
CA TYR A 428 -39.46 -25.84 -25.48
C TYR A 428 -38.61 -26.48 -24.40
N ALA A 429 -37.57 -27.23 -24.79
CA ALA A 429 -36.68 -27.83 -23.81
C ALA A 429 -36.16 -26.76 -22.86
N HIS A 430 -35.62 -25.68 -23.41
CA HIS A 430 -35.11 -24.60 -22.57
C HIS A 430 -36.24 -23.97 -21.75
N ASP A 431 -37.35 -23.65 -22.40
CA ASP A 431 -38.46 -22.99 -21.71
C ASP A 431 -39.11 -23.87 -20.66
N ALA A 432 -39.03 -25.19 -20.80
CA ALA A 432 -39.70 -26.06 -19.85
C ALA A 432 -38.84 -26.38 -18.63
N VAL A 433 -37.59 -26.78 -18.86
CA VAL A 433 -36.68 -27.05 -17.73
C VAL A 433 -36.48 -25.79 -16.92
N TYR A 434 -36.33 -24.65 -17.59
CA TYR A 434 -36.17 -23.39 -16.88
C TYR A 434 -37.33 -23.15 -15.91
N GLU A 435 -38.56 -23.38 -16.38
CA GLU A 435 -39.72 -23.20 -15.51
C GLU A 435 -39.78 -24.27 -14.43
N CYS A 436 -39.42 -25.52 -14.78
CA CYS A 436 -39.39 -26.57 -13.78
C CYS A 436 -38.33 -26.31 -12.71
N CYS A 437 -37.24 -25.63 -13.06
CA CYS A 437 -36.21 -25.32 -12.06
C CYS A 437 -36.73 -24.32 -11.04
N ARG A 438 -37.35 -23.23 -11.52
CA ARG A 438 -37.94 -22.27 -10.60
C ARG A 438 -38.91 -22.95 -9.64
N THR A 439 -39.74 -23.86 -10.16
CA THR A 439 -40.65 -24.60 -9.30
C THR A 439 -39.90 -25.44 -8.28
N ALA A 440 -38.96 -26.27 -8.74
CA ALA A 440 -38.21 -27.12 -7.83
C ALA A 440 -37.41 -26.31 -6.81
N PHE A 441 -37.01 -25.09 -7.17
CA PHE A 441 -36.25 -24.27 -6.23
C PHE A 441 -37.16 -23.65 -5.18
N VAL A 442 -38.22 -22.97 -5.60
CA VAL A 442 -39.16 -22.38 -4.65
C VAL A 442 -39.84 -23.47 -3.81
N GLN A 443 -39.96 -24.68 -4.34
CA GLN A 443 -40.57 -25.78 -3.62
C GLN A 443 -39.54 -26.64 -2.90
N ASP A 444 -38.26 -26.34 -3.02
CA ASP A 444 -37.18 -27.12 -2.41
C ASP A 444 -37.40 -28.62 -2.60
N ARG A 445 -37.67 -29.00 -3.84
CA ARG A 445 -37.88 -30.38 -4.24
C ARG A 445 -36.92 -30.75 -5.36
N PRO A 446 -36.61 -32.03 -5.53
CA PRO A 446 -35.71 -32.44 -6.62
C PRO A 446 -36.22 -31.97 -7.97
N LEU A 447 -35.29 -31.59 -8.84
CA LEU A 447 -35.68 -31.18 -10.19
C LEU A 447 -36.32 -32.33 -10.95
N LEU A 448 -35.79 -33.54 -10.80
CA LEU A 448 -36.37 -34.68 -11.50
C LEU A 448 -37.85 -34.85 -11.15
N ASP A 449 -38.20 -34.57 -9.89
CA ASP A 449 -39.60 -34.73 -9.48
C ASP A 449 -40.49 -33.73 -10.20
N VAL A 450 -40.01 -32.49 -10.40
CA VAL A 450 -40.81 -31.50 -11.10
C VAL A 450 -40.81 -31.76 -12.61
N LEU A 451 -39.73 -32.32 -13.15
CA LEU A 451 -39.71 -32.64 -14.58
C LEU A 451 -40.73 -33.72 -14.92
N LEU A 452 -40.88 -34.73 -14.05
CA LEU A 452 -41.83 -35.80 -14.32
C LEU A 452 -43.27 -35.39 -14.08
N GLU A 453 -43.49 -34.30 -13.32
CA GLU A 453 -44.83 -33.76 -13.16
C GLU A 453 -45.27 -32.92 -14.36
N ASN A 454 -44.35 -32.64 -15.28
CA ASN A 454 -44.71 -32.16 -16.61
C ASN A 454 -45.09 -33.36 -17.47
N HIS A 455 -46.28 -33.33 -18.05
CA HIS A 455 -46.81 -34.53 -18.68
C HIS A 455 -46.05 -34.89 -19.96
N GLU A 456 -45.76 -33.90 -20.81
CA GLU A 456 -45.01 -34.20 -22.03
C GLU A 456 -43.67 -34.85 -21.70
N ILE A 457 -43.00 -34.37 -20.65
CA ILE A 457 -41.72 -34.94 -20.26
C ILE A 457 -41.89 -36.41 -19.88
N ALA A 458 -42.81 -36.68 -18.96
CA ALA A 458 -43.04 -38.04 -18.50
C ALA A 458 -43.45 -38.98 -19.63
N SER A 459 -43.98 -38.44 -20.73
CA SER A 459 -44.49 -39.27 -21.81
C SER A 459 -43.47 -39.55 -22.92
N LYS A 460 -42.60 -38.60 -23.25
CA LYS A 460 -41.69 -38.79 -24.37
C LYS A 460 -40.33 -39.34 -23.97
N LEU A 461 -40.07 -39.49 -22.67
CA LEU A 461 -38.81 -40.07 -22.19
C LEU A 461 -39.03 -40.56 -20.77
N ASP A 462 -38.41 -41.68 -20.42
CA ASP A 462 -38.67 -42.33 -19.15
C ASP A 462 -37.62 -41.98 -18.10
N ARG A 463 -37.92 -42.36 -16.86
CA ARG A 463 -37.15 -41.94 -15.70
C ARG A 463 -35.71 -42.41 -15.76
N THR A 464 -35.45 -43.59 -16.33
CA THR A 464 -34.11 -44.15 -16.26
C THR A 464 -33.07 -43.20 -16.85
N GLU A 465 -33.40 -42.54 -17.97
CA GLU A 465 -32.48 -41.59 -18.57
C GLU A 465 -32.71 -40.16 -18.11
N LEU A 466 -33.94 -39.81 -17.69
CA LEU A 466 -34.13 -38.50 -17.06
C LEU A 466 -33.31 -38.40 -15.77
N GLU A 467 -33.22 -39.49 -15.02
CA GLU A 467 -32.31 -39.52 -13.88
C GLU A 467 -30.87 -39.34 -14.34
N LYS A 468 -30.52 -39.93 -15.48
CA LYS A 468 -29.14 -39.87 -15.96
C LYS A 468 -28.74 -38.44 -16.33
N LEU A 469 -29.68 -37.62 -16.79
CA LEU A 469 -29.38 -36.22 -17.08
C LEU A 469 -29.20 -35.41 -15.80
N CYS A 470 -29.99 -35.71 -14.77
CA CYS A 470 -29.95 -34.97 -13.52
C CYS A 470 -28.76 -35.33 -12.65
N ASP A 471 -27.91 -36.26 -13.08
CA ASP A 471 -26.75 -36.63 -12.29
C ASP A 471 -25.64 -35.60 -12.44
N PRO A 472 -25.24 -34.92 -11.37
CA PRO A 472 -24.15 -33.94 -11.49
C PRO A 472 -22.86 -34.55 -11.97
N ALA A 473 -22.60 -35.81 -11.63
CA ALA A 473 -21.34 -36.47 -11.98
C ALA A 473 -21.18 -36.67 -13.48
N ASN A 474 -22.24 -36.53 -14.26
CA ASN A 474 -22.17 -36.74 -15.70
C ASN A 474 -21.86 -35.47 -16.48
N TYR A 475 -21.96 -34.30 -15.86
CA TYR A 475 -21.74 -33.03 -16.56
C TYR A 475 -20.42 -32.37 -16.18
N LEU A 476 -19.34 -33.14 -16.14
CA LEU A 476 -18.03 -32.61 -15.74
C LEU A 476 -17.26 -31.90 -16.86
N GLY A 477 -17.59 -32.14 -18.13
CA GLY A 477 -16.88 -31.45 -19.17
C GLY A 477 -15.52 -32.05 -19.44
N GLN A 478 -14.70 -31.30 -20.18
CA GLN A 478 -13.37 -31.79 -20.53
C GLN A 478 -12.34 -31.48 -19.45
N CYS A 479 -12.61 -31.86 -18.20
CA CYS A 479 -11.66 -31.54 -17.15
C CYS A 479 -10.42 -32.41 -17.25
N SER A 480 -10.61 -33.73 -17.30
CA SER A 480 -9.48 -34.65 -17.41
C SER A 480 -8.55 -34.28 -18.54
N GLN A 481 -9.09 -33.81 -19.68
CA GLN A 481 -8.22 -33.40 -20.77
C GLN A 481 -7.48 -32.11 -20.44
N TRP A 482 -8.19 -31.12 -19.89
CA TRP A 482 -7.53 -29.90 -19.43
C TRP A 482 -6.44 -30.24 -18.42
N ILE A 483 -6.75 -31.13 -17.47
CA ILE A 483 -5.74 -31.56 -16.50
C ILE A 483 -4.53 -32.11 -17.24
N ASP A 484 -4.76 -32.87 -18.32
CA ASP A 484 -3.65 -33.40 -19.09
C ASP A 484 -2.83 -32.27 -19.69
N ARG A 485 -3.50 -31.21 -20.13
CA ARG A 485 -2.80 -30.07 -20.71
C ARG A 485 -1.83 -29.46 -19.70
N VAL A 486 -2.25 -29.33 -18.44
CA VAL A 486 -1.38 -28.73 -17.43
C VAL A 486 -0.22 -29.65 -17.10
N LEU A 487 -0.42 -30.97 -17.15
CA LEU A 487 0.65 -31.92 -16.87
C LEU A 487 1.52 -32.17 -18.10
N SER A 488 1.17 -31.59 -19.24
CA SER A 488 1.90 -31.77 -20.48
C SER A 488 2.20 -33.25 -20.72
N GLY B 59 -19.49 5.47 -8.24
CA GLY B 59 -20.17 6.18 -7.17
C GLY B 59 -21.69 6.22 -7.31
N THR B 60 -22.34 6.92 -6.39
CA THR B 60 -23.79 7.03 -6.44
C THR B 60 -24.20 8.38 -7.02
N PRO B 61 -25.33 8.46 -7.71
CA PRO B 61 -25.77 9.75 -8.26
C PRO B 61 -25.68 10.89 -7.26
N GLN B 62 -25.88 10.62 -5.96
CA GLN B 62 -25.75 11.66 -4.96
C GLN B 62 -24.29 12.11 -4.81
N MET B 63 -23.38 11.14 -4.66
CA MET B 63 -21.97 11.45 -4.48
C MET B 63 -21.26 11.72 -5.81
N ARG B 64 -21.71 11.11 -6.90
CA ARG B 64 -21.04 11.32 -8.19
C ARG B 64 -21.26 12.73 -8.73
N GLU B 65 -22.25 13.45 -8.20
CA GLU B 65 -22.43 14.84 -8.59
C GLU B 65 -21.72 15.81 -7.67
N ILE B 66 -21.52 15.44 -6.40
CA ILE B 66 -20.77 16.29 -5.48
C ILE B 66 -19.39 16.60 -6.06
N TRP B 67 -18.75 15.60 -6.67
CA TRP B 67 -17.43 15.78 -7.23
C TRP B 67 -17.44 15.97 -8.74
N SER B 68 -18.62 16.22 -9.32
CA SER B 68 -18.69 16.56 -10.73
C SER B 68 -18.18 17.97 -10.97
N ASP B 69 -17.73 18.21 -12.21
CA ASP B 69 -17.26 19.55 -12.58
C ASP B 69 -18.32 20.60 -12.31
N GLN B 70 -19.56 20.34 -12.75
CA GLN B 70 -20.63 21.31 -12.56
C GLN B 70 -20.71 21.79 -11.12
N ASN B 71 -20.66 20.86 -10.16
CA ASN B 71 -20.66 21.24 -8.76
C ASN B 71 -19.33 21.86 -8.33
N ARG B 72 -18.21 21.35 -8.87
CA ARG B 72 -16.91 21.85 -8.46
C ARG B 72 -16.74 23.32 -8.81
N VAL B 73 -16.90 23.66 -10.09
CA VAL B 73 -16.78 25.05 -10.50
C VAL B 73 -17.85 25.91 -9.86
N ALA B 74 -18.92 25.29 -9.35
CA ALA B 74 -19.88 26.04 -8.55
C ALA B 74 -19.26 26.52 -7.25
N CYS B 75 -18.46 25.66 -6.60
CA CYS B 75 -17.72 26.10 -5.43
C CYS B 75 -16.74 27.21 -5.79
N TYR B 76 -16.07 27.07 -6.95
CA TYR B 76 -15.22 28.14 -7.45
C TYR B 76 -15.96 29.48 -7.47
N LEU B 77 -17.10 29.50 -8.16
CA LEU B 77 -17.85 30.75 -8.27
C LEU B 77 -18.35 31.21 -6.91
N GLU B 78 -18.66 30.27 -6.01
CA GLU B 78 -19.11 30.63 -4.67
C GLU B 78 -17.97 31.21 -3.84
N ILE B 79 -16.74 30.74 -4.05
CA ILE B 79 -15.60 31.29 -3.32
C ILE B 79 -15.23 32.68 -3.85
N GLU B 80 -15.17 32.82 -5.17
CA GLU B 80 -14.79 34.11 -5.76
C GLU B 80 -15.78 35.21 -5.36
N ALA B 81 -17.08 34.89 -5.38
CA ALA B 81 -18.08 35.87 -4.95
C ALA B 81 -17.85 36.31 -3.51
N ALA B 82 -17.71 35.34 -2.60
CA ALA B 82 -17.47 35.67 -1.20
C ALA B 82 -16.19 36.50 -1.04
N LEU B 83 -15.15 36.19 -1.81
CA LEU B 83 -13.93 36.98 -1.74
C LEU B 83 -14.17 38.42 -2.18
N ALA B 84 -14.95 38.60 -3.26
CA ALA B 84 -15.25 39.94 -3.74
C ALA B 84 -16.03 40.73 -2.71
N ILE B 85 -17.03 40.11 -2.09
CA ILE B 85 -17.76 40.74 -1.00
C ILE B 85 -16.81 41.10 0.14
N VAL B 86 -16.02 40.12 0.60
CA VAL B 86 -15.14 40.35 1.75
C VAL B 86 -14.20 41.52 1.47
N GLN B 87 -13.59 41.54 0.28
CA GLN B 87 -12.59 42.57 0.00
C GLN B 87 -13.21 43.92 -0.30
N ALA B 88 -14.44 43.96 -0.81
CA ALA B 88 -15.16 45.23 -0.89
C ALA B 88 -15.41 45.82 0.49
N ASP B 89 -15.99 45.01 1.40
CA ASP B 89 -16.25 45.50 2.75
C ASP B 89 -14.98 45.97 3.45
N LEU B 90 -13.84 45.35 3.14
CA LEU B 90 -12.57 45.78 3.71
C LEU B 90 -11.95 46.96 2.93
N GLY B 91 -12.64 47.45 1.91
CA GLY B 91 -12.14 48.56 1.13
C GLY B 91 -11.01 48.22 0.19
N ILE B 92 -10.83 46.94 -0.15
CA ILE B 92 -9.75 46.57 -1.06
C ILE B 92 -10.17 46.79 -2.52
N ILE B 93 -11.44 46.55 -2.83
CA ILE B 93 -11.92 46.72 -4.20
C ILE B 93 -13.21 47.52 -4.16
N PRO B 94 -13.62 48.08 -5.31
CA PRO B 94 -14.83 48.91 -5.33
C PRO B 94 -16.09 48.10 -5.07
N LYS B 95 -17.01 48.69 -4.30
CA LYS B 95 -18.25 47.99 -3.99
C LYS B 95 -19.04 47.65 -5.26
N ASN B 96 -19.06 48.56 -6.23
CA ASN B 96 -19.83 48.31 -7.45
C ASN B 96 -19.18 47.22 -8.29
N ALA B 97 -17.85 47.16 -8.31
CA ALA B 97 -17.18 46.05 -8.99
C ALA B 97 -17.54 44.71 -8.35
N ALA B 98 -17.51 44.67 -7.01
CA ALA B 98 -17.93 43.47 -6.30
C ALA B 98 -19.38 43.12 -6.64
N HIS B 99 -20.26 44.12 -6.65
CA HIS B 99 -21.67 43.87 -6.95
C HIS B 99 -21.84 43.19 -8.29
N GLU B 100 -20.96 43.46 -9.26
CA GLU B 100 -21.05 42.83 -10.57
C GLU B 100 -20.34 41.48 -10.61
N ILE B 101 -19.20 41.36 -9.92
CA ILE B 101 -18.52 40.07 -9.85
C ILE B 101 -19.46 39.00 -9.32
N VAL B 102 -20.13 39.29 -8.21
CA VAL B 102 -21.04 38.31 -7.61
C VAL B 102 -22.19 37.98 -8.55
N GLU B 103 -22.70 38.97 -9.28
CA GLU B 103 -23.85 38.74 -10.14
C GLU B 103 -23.57 37.70 -11.21
N HIS B 104 -22.33 37.63 -11.69
CA HIS B 104 -21.97 36.69 -12.76
C HIS B 104 -21.30 35.42 -12.22
N CYS B 105 -21.42 35.16 -10.91
CA CYS B 105 -20.93 33.92 -10.33
C CYS B 105 -22.04 32.87 -10.29
N ARG B 106 -22.58 32.57 -11.47
CA ARG B 106 -23.62 31.56 -11.64
C ARG B 106 -23.16 30.57 -12.70
N VAL B 107 -23.11 29.30 -12.33
CA VAL B 107 -22.59 28.26 -13.23
C VAL B 107 -23.37 28.19 -14.52
N GLN B 108 -24.65 28.57 -14.49
CA GLN B 108 -25.46 28.56 -15.71
C GLN B 108 -24.86 29.41 -16.81
N GLU B 109 -23.94 30.33 -16.47
CA GLU B 109 -23.39 31.29 -17.42
C GLU B 109 -21.97 30.95 -17.89
N ILE B 110 -21.52 29.71 -17.69
CA ILE B 110 -20.15 29.33 -18.03
C ILE B 110 -20.16 28.39 -19.24
N ASP B 111 -19.43 28.80 -20.28
CA ASP B 111 -19.20 27.96 -21.47
C ASP B 111 -18.05 26.99 -21.24
N TRP B 112 -18.32 25.70 -21.40
CA TRP B 112 -17.33 24.64 -21.16
C TRP B 112 -16.37 24.56 -22.33
N ALA B 113 -15.35 25.41 -22.31
CA ALA B 113 -14.29 25.39 -23.31
C ALA B 113 -13.30 24.26 -23.01
N LEU B 114 -12.85 23.58 -24.08
CA LEU B 114 -11.89 22.49 -23.95
C LEU B 114 -10.45 22.99 -24.06
N ILE B 123 -5.95 23.74 -19.30
CA ILE B 123 -4.86 23.20 -18.51
C ILE B 123 -4.82 23.83 -17.12
N TYR B 124 -5.39 25.02 -16.97
CA TYR B 124 -5.60 25.58 -15.66
C TYR B 124 -7.03 25.34 -15.21
N PRO B 125 -7.19 24.72 -14.03
CA PRO B 125 -8.54 24.38 -13.57
C PRO B 125 -9.33 25.59 -13.09
N VAL B 126 -8.69 26.53 -12.43
CA VAL B 126 -9.36 27.67 -11.81
C VAL B 126 -9.26 28.92 -12.68
N LEU B 127 -8.04 29.26 -13.13
CA LEU B 127 -7.89 30.47 -13.93
C LEU B 127 -8.72 30.41 -15.20
N GLY B 128 -9.05 29.21 -15.67
CA GLY B 128 -9.95 29.10 -16.81
C GLY B 128 -11.34 29.61 -16.52
N ILE B 129 -11.78 29.52 -15.27
CA ILE B 129 -13.10 30.04 -14.90
C ILE B 129 -13.05 31.53 -14.67
N VAL B 130 -12.04 32.01 -13.92
CA VAL B 130 -11.96 33.43 -13.63
C VAL B 130 -11.77 34.26 -14.89
N GLN B 131 -11.23 33.67 -15.96
CA GLN B 131 -11.16 34.38 -17.24
C GLN B 131 -12.53 34.51 -17.88
N GLN B 132 -13.33 33.44 -17.86
CA GLN B 132 -14.70 33.53 -18.35
C GLN B 132 -15.55 34.43 -17.47
N LEU B 133 -15.15 34.63 -16.21
CA LEU B 133 -15.83 35.55 -15.30
C LEU B 133 -15.35 36.99 -15.47
N VAL B 134 -14.03 37.17 -15.65
CA VAL B 134 -13.50 38.52 -15.86
C VAL B 134 -14.02 39.08 -17.18
N ALA B 135 -13.97 38.28 -18.25
CA ALA B 135 -14.46 38.71 -19.54
C ALA B 135 -15.98 38.74 -19.62
N ASN B 136 -16.68 38.28 -18.58
CA ASN B 136 -18.14 38.32 -18.56
C ASN B 136 -18.68 39.47 -17.73
N CYS B 137 -17.83 40.20 -17.02
CA CYS B 137 -18.25 41.34 -16.22
C CYS B 137 -18.16 42.63 -17.03
N LYS B 138 -19.18 43.48 -16.87
CA LYS B 138 -19.25 44.72 -17.63
C LYS B 138 -18.19 45.71 -17.15
N ASP B 139 -17.77 46.59 -18.07
CA ASP B 139 -16.86 47.68 -17.75
C ASP B 139 -15.51 47.18 -17.25
N GLY B 140 -15.17 45.92 -17.55
CA GLY B 140 -13.98 45.35 -16.95
C GLY B 140 -14.01 45.34 -15.45
N LEU B 141 -15.22 45.33 -14.86
CA LEU B 141 -15.33 45.25 -13.41
C LEU B 141 -14.89 43.89 -12.88
N GLY B 142 -14.91 42.86 -13.72
CA GLY B 142 -14.44 41.56 -13.32
C GLY B 142 -12.95 41.48 -13.11
N GLU B 143 -12.22 42.56 -13.38
CA GLU B 143 -10.79 42.58 -13.16
C GLU B 143 -10.42 42.61 -11.68
N TYR B 144 -11.40 42.74 -10.78
CA TYR B 144 -11.14 42.93 -9.36
C TYR B 144 -11.29 41.65 -8.54
N CYS B 145 -11.77 40.56 -9.14
CA CYS B 145 -11.92 39.30 -8.44
C CYS B 145 -10.59 38.55 -8.39
N HIS B 146 -10.55 37.53 -7.53
CA HIS B 146 -9.37 36.68 -7.36
C HIS B 146 -8.19 37.45 -6.76
N TRP B 147 -8.47 38.58 -6.12
CA TRP B 147 -7.42 39.45 -5.60
C TRP B 147 -6.64 38.78 -4.48
N GLY B 148 -5.32 38.71 -4.64
CA GLY B 148 -4.45 38.19 -3.60
C GLY B 148 -4.54 36.69 -3.37
N ALA B 149 -5.39 35.98 -4.11
CA ALA B 149 -5.62 34.56 -3.91
C ALA B 149 -4.82 33.76 -4.92
N THR B 150 -4.30 32.62 -4.50
CA THR B 150 -3.60 31.69 -5.38
C THR B 150 -4.55 30.60 -5.84
N THR B 151 -4.18 29.96 -6.96
CA THR B 151 -5.04 28.94 -7.54
C THR B 151 -5.33 27.83 -6.53
N GLN B 152 -4.32 27.38 -5.80
CA GLN B 152 -4.53 26.30 -4.84
C GLN B 152 -5.53 26.70 -3.76
N ASP B 153 -5.58 27.98 -3.41
CA ASP B 153 -6.56 28.45 -2.43
C ASP B 153 -7.98 28.07 -2.86
N ILE B 154 -8.30 28.30 -4.14
CA ILE B 154 -9.64 28.02 -4.62
C ILE B 154 -9.93 26.51 -4.59
N THR B 155 -8.98 25.70 -5.07
CA THR B 155 -9.20 24.26 -5.14
C THR B 155 -9.30 23.65 -3.74
N ASP B 156 -8.32 23.91 -2.88
CA ASP B 156 -8.32 23.31 -1.56
C ASP B 156 -9.58 23.69 -0.79
N THR B 157 -9.91 24.97 -0.74
CA THR B 157 -11.13 25.40 -0.06
C THR B 157 -12.35 24.80 -0.74
N ALA B 158 -12.35 24.70 -2.07
CA ALA B 158 -13.45 24.05 -2.77
C ALA B 158 -13.55 22.57 -2.41
N THR B 159 -12.41 21.88 -2.37
CA THR B 159 -12.42 20.49 -1.93
C THR B 159 -13.00 20.39 -0.52
N VAL B 160 -12.54 21.24 0.38
CA VAL B 160 -13.07 21.27 1.74
C VAL B 160 -14.58 21.39 1.70
N MET B 161 -15.09 22.29 0.84
CA MET B 161 -16.54 22.43 0.70
C MET B 161 -17.16 21.12 0.20
N GLN B 162 -16.49 20.45 -0.75
CA GLN B 162 -17.01 19.19 -1.28
C GLN B 162 -16.91 18.07 -0.25
N ILE B 163 -15.81 18.01 0.50
CA ILE B 163 -15.67 16.99 1.53
C ILE B 163 -16.82 17.06 2.52
N ARG B 164 -17.24 18.27 2.87
CA ARG B 164 -18.36 18.42 3.79
C ARG B 164 -19.64 17.88 3.17
N GLN B 165 -19.90 18.23 1.91
CA GLN B 165 -21.07 17.69 1.22
C GLN B 165 -21.06 16.17 1.20
N SER B 166 -19.88 15.57 0.98
CA SER B 166 -19.79 14.11 0.94
C SER B 166 -20.04 13.49 2.31
N LEU B 167 -19.43 14.05 3.37
CA LEU B 167 -19.60 13.51 4.70
C LEU B 167 -21.03 13.66 5.23
N THR B 168 -21.80 14.60 4.68
CA THR B 168 -23.22 14.65 5.00
C THR B 168 -23.92 13.36 4.57
N LEU B 169 -23.66 12.91 3.34
CA LEU B 169 -24.22 11.64 2.91
C LEU B 169 -23.69 10.49 3.77
N VAL B 170 -22.39 10.51 4.08
CA VAL B 170 -21.83 9.43 4.89
C VAL B 170 -22.51 9.40 6.25
N LYS B 171 -22.74 10.57 6.84
CA LYS B 171 -23.47 10.62 8.11
C LYS B 171 -24.88 10.09 7.93
N GLN B 172 -25.51 10.36 6.79
CA GLN B 172 -26.87 9.89 6.55
C GLN B 172 -26.88 8.38 6.30
N ARG B 173 -25.96 7.87 5.48
CA ARG B 173 -25.88 6.42 5.27
C ARG B 173 -25.52 5.69 6.56
N LEU B 174 -24.61 6.25 7.35
CA LEU B 174 -24.25 5.64 8.62
C LEU B 174 -25.45 5.61 9.56
N ASP B 175 -26.29 6.65 9.51
CA ASP B 175 -27.48 6.66 10.34
C ASP B 175 -28.39 5.50 9.98
N SER B 176 -28.68 5.34 8.69
CA SER B 176 -29.52 4.23 8.24
C SER B 176 -28.90 2.88 8.60
N ILE B 177 -27.59 2.75 8.43
CA ILE B 177 -26.94 1.46 8.69
C ILE B 177 -27.02 1.12 10.17
N VAL B 178 -26.81 2.11 11.05
CA VAL B 178 -26.92 1.84 12.48
C VAL B 178 -28.36 1.51 12.84
N SER B 179 -29.32 2.18 12.20
CA SER B 179 -30.72 1.86 12.43
C SER B 179 -31.04 0.43 12.05
N SER B 180 -30.71 0.03 10.81
CA SER B 180 -30.94 -1.36 10.40
C SER B 180 -30.32 -2.33 11.39
N LEU B 181 -29.10 -2.04 11.83
CA LEU B 181 -28.42 -2.95 12.75
C LEU B 181 -29.13 -2.99 14.10
N GLU B 182 -29.55 -1.84 14.63
CA GLU B 182 -30.32 -1.82 15.86
C GLU B 182 -31.54 -2.72 15.74
N HIS B 183 -32.24 -2.65 14.61
CA HIS B 183 -33.44 -3.47 14.43
C HIS B 183 -33.09 -4.95 14.39
N LEU B 184 -32.06 -5.32 13.61
CA LEU B 184 -31.69 -6.73 13.51
C LEU B 184 -31.19 -7.26 14.84
N ALA B 185 -30.45 -6.46 15.61
CA ALA B 185 -29.96 -6.92 16.90
C ALA B 185 -31.12 -7.28 17.82
N GLU B 186 -32.21 -6.50 17.75
CA GLU B 186 -33.38 -6.80 18.56
C GLU B 186 -34.15 -8.00 17.99
N GLN B 187 -34.54 -7.90 16.71
CA GLN B 187 -35.38 -8.93 16.12
C GLN B 187 -34.83 -10.34 16.35
N HIS B 188 -33.55 -10.55 16.04
CA HIS B 188 -32.91 -11.85 16.21
C HIS B 188 -32.09 -11.93 17.49
N ARG B 189 -32.52 -11.21 18.52
CA ARG B 189 -31.75 -11.15 19.76
C ARG B 189 -31.42 -12.54 20.30
N ASN B 190 -32.37 -13.48 20.17
CA ASN B 190 -32.24 -14.80 20.77
C ASN B 190 -32.08 -15.92 19.75
N VAL B 191 -31.94 -15.60 18.47
CA VAL B 191 -31.80 -16.62 17.43
C VAL B 191 -30.44 -17.29 17.57
N PRO B 192 -30.37 -18.56 17.95
CA PRO B 192 -29.07 -19.22 18.13
C PRO B 192 -28.41 -19.54 16.80
N MET B 193 -27.09 -19.64 16.84
CA MET B 193 -26.28 -19.99 15.67
C MET B 193 -24.90 -20.35 16.19
N ALA B 194 -24.08 -20.93 15.30
CA ALA B 194 -22.74 -21.38 15.68
C ALA B 194 -21.75 -20.24 15.45
N ALA B 195 -21.08 -19.82 16.52
CA ALA B 195 -19.95 -18.90 16.36
C ALA B 195 -18.80 -19.63 15.68
N ARG B 196 -18.11 -18.92 14.80
CA ARG B 196 -17.09 -19.53 13.96
C ARG B 196 -15.76 -18.83 14.17
N SER B 197 -14.72 -19.63 14.41
CA SER B 197 -13.36 -19.16 14.58
C SER B 197 -12.50 -19.87 13.53
N ASN B 198 -11.92 -19.09 12.60
CA ASN B 198 -11.17 -19.65 11.48
C ASN B 198 -12.07 -20.52 10.59
N LEU B 199 -13.31 -20.05 10.38
CA LEU B 199 -14.31 -20.72 9.56
C LEU B 199 -14.75 -22.06 10.13
N LYS B 200 -14.23 -22.47 11.28
CA LYS B 200 -14.71 -23.65 11.99
C LYS B 200 -15.66 -23.22 13.10
N GLN B 201 -16.63 -24.09 13.39
CA GLN B 201 -17.60 -23.78 14.42
C GLN B 201 -16.92 -23.76 15.79
N ALA B 202 -17.45 -22.93 16.68
CA ALA B 202 -16.84 -22.73 17.99
C ALA B 202 -17.83 -23.01 19.11
N VAL B 203 -18.66 -22.02 19.46
CA VAL B 203 -19.68 -22.20 20.49
C VAL B 203 -20.94 -21.47 20.06
N PRO B 204 -22.07 -21.79 20.69
CA PRO B 204 -23.32 -21.15 20.27
C PRO B 204 -23.34 -19.69 20.66
N ILE B 205 -23.92 -18.87 19.76
CA ILE B 205 -24.22 -17.47 19.99
C ILE B 205 -25.54 -17.16 19.28
N THR B 206 -26.01 -15.93 19.46
CA THR B 206 -27.22 -15.50 18.78
C THR B 206 -26.89 -14.58 17.61
N PHE B 207 -27.73 -14.63 16.57
CA PHE B 207 -27.49 -13.78 15.41
C PHE B 207 -27.63 -12.31 15.77
N GLY B 208 -28.52 -11.99 16.72
CA GLY B 208 -28.60 -10.62 17.20
C GLY B 208 -27.32 -10.17 17.87
N PHE B 209 -26.65 -11.09 18.56
CA PHE B 209 -25.35 -10.79 19.15
C PHE B 209 -24.33 -10.44 18.07
N LYS B 210 -24.35 -11.18 16.96
CA LYS B 210 -23.46 -10.87 15.84
C LYS B 210 -23.72 -9.45 15.34
N MET B 211 -24.98 -9.11 15.10
CA MET B 211 -25.33 -7.78 14.62
C MET B 211 -24.96 -6.70 15.62
N ALA B 212 -25.03 -7.00 16.92
CA ALA B 212 -24.69 -6.00 17.92
C ALA B 212 -23.21 -5.63 17.84
N ARG B 213 -22.36 -6.63 17.58
CA ARG B 213 -20.92 -6.35 17.48
C ARG B 213 -20.62 -5.37 16.35
N PHE B 214 -21.33 -5.49 15.22
CA PHE B 214 -21.20 -4.50 14.15
C PHE B 214 -21.69 -3.13 14.60
N LEU B 215 -22.87 -3.09 15.23
CA LEU B 215 -23.44 -1.81 15.66
C LEU B 215 -22.45 -1.01 16.49
N ALA B 216 -21.84 -1.65 17.48
CA ALA B 216 -20.86 -0.96 18.31
C ALA B 216 -19.73 -0.39 17.45
N THR B 217 -19.39 -1.06 16.35
CA THR B 217 -18.30 -0.59 15.51
C THR B 217 -18.70 0.66 14.73
N PHE B 218 -19.83 0.62 14.02
CA PHE B 218 -20.23 1.78 13.23
C PHE B 218 -20.42 3.02 14.10
N ARG B 219 -20.77 2.84 15.37
CA ARG B 219 -20.87 3.99 16.25
C ARG B 219 -19.50 4.60 16.50
N ARG B 220 -18.47 3.76 16.71
CA ARG B 220 -17.12 4.29 16.83
C ARG B 220 -16.74 5.07 15.58
N HIS B 221 -17.06 4.54 14.40
CA HIS B 221 -16.80 5.25 13.16
C HIS B 221 -17.54 6.58 13.13
N GLN B 222 -18.76 6.61 13.67
CA GLN B 222 -19.52 7.85 13.69
C GLN B 222 -18.82 8.91 14.54
N GLN B 223 -18.34 8.51 15.73
CA GLN B 223 -17.57 9.44 16.55
C GLN B 223 -16.32 9.92 15.82
N ARG B 224 -15.63 9.00 15.13
CA ARG B 224 -14.43 9.39 14.38
C ARG B 224 -14.76 10.44 13.34
N LEU B 225 -15.87 10.27 12.62
CA LEU B 225 -16.26 11.23 11.60
C LEU B 225 -16.50 12.61 12.20
N VAL B 226 -17.23 12.66 13.31
CA VAL B 226 -17.56 13.95 13.92
C VAL B 226 -16.30 14.66 14.38
N GLU B 227 -15.38 13.91 15.02
CA GLU B 227 -14.20 14.54 15.61
C GLU B 227 -13.31 15.16 14.54
N LEU B 228 -13.18 14.52 13.39
CA LEU B 228 -12.33 15.07 12.34
C LEU B 228 -12.96 16.25 11.62
N GLU B 229 -14.30 16.37 11.66
CA GLU B 229 -14.96 17.46 10.95
C GLU B 229 -14.45 18.83 11.42
N LYS B 230 -14.22 18.99 12.72
CA LYS B 230 -13.80 20.28 13.24
C LYS B 230 -12.41 20.68 12.75
N ARG B 231 -11.58 19.72 12.36
CA ARG B 231 -10.27 20.03 11.78
C ARG B 231 -10.33 20.20 10.27
N VAL B 232 -11.15 19.37 9.60
CA VAL B 232 -11.16 19.37 8.14
C VAL B 232 -11.89 20.59 7.61
N TYR B 233 -12.95 21.03 8.29
CA TYR B 233 -13.76 22.15 7.83
C TYR B 233 -13.08 23.49 8.11
N THR B 234 -11.91 23.66 7.51
CA THR B 234 -11.10 24.86 7.62
C THR B 234 -10.94 25.50 6.25
N LEU B 235 -10.61 26.79 6.25
CA LEU B 235 -10.42 27.52 5.00
C LEU B 235 -8.96 27.42 4.56
N GLU B 236 -8.75 27.58 3.25
CA GLU B 236 -7.41 27.62 2.65
C GLU B 236 -7.28 28.89 1.82
N PHE B 237 -6.76 29.95 2.44
CA PHE B 237 -6.54 31.23 1.77
C PHE B 237 -5.23 31.81 2.31
N GLY B 238 -4.13 31.51 1.63
CA GLY B 238 -2.82 31.92 2.09
C GLY B 238 -1.96 32.59 1.04
N GLY B 239 -2.49 32.68 -0.18
CA GLY B 239 -1.76 33.31 -1.27
C GLY B 239 -0.61 32.46 -1.80
N ALA B 240 0.38 33.15 -2.37
CA ALA B 240 1.44 32.46 -3.11
C ALA B 240 2.35 31.66 -2.20
N ALA B 241 2.78 32.26 -1.09
CA ALA B 241 3.71 31.61 -0.17
C ALA B 241 3.10 31.36 1.20
N GLY B 242 1.78 31.52 1.34
CA GLY B 242 1.08 31.27 2.58
C GLY B 242 0.97 32.45 3.52
N ASN B 243 1.63 33.57 3.21
CA ASN B 243 1.60 34.77 4.04
C ASN B 243 0.75 35.89 3.46
N LEU B 244 0.23 35.75 2.24
CA LEU B 244 -0.57 36.78 1.58
C LEU B 244 0.18 38.11 1.52
N SER B 245 1.35 38.08 0.90
CA SER B 245 2.16 39.30 0.77
C SER B 245 1.39 40.39 0.06
N SER B 246 0.84 40.09 -1.12
CA SER B 246 0.19 41.11 -1.94
C SER B 246 -1.04 41.71 -1.26
N LEU B 247 -1.65 41.01 -0.31
CA LEU B 247 -2.71 41.61 0.49
C LEU B 247 -2.17 42.45 1.64
N GLY B 248 -0.85 42.53 1.79
CA GLY B 248 -0.25 43.30 2.86
C GLY B 248 -0.80 42.92 4.21
N ASP B 249 -1.29 43.92 4.95
CA ASP B 249 -1.84 43.70 6.28
C ASP B 249 -3.33 43.37 6.28
N GLN B 250 -3.99 43.48 5.13
CA GLN B 250 -5.39 43.12 5.03
C GLN B 250 -5.60 41.63 4.79
N GLY B 251 -4.52 40.87 4.60
CA GLY B 251 -4.59 39.45 4.36
C GLY B 251 -5.33 38.70 5.44
N ILE B 252 -4.85 38.78 6.68
CA ILE B 252 -5.52 38.09 7.78
C ILE B 252 -6.94 38.60 7.96
N ALA B 253 -7.17 39.90 7.70
CA ALA B 253 -8.53 40.41 7.73
C ALA B 253 -9.37 39.72 6.65
N THR B 254 -8.84 39.60 5.44
CA THR B 254 -9.57 38.96 4.35
C THR B 254 -9.77 37.47 4.62
N HIS B 255 -8.75 36.78 5.12
CA HIS B 255 -8.86 35.35 5.37
C HIS B 255 -9.98 35.04 6.34
N ASP B 256 -9.94 35.64 7.53
CA ASP B 256 -10.97 35.39 8.54
C ASP B 256 -12.34 35.85 8.06
N ALA B 257 -12.39 36.95 7.30
CA ALA B 257 -13.65 37.38 6.70
C ALA B 257 -14.19 36.31 5.75
N LEU B 258 -13.32 35.79 4.88
CA LEU B 258 -13.75 34.75 3.94
C LEU B 258 -14.16 33.48 4.66
N ALA B 259 -13.43 33.10 5.71
CA ALA B 259 -13.76 31.90 6.47
C ALA B 259 -15.16 32.01 7.07
N LYS B 260 -15.45 33.14 7.72
CA LYS B 260 -16.79 33.36 8.25
C LYS B 260 -17.81 33.39 7.12
N MET B 261 -17.42 33.96 5.98
CA MET B 261 -18.30 34.03 4.82
C MET B 261 -18.69 32.65 4.31
N LEU B 262 -17.80 31.68 4.43
CA LEU B 262 -18.01 30.35 3.87
C LEU B 262 -18.38 29.31 4.93
N ASP B 263 -18.76 29.74 6.13
CA ASP B 263 -19.07 28.82 7.21
C ASP B 263 -17.93 27.83 7.41
N LEU B 264 -16.71 28.37 7.41
CA LEU B 264 -15.51 27.59 7.66
C LEU B 264 -14.74 28.18 8.82
N ALA B 265 -13.98 27.34 9.49
CA ALA B 265 -13.16 27.78 10.60
C ALA B 265 -11.95 28.54 10.07
N PRO B 266 -11.53 29.61 10.76
CA PRO B 266 -10.30 30.29 10.35
C PRO B 266 -9.11 29.36 10.51
N ALA B 267 -8.10 29.57 9.70
CA ALA B 267 -6.93 28.71 9.72
C ALA B 267 -5.89 29.32 10.65
N GLU B 268 -5.29 28.46 11.49
CA GLU B 268 -4.17 28.91 12.30
C GLU B 268 -3.05 29.43 11.42
N ILE B 269 -2.73 28.70 10.36
CA ILE B 269 -1.66 29.05 9.44
C ILE B 269 -1.94 28.30 8.14
N ALA B 270 -1.23 28.65 7.07
CA ALA B 270 -1.43 28.00 5.77
C ALA B 270 -1.14 26.51 5.85
N TRP B 271 -1.77 25.75 4.95
CA TRP B 271 -1.56 24.30 4.88
C TRP B 271 -1.47 23.82 3.43
N HIS B 272 -0.85 24.63 2.56
CA HIS B 272 -0.76 24.27 1.14
C HIS B 272 0.13 23.05 0.93
N THR B 273 1.04 22.79 1.87
CA THR B 273 1.89 21.59 1.80
C THR B 273 1.72 20.72 3.04
N GLU B 274 0.91 21.15 4.01
CA GLU B 274 0.58 20.35 5.19
C GLU B 274 -0.74 19.67 4.90
N HIS B 275 -0.67 18.51 4.23
CA HIS B 275 -1.83 17.75 3.81
C HIS B 275 -2.35 16.79 4.88
N ASP B 276 -2.24 17.16 6.15
CA ASP B 276 -2.73 16.26 7.19
C ASP B 276 -4.24 16.19 7.20
N ARG B 277 -4.91 17.30 6.92
CA ARG B 277 -6.37 17.31 6.98
C ARG B 277 -6.97 16.35 5.97
N PHE B 278 -6.63 16.52 4.69
CA PHE B 278 -7.20 15.66 3.67
C PHE B 278 -6.87 14.20 3.95
N ALA B 279 -5.65 13.92 4.41
CA ALA B 279 -5.26 12.54 4.67
C ALA B 279 -6.13 11.94 5.79
N GLU B 280 -6.40 12.71 6.84
CA GLU B 280 -7.27 12.22 7.90
C GLU B 280 -8.60 11.71 7.33
N VAL B 281 -9.14 12.42 6.34
CA VAL B 281 -10.35 11.97 5.67
C VAL B 281 -10.12 10.60 5.03
N GLY B 282 -9.03 10.48 4.28
CA GLY B 282 -8.70 9.19 3.67
C GLY B 282 -8.63 8.08 4.70
N THR B 283 -7.85 8.30 5.78
CA THR B 283 -7.68 7.25 6.77
C THR B 283 -9.01 6.86 7.40
N PHE B 284 -9.90 7.83 7.59
CA PHE B 284 -11.23 7.50 8.08
C PHE B 284 -12.00 6.66 7.08
N LEU B 285 -12.01 7.09 5.82
CA LEU B 285 -12.65 6.32 4.76
C LEU B 285 -12.10 4.90 4.72
N GLY B 286 -10.80 4.74 4.99
CA GLY B 286 -10.20 3.42 5.00
C GLY B 286 -10.72 2.57 6.15
N LEU B 287 -10.76 3.17 7.34
CA LEU B 287 -11.30 2.45 8.50
C LEU B 287 -12.75 2.06 8.26
N LEU B 288 -13.57 3.02 7.79
CA LEU B 288 -14.97 2.73 7.57
C LEU B 288 -15.17 1.63 6.54
N THR B 289 -14.52 1.75 5.38
CA THR B 289 -14.67 0.71 4.35
C THR B 289 -14.20 -0.64 4.88
N GLY B 290 -13.19 -0.63 5.77
CA GLY B 290 -12.72 -1.87 6.36
C GLY B 290 -13.80 -2.60 7.11
N THR B 291 -14.59 -1.88 7.89
CA THR B 291 -15.70 -2.51 8.61
C THR B 291 -16.75 -3.02 7.65
N LEU B 292 -17.09 -2.20 6.65
CA LEU B 292 -18.06 -2.61 5.64
C LEU B 292 -17.62 -3.87 4.91
N ALA B 293 -16.31 -4.10 4.79
CA ALA B 293 -15.83 -5.30 4.12
C ALA B 293 -16.07 -6.55 4.98
N LYS B 294 -15.80 -6.45 6.29
CA LYS B 294 -16.11 -7.57 7.15
C LYS B 294 -17.58 -7.94 7.09
N LEU B 295 -18.45 -6.93 7.02
CA LEU B 295 -19.88 -7.20 6.93
C LEU B 295 -20.20 -8.02 5.69
N ALA B 296 -19.67 -7.61 4.53
CA ALA B 296 -19.92 -8.35 3.30
C ALA B 296 -19.33 -9.75 3.35
N THR B 297 -18.17 -9.90 4.00
CA THR B 297 -17.55 -11.22 4.09
C THR B 297 -18.40 -12.17 4.93
N ASP B 298 -18.86 -11.70 6.09
CA ASP B 298 -19.69 -12.55 6.95
C ASP B 298 -21.01 -12.87 6.27
N ILE B 299 -21.60 -11.88 5.58
CA ILE B 299 -22.87 -12.11 4.90
C ILE B 299 -22.71 -13.14 3.79
N LYS B 300 -21.76 -12.92 2.87
CA LYS B 300 -21.58 -13.86 1.77
C LYS B 300 -21.12 -15.22 2.30
N LEU B 301 -20.43 -15.25 3.44
CA LEU B 301 -20.14 -16.52 4.08
C LEU B 301 -21.41 -17.19 4.58
N MET B 302 -22.28 -16.42 5.23
CA MET B 302 -23.54 -16.94 5.74
C MET B 302 -24.56 -17.21 4.63
N SER B 303 -24.34 -16.68 3.43
CA SER B 303 -25.21 -16.94 2.30
C SER B 303 -24.64 -18.03 1.38
N GLN B 304 -23.61 -18.73 1.83
CA GLN B 304 -23.06 -19.84 1.06
C GLN B 304 -24.12 -20.88 0.77
N THR B 305 -23.95 -21.58 -0.33
CA THR B 305 -24.88 -22.67 -0.64
C THR B 305 -24.91 -23.68 0.49
N GLU B 306 -23.75 -24.01 1.04
CA GLU B 306 -23.66 -25.03 2.07
C GLU B 306 -24.05 -24.50 3.46
N VAL B 307 -24.25 -23.21 3.61
CA VAL B 307 -24.56 -22.66 4.93
C VAL B 307 -26.00 -22.18 4.93
N GLY B 308 -26.27 -21.13 4.17
CA GLY B 308 -27.64 -20.67 3.99
C GLY B 308 -28.27 -20.07 5.23
N GLU B 309 -27.46 -19.51 6.13
CA GLU B 309 -28.01 -18.94 7.35
C GLU B 309 -28.67 -17.59 7.09
N VAL B 310 -28.27 -16.89 6.02
CA VAL B 310 -28.88 -15.61 5.64
C VAL B 310 -29.04 -15.58 4.11
N GLY B 311 -29.71 -14.53 3.65
CA GLY B 311 -29.92 -14.34 2.23
C GLY B 311 -29.98 -12.88 1.85
N GLU B 312 -29.23 -12.51 0.81
CA GLU B 312 -29.17 -11.11 0.40
C GLU B 312 -30.48 -10.73 -0.31
N PRO B 313 -30.79 -9.44 -0.38
CA PRO B 313 -32.00 -8.99 -1.07
C PRO B 313 -31.76 -8.64 -2.53
N SER B 332 -24.30 -8.07 -4.34
CA SER B 332 -24.39 -6.68 -3.93
C SER B 332 -23.35 -6.44 -2.84
N CYS B 333 -23.05 -7.49 -2.07
CA CYS B 333 -21.94 -7.40 -1.12
C CYS B 333 -20.59 -7.61 -1.76
N VAL B 334 -20.51 -8.37 -2.86
CA VAL B 334 -19.21 -8.66 -3.46
C VAL B 334 -18.54 -7.39 -3.94
N TYR B 335 -19.32 -6.34 -4.19
CA TYR B 335 -18.75 -5.08 -4.67
C TYR B 335 -18.00 -4.34 -3.57
N ILE B 336 -18.47 -4.43 -2.32
CA ILE B 336 -17.81 -3.72 -1.23
C ILE B 336 -16.35 -4.12 -1.12
N HIS B 337 -16.01 -5.34 -1.55
CA HIS B 337 -14.62 -5.80 -1.46
C HIS B 337 -13.70 -4.92 -2.29
N ALA B 338 -14.11 -4.59 -3.52
CA ALA B 338 -13.26 -3.76 -4.36
C ALA B 338 -13.16 -2.33 -3.80
N CYS B 339 -14.29 -1.77 -3.34
CA CYS B 339 -14.25 -0.43 -2.76
C CYS B 339 -13.25 -0.33 -1.62
N ALA B 340 -13.38 -1.23 -0.62
CA ALA B 340 -12.48 -1.19 0.52
C ALA B 340 -11.02 -1.38 0.09
N ALA B 341 -10.78 -2.29 -0.86
CA ALA B 341 -9.40 -2.57 -1.27
C ALA B 341 -8.80 -1.38 -2.00
N ASN B 342 -9.61 -0.69 -2.83
CA ASN B 342 -9.12 0.50 -3.51
C ASN B 342 -8.95 1.64 -2.52
N VAL B 343 -9.85 1.75 -1.56
CA VAL B 343 -9.80 2.86 -0.61
C VAL B 343 -8.59 2.75 0.30
N ARG B 344 -8.27 1.54 0.78
CA ARG B 344 -7.16 1.41 1.72
C ARG B 344 -5.84 1.79 1.06
N GLN B 345 -5.65 1.35 -0.20
CA GLN B 345 -4.42 1.71 -0.91
C GLN B 345 -4.42 3.20 -1.24
N GLY B 346 -5.58 3.75 -1.58
CA GLY B 346 -5.66 5.18 -1.81
C GLY B 346 -5.25 6.00 -0.60
N ALA B 347 -5.72 5.60 0.58
CA ALA B 347 -5.30 6.31 1.78
C ALA B 347 -3.79 6.26 1.94
N ALA B 348 -3.16 5.12 1.61
CA ALA B 348 -1.71 5.04 1.69
C ALA B 348 -1.06 6.07 0.77
N ALA B 349 -1.60 6.25 -0.44
CA ALA B 349 -1.07 7.30 -1.31
C ALA B 349 -1.15 8.67 -0.64
N LEU B 350 -2.27 8.94 0.04
CA LEU B 350 -2.45 10.23 0.69
C LEU B 350 -1.45 10.42 1.82
N LEU B 351 -1.12 9.36 2.55
CA LEU B 351 -0.07 9.45 3.56
C LEU B 351 1.27 9.76 2.91
N ASP B 352 1.49 9.23 1.71
CA ASP B 352 2.70 9.56 0.98
C ASP B 352 2.70 11.02 0.56
N ALA B 353 1.54 11.54 0.13
CA ALA B 353 1.45 12.94 -0.26
C ALA B 353 1.75 13.89 0.90
N MET B 354 1.73 13.41 2.15
CA MET B 354 2.03 14.29 3.26
C MET B 354 3.49 14.76 3.23
N GLN B 355 4.36 13.98 2.59
CA GLN B 355 5.77 14.32 2.44
C GLN B 355 5.96 15.29 1.27
N SER B 356 5.34 16.45 1.43
CA SER B 356 5.46 17.53 0.46
C SER B 356 6.73 18.33 0.75
N ASP B 357 7.06 19.25 -0.15
CA ASP B 357 8.27 20.05 -0.06
C ASP B 357 7.90 21.53 0.04
N HIS B 358 8.50 22.21 1.00
CA HIS B 358 8.45 23.68 1.18
C HIS B 358 6.97 24.12 1.20
N GLU B 359 6.61 25.18 0.48
CA GLU B 359 5.31 25.82 0.56
C GLU B 359 4.34 25.38 -0.53
N ALA B 360 4.81 24.71 -1.58
CA ALA B 360 3.95 24.23 -2.63
C ALA B 360 4.63 23.10 -3.40
N GLY B 361 3.82 22.13 -3.84
CA GLY B 361 4.27 20.95 -4.56
C GLY B 361 3.14 20.44 -5.44
N THR B 362 3.35 20.44 -6.76
CA THR B 362 2.31 19.97 -7.66
C THR B 362 2.06 18.47 -7.50
N GLY B 363 3.13 17.70 -7.32
CA GLY B 363 3.04 16.26 -7.20
C GLY B 363 2.04 15.83 -6.15
N PRO B 364 2.40 16.04 -4.88
CA PRO B 364 1.48 15.74 -3.78
C PRO B 364 0.07 16.26 -3.96
N TRP B 365 -0.10 17.50 -4.44
CA TRP B 365 -1.44 18.01 -4.67
C TRP B 365 -2.18 17.15 -5.69
N GLU B 366 -1.50 16.77 -6.77
CA GLU B 366 -2.12 15.94 -7.79
C GLU B 366 -2.62 14.62 -7.21
N ILE B 367 -1.82 13.99 -6.34
CA ILE B 367 -2.22 12.73 -5.72
C ILE B 367 -3.56 12.89 -5.02
N ILE B 368 -3.71 13.95 -4.21
CA ILE B 368 -4.97 14.19 -3.53
C ILE B 368 -6.07 14.48 -4.54
N TRP B 369 -5.76 15.30 -5.54
CA TRP B 369 -6.76 15.65 -6.56
C TRP B 369 -7.33 14.40 -7.22
N VAL B 370 -6.56 13.32 -7.24
CA VAL B 370 -6.97 12.09 -7.92
C VAL B 370 -7.62 11.10 -6.96
N GLN B 371 -6.97 10.81 -5.84
CA GLN B 371 -7.45 9.73 -4.98
C GLN B 371 -8.68 10.15 -4.18
N LEU B 372 -8.68 11.34 -3.61
CA LEU B 372 -9.76 11.76 -2.71
C LEU B 372 -11.13 11.61 -3.34
N PRO B 373 -11.42 12.16 -4.52
CA PRO B 373 -12.74 11.95 -5.13
C PRO B 373 -13.05 10.48 -5.40
N LEU B 374 -12.06 9.69 -5.83
CA LEU B 374 -12.28 8.26 -6.00
C LEU B 374 -12.64 7.60 -4.68
N MET B 375 -11.88 7.90 -3.62
CA MET B 375 -12.15 7.29 -2.33
C MET B 375 -13.55 7.66 -1.84
N MET B 376 -13.99 8.89 -2.11
CA MET B 376 -15.35 9.28 -1.74
C MET B 376 -16.38 8.47 -2.51
N ASN B 377 -16.13 8.21 -3.80
CA ASN B 377 -17.10 7.49 -4.60
C ASN B 377 -17.07 5.98 -4.32
N TRP B 378 -15.91 5.43 -3.98
CA TRP B 378 -15.88 4.03 -3.56
C TRP B 378 -16.63 3.84 -2.25
N THR B 379 -16.38 4.72 -1.28
CA THR B 379 -17.02 4.58 0.02
C THR B 379 -18.54 4.73 -0.08
N SER B 380 -19.01 5.61 -0.94
CA SER B 380 -20.46 5.75 -1.12
C SER B 380 -21.04 4.50 -1.76
N ALA B 381 -20.33 3.93 -2.74
CA ALA B 381 -20.74 2.64 -3.29
C ALA B 381 -20.87 1.60 -2.18
N ALA B 382 -19.87 1.54 -1.30
CA ALA B 382 -19.91 0.58 -0.20
C ALA B 382 -21.08 0.87 0.74
N LEU B 383 -21.18 2.10 1.22
CA LEU B 383 -22.26 2.44 2.16
C LEU B 383 -23.63 2.19 1.55
N ASN B 384 -23.80 2.51 0.27
CA ASN B 384 -25.09 2.28 -0.37
C ASN B 384 -25.43 0.80 -0.39
N ASN B 385 -24.53 -0.03 -0.92
CA ASN B 385 -24.76 -1.46 -0.93
C ASN B 385 -24.98 -1.99 0.48
N ALA B 386 -24.12 -1.61 1.42
CA ALA B 386 -24.26 -2.06 2.81
C ALA B 386 -25.63 -1.66 3.36
N ASP B 387 -25.99 -0.39 3.19
CA ASP B 387 -27.29 0.07 3.68
C ASP B 387 -28.43 -0.77 3.12
N PHE B 388 -28.37 -1.07 1.81
CA PHE B 388 -29.44 -1.80 1.16
C PHE B 388 -29.53 -3.24 1.66
N VAL B 389 -28.40 -3.95 1.66
CA VAL B 389 -28.42 -5.37 2.01
C VAL B 389 -28.93 -5.57 3.44
N LEU B 390 -28.58 -4.66 4.34
CA LEU B 390 -29.07 -4.78 5.71
C LEU B 390 -30.56 -4.48 5.80
N ARG B 391 -31.03 -3.46 5.09
CA ARG B 391 -32.44 -3.10 5.15
C ARG B 391 -33.34 -4.21 4.63
N GLY B 392 -32.88 -4.99 3.66
CA GLY B 392 -33.69 -6.08 3.12
C GLY B 392 -33.15 -7.47 3.44
N LEU B 393 -32.32 -7.59 4.47
CA LEU B 393 -31.63 -8.84 4.75
C LEU B 393 -32.59 -9.91 5.23
N GLN B 394 -32.48 -11.11 4.66
CA GLN B 394 -33.26 -12.27 5.06
C GLN B 394 -32.48 -13.14 6.02
N VAL B 395 -33.09 -13.48 7.15
CA VAL B 395 -32.47 -14.34 8.17
C VAL B 395 -33.28 -15.63 8.26
N PHE B 396 -32.59 -16.77 8.15
CA PHE B 396 -33.25 -18.08 8.15
C PHE B 396 -32.89 -18.84 9.42
N PRO B 397 -33.66 -18.68 10.50
CA PRO B 397 -33.30 -19.38 11.74
C PRO B 397 -33.25 -20.89 11.60
N ASP B 398 -34.05 -21.46 10.70
CA ASP B 398 -34.02 -22.91 10.55
C ASP B 398 -32.65 -23.39 10.09
N ALA B 399 -32.07 -22.70 9.11
CA ALA B 399 -30.73 -23.07 8.66
C ALA B 399 -29.72 -22.96 9.79
N MET B 400 -29.83 -21.90 10.59
CA MET B 400 -28.92 -21.71 11.71
C MET B 400 -29.03 -22.85 12.71
N GLN B 401 -30.27 -23.28 13.01
CA GLN B 401 -30.45 -24.43 13.89
C GLN B 401 -29.81 -25.67 13.30
N HIS B 402 -30.03 -25.92 12.01
CA HIS B 402 -29.51 -27.13 11.38
C HIS B 402 -27.99 -27.17 11.45
N ASN B 403 -27.33 -26.06 11.12
CA ASN B 403 -25.87 -26.02 11.17
C ASN B 403 -25.36 -26.25 12.58
N LEU B 404 -26.10 -25.78 13.59
CA LEU B 404 -25.67 -25.99 14.98
C LEU B 404 -25.61 -27.47 15.34
N ASP B 405 -26.48 -28.28 14.74
CA ASP B 405 -26.58 -29.70 15.03
C ASP B 405 -25.59 -30.55 14.25
N LEU B 406 -24.83 -29.97 13.33
CA LEU B 406 -23.84 -30.76 12.59
C LEU B 406 -22.87 -31.44 13.55
N SER B 407 -22.46 -30.71 14.60
CA SER B 407 -21.54 -31.27 15.58
C SER B 407 -22.18 -32.35 16.44
N LYS B 408 -23.51 -32.49 16.38
CA LYS B 408 -24.23 -33.52 17.14
C LYS B 408 -23.96 -33.38 18.63
N GLY B 409 -23.89 -32.14 19.11
CA GLY B 409 -23.69 -31.84 20.50
C GLY B 409 -22.26 -31.55 20.89
N LEU B 410 -21.29 -31.97 20.08
CA LEU B 410 -19.90 -31.72 20.41
C LEU B 410 -19.63 -30.24 20.67
N ILE B 411 -20.36 -29.35 19.98
CA ILE B 411 -20.11 -27.92 20.09
C ILE B 411 -20.36 -27.41 21.51
N VAL B 412 -21.24 -28.07 22.26
CA VAL B 412 -21.56 -27.63 23.61
C VAL B 412 -20.97 -28.59 24.65
N SER B 413 -19.83 -29.22 24.32
CA SER B 413 -19.20 -30.12 25.27
C SER B 413 -18.79 -29.41 26.55
N GLU B 414 -18.37 -28.14 26.44
CA GLU B 414 -18.02 -27.38 27.63
C GLU B 414 -19.18 -27.29 28.60
N ALA B 415 -20.40 -27.15 28.08
CA ALA B 415 -21.58 -27.12 28.94
C ALA B 415 -21.81 -28.47 29.60
N VAL B 416 -21.74 -29.56 28.82
CA VAL B 416 -21.90 -30.89 29.39
C VAL B 416 -20.84 -31.13 30.47
N MET B 417 -19.62 -30.63 30.25
CA MET B 417 -18.58 -30.80 31.25
C MET B 417 -18.97 -30.15 32.57
N MET B 418 -19.35 -28.88 32.52
CA MET B 418 -19.65 -28.17 33.76
C MET B 418 -20.94 -28.67 34.40
N GLY B 419 -21.93 -29.03 33.59
CA GLY B 419 -23.16 -29.57 34.12
C GLY B 419 -22.99 -30.85 34.91
N LEU B 420 -22.43 -31.87 34.25
CA LEU B 420 -22.24 -33.17 34.88
C LEU B 420 -21.24 -33.15 36.03
N GLY B 421 -20.44 -32.09 36.15
CA GLY B 421 -19.43 -32.03 37.20
C GLY B 421 -19.98 -32.16 38.61
N ASN B 422 -21.27 -31.89 38.80
CA ASN B 422 -21.87 -32.01 40.12
C ASN B 422 -22.18 -33.47 40.47
N THR B 423 -22.85 -34.19 39.57
CA THR B 423 -23.18 -35.58 39.85
C THR B 423 -21.93 -36.43 39.92
N LEU B 424 -21.10 -36.40 38.89
CA LEU B 424 -19.86 -37.14 38.91
C LEU B 424 -18.75 -36.25 39.46
N GLY B 425 -17.58 -36.84 39.67
CA GLY B 425 -16.45 -36.05 40.11
C GLY B 425 -16.09 -34.99 39.08
N ARG B 426 -15.68 -33.82 39.58
CA ARG B 426 -15.28 -32.75 38.67
C ARG B 426 -14.15 -33.23 37.76
N GLN B 427 -13.11 -33.81 38.35
CA GLN B 427 -12.01 -34.34 37.55
C GLN B 427 -12.53 -35.35 36.54
N TYR B 428 -13.37 -36.30 36.99
CA TYR B 428 -13.95 -37.29 36.09
C TYR B 428 -14.88 -36.64 35.08
N ALA B 429 -15.64 -35.63 35.50
CA ALA B 429 -16.55 -34.97 34.57
C ALA B 429 -15.79 -34.53 33.32
N HIS B 430 -14.69 -33.80 33.51
CA HIS B 430 -13.91 -33.36 32.36
C HIS B 430 -13.32 -34.55 31.61
N ASP B 431 -12.74 -35.50 32.34
CA ASP B 431 -12.08 -36.64 31.71
C ASP B 431 -13.03 -37.56 30.96
N ALA B 432 -14.31 -37.57 31.33
CA ALA B 432 -15.24 -38.49 30.66
C ALA B 432 -15.82 -37.87 29.38
N VAL B 433 -16.34 -36.65 29.47
CA VAL B 433 -16.86 -35.99 28.27
C VAL B 433 -15.74 -35.79 27.25
N TYR B 434 -14.56 -35.39 27.73
CA TYR B 434 -13.43 -35.22 26.82
C TYR B 434 -13.13 -36.50 26.06
N GLU B 435 -13.09 -37.64 26.77
CA GLU B 435 -12.88 -38.92 26.11
C GLU B 435 -14.08 -39.34 25.29
N CYS B 436 -15.30 -39.09 25.79
CA CYS B 436 -16.50 -39.40 25.03
C CYS B 436 -16.59 -38.57 23.74
N CYS B 437 -16.02 -37.36 23.74
CA CYS B 437 -16.04 -36.55 22.52
C CYS B 437 -15.15 -37.17 21.45
N ARG B 438 -13.93 -37.57 21.81
CA ARG B 438 -13.07 -38.25 20.85
C ARG B 438 -13.77 -39.46 20.24
N THR B 439 -14.44 -40.26 21.06
CA THR B 439 -15.18 -41.41 20.55
C THR B 439 -16.29 -40.97 19.59
N ALA B 440 -17.15 -40.06 20.05
CA ALA B 440 -18.24 -39.58 19.20
C ALA B 440 -17.74 -38.90 17.94
N PHE B 441 -16.55 -38.31 17.98
CA PHE B 441 -16.01 -37.65 16.80
C PHE B 441 -15.43 -38.65 15.81
N VAL B 442 -14.54 -39.54 16.27
CA VAL B 442 -13.99 -40.56 15.38
C VAL B 442 -15.08 -41.48 14.84
N GLN B 443 -16.14 -41.68 15.61
CA GLN B 443 -17.27 -42.50 15.19
C GLN B 443 -18.39 -41.70 14.55
N ASP B 444 -18.24 -40.38 14.44
CA ASP B 444 -19.25 -39.50 13.89
C ASP B 444 -20.65 -39.86 14.43
N ARG B 445 -20.73 -39.94 15.75
CA ARG B 445 -21.96 -40.23 16.46
C ARG B 445 -22.28 -39.12 17.44
N PRO B 446 -23.55 -38.94 17.81
CA PRO B 446 -23.91 -37.89 18.77
C PRO B 446 -23.14 -38.04 20.08
N LEU B 447 -22.80 -36.90 20.68
CA LEU B 447 -22.14 -36.93 21.98
C LEU B 447 -23.05 -37.55 23.04
N LEU B 448 -24.35 -37.26 22.97
CA LEU B 448 -25.29 -37.84 23.91
C LEU B 448 -25.22 -39.36 23.89
N ASP B 449 -25.08 -39.95 22.70
CA ASP B 449 -25.05 -41.40 22.60
C ASP B 449 -23.78 -41.99 23.19
N VAL B 450 -22.64 -41.32 23.02
CA VAL B 450 -21.41 -41.83 23.61
C VAL B 450 -21.40 -41.63 25.12
N LEU B 451 -22.02 -40.55 25.61
CA LEU B 451 -22.11 -40.32 27.05
C LEU B 451 -22.93 -41.42 27.71
N LEU B 452 -24.02 -41.84 27.07
CA LEU B 452 -24.89 -42.86 27.66
C LEU B 452 -24.30 -44.26 27.56
N GLU B 453 -23.31 -44.47 26.71
CA GLU B 453 -22.63 -45.76 26.66
C GLU B 453 -21.60 -45.92 27.76
N ASN B 454 -21.27 -44.84 28.47
CA ASN B 454 -20.53 -44.90 29.71
C ASN B 454 -21.52 -45.19 30.84
N HIS B 455 -21.26 -46.26 31.60
CA HIS B 455 -22.26 -46.75 32.53
C HIS B 455 -22.48 -45.79 33.70
N GLU B 456 -21.41 -45.25 34.28
CA GLU B 456 -21.59 -44.31 35.38
C GLU B 456 -22.48 -43.15 34.98
N ILE B 457 -22.30 -42.63 33.76
CA ILE B 457 -23.15 -41.55 33.28
C ILE B 457 -24.59 -42.04 33.17
N ALA B 458 -24.80 -43.16 32.47
CA ALA B 458 -26.15 -43.69 32.29
C ALA B 458 -26.80 -44.06 33.60
N SER B 459 -26.01 -44.31 34.65
CA SER B 459 -26.55 -44.74 35.94
C SER B 459 -26.81 -43.58 36.90
N LYS B 460 -25.96 -42.56 36.89
CA LYS B 460 -26.10 -41.45 37.83
C LYS B 460 -26.87 -40.27 37.26
N LEU B 461 -27.30 -40.35 36.00
CA LEU B 461 -28.08 -39.26 35.40
C LEU B 461 -28.86 -39.82 34.22
N ASP B 462 -30.06 -39.26 34.02
CA ASP B 462 -31.00 -39.78 33.03
C ASP B 462 -30.95 -38.98 31.73
N ARG B 463 -31.57 -39.55 30.69
CA ARG B 463 -31.46 -38.99 29.35
C ARG B 463 -32.08 -37.60 29.25
N THR B 464 -33.21 -37.37 29.92
CA THR B 464 -33.93 -36.11 29.74
C THR B 464 -33.06 -34.91 30.11
N GLU B 465 -32.28 -35.03 31.17
CA GLU B 465 -31.41 -33.94 31.60
C GLU B 465 -30.03 -33.99 30.95
N LEU B 466 -29.56 -35.20 30.60
CA LEU B 466 -28.33 -35.32 29.84
C LEU B 466 -28.49 -34.72 28.44
N GLU B 467 -29.65 -34.90 27.82
CA GLU B 467 -29.93 -34.24 26.55
C GLU B 467 -29.95 -32.72 26.72
N LYS B 468 -30.51 -32.23 27.82
CA LYS B 468 -30.63 -30.78 27.98
C LYS B 468 -29.27 -30.10 27.98
N LEU B 469 -28.23 -30.81 28.42
CA LEU B 469 -26.88 -30.24 28.37
C LEU B 469 -26.35 -30.18 26.94
N CYS B 470 -26.67 -31.20 26.14
CA CYS B 470 -26.20 -31.28 24.76
C CYS B 470 -26.99 -30.39 23.80
N ASP B 471 -28.00 -29.67 24.28
CA ASP B 471 -28.77 -28.80 23.41
C ASP B 471 -27.99 -27.51 23.16
N PRO B 472 -27.65 -27.18 21.91
CA PRO B 472 -26.88 -25.96 21.67
C PRO B 472 -27.59 -24.71 22.17
N ALA B 473 -28.92 -24.70 22.18
CA ALA B 473 -29.66 -23.54 22.63
C ALA B 473 -29.49 -23.27 24.12
N ASN B 474 -28.95 -24.22 24.88
CA ASN B 474 -28.79 -24.03 26.32
C ASN B 474 -27.46 -23.38 26.68
N TYR B 475 -26.48 -23.40 25.77
CA TYR B 475 -25.19 -22.77 25.98
C TYR B 475 -25.07 -21.51 25.15
N LEU B 476 -26.15 -20.73 25.12
CA LEU B 476 -26.17 -19.50 24.33
C LEU B 476 -25.42 -18.39 25.03
N GLY B 477 -25.20 -18.54 26.32
CA GLY B 477 -24.44 -17.60 27.08
C GLY B 477 -25.22 -16.35 27.42
N GLN B 478 -24.50 -15.40 27.98
CA GLN B 478 -25.07 -14.12 28.39
C GLN B 478 -24.95 -13.11 27.25
N CYS B 479 -25.67 -13.39 26.16
CA CYS B 479 -25.59 -12.56 24.96
C CYS B 479 -26.63 -11.45 24.94
N SER B 480 -27.90 -11.82 25.11
CA SER B 480 -28.96 -10.82 25.13
C SER B 480 -28.61 -9.66 26.04
N GLN B 481 -27.88 -9.93 27.12
CA GLN B 481 -27.47 -8.85 28.03
C GLN B 481 -26.45 -7.95 27.34
N TRP B 482 -25.45 -8.54 26.70
CA TRP B 482 -24.50 -7.73 25.93
C TRP B 482 -25.22 -6.93 24.84
N ILE B 483 -26.15 -7.55 24.12
CA ILE B 483 -26.90 -6.83 23.09
C ILE B 483 -27.57 -5.60 23.67
N ASP B 484 -28.13 -5.73 24.88
CA ASP B 484 -28.76 -4.58 25.52
C ASP B 484 -27.74 -3.49 25.83
N ARG B 485 -26.53 -3.90 26.21
CA ARG B 485 -25.49 -2.91 26.50
C ARG B 485 -25.19 -2.05 25.28
N VAL B 486 -25.14 -2.65 24.09
CA VAL B 486 -24.84 -1.87 22.88
C VAL B 486 -26.02 -0.99 22.50
N LEU B 487 -27.24 -1.40 22.78
CA LEU B 487 -28.42 -0.63 22.41
C LEU B 487 -28.77 0.47 23.41
N SER B 488 -28.07 0.55 24.53
CA SER B 488 -28.39 1.54 25.57
C SER B 488 -27.79 2.91 25.27
N PRO B 489 -26.56 2.99 24.71
CA PRO B 489 -26.02 4.32 24.37
C PRO B 489 -26.68 4.94 23.14
N GLY C 59 -4.36 10.89 -18.65
CA GLY C 59 -3.72 10.05 -19.67
C GLY C 59 -3.50 10.75 -20.99
N THR C 60 -2.96 9.98 -22.01
CA THR C 60 -2.69 10.54 -23.33
C THR C 60 -3.79 10.12 -24.32
N PRO C 61 -4.10 10.97 -25.30
CA PRO C 61 -5.18 10.62 -26.25
C PRO C 61 -5.04 9.22 -26.84
N GLN C 62 -3.82 8.76 -27.11
CA GLN C 62 -3.64 7.40 -27.64
C GLN C 62 -3.94 6.36 -26.58
N MET C 63 -3.38 6.52 -25.38
CA MET C 63 -3.65 5.54 -24.32
C MET C 63 -5.02 5.75 -23.73
N ARG C 64 -5.50 6.99 -23.69
CA ARG C 64 -6.83 7.26 -23.17
C ARG C 64 -7.88 6.72 -24.12
N GLU C 65 -7.48 6.40 -25.36
CA GLU C 65 -8.36 5.81 -26.36
C GLU C 65 -8.33 4.29 -26.38
N ILE C 66 -7.19 3.67 -26.05
CA ILE C 66 -7.15 2.22 -25.97
C ILE C 66 -8.19 1.70 -24.99
N TRP C 67 -8.36 2.39 -23.87
CA TRP C 67 -9.26 1.96 -22.80
C TRP C 67 -10.60 2.71 -22.83
N SER C 68 -10.91 3.39 -23.93
CA SER C 68 -12.22 4.00 -24.08
C SER C 68 -13.27 2.91 -24.32
N ASP C 69 -14.52 3.23 -23.97
CA ASP C 69 -15.61 2.28 -24.17
C ASP C 69 -15.67 1.81 -25.62
N GLN C 70 -15.60 2.75 -26.56
CA GLN C 70 -15.67 2.39 -27.98
C GLN C 70 -14.67 1.30 -28.33
N ASN C 71 -13.43 1.43 -27.84
CA ASN C 71 -12.43 0.41 -28.13
C ASN C 71 -12.79 -0.90 -27.44
N ARG C 72 -13.30 -0.82 -26.21
CA ARG C 72 -13.64 -2.03 -25.47
C ARG C 72 -14.75 -2.81 -26.16
N VAL C 73 -15.90 -2.17 -26.39
CA VAL C 73 -17.00 -2.84 -27.07
C VAL C 73 -16.62 -3.27 -28.48
N ALA C 74 -15.57 -2.67 -29.04
CA ALA C 74 -15.06 -3.15 -30.33
C ALA C 74 -14.37 -4.50 -30.17
N CYS C 75 -13.56 -4.66 -29.12
CA CYS C 75 -12.92 -5.95 -28.87
C CYS C 75 -13.95 -7.04 -28.61
N TYR C 76 -15.00 -6.74 -27.85
CA TYR C 76 -16.08 -7.71 -27.65
C TYR C 76 -16.56 -8.25 -28.99
N LEU C 77 -16.92 -7.35 -29.92
CA LEU C 77 -17.45 -7.80 -31.20
C LEU C 77 -16.41 -8.58 -32.00
N GLU C 78 -15.13 -8.22 -31.88
CA GLU C 78 -14.10 -8.99 -32.56
C GLU C 78 -13.96 -10.38 -31.97
N ILE C 79 -14.16 -10.50 -30.65
CA ILE C 79 -14.12 -11.81 -30.01
C ILE C 79 -15.33 -12.63 -30.42
N GLU C 80 -16.51 -12.01 -30.38
CA GLU C 80 -17.72 -12.73 -30.75
C GLU C 80 -17.64 -13.25 -32.18
N ALA C 81 -17.16 -12.40 -33.10
CA ALA C 81 -17.01 -12.82 -34.48
C ALA C 81 -16.07 -14.02 -34.61
N ALA C 82 -14.87 -13.92 -34.03
CA ALA C 82 -13.92 -15.01 -34.11
C ALA C 82 -14.51 -16.30 -33.55
N LEU C 83 -15.27 -16.20 -32.46
CA LEU C 83 -15.90 -17.40 -31.90
C LEU C 83 -16.92 -17.99 -32.86
N ALA C 84 -17.73 -17.12 -33.49
CA ALA C 84 -18.72 -17.62 -34.44
C ALA C 84 -18.06 -18.29 -35.63
N ILE C 85 -17.01 -17.67 -36.18
CA ILE C 85 -16.24 -18.29 -37.25
C ILE C 85 -15.69 -19.65 -36.80
N VAL C 86 -14.97 -19.66 -35.68
CA VAL C 86 -14.36 -20.89 -35.19
C VAL C 86 -15.42 -21.95 -34.93
N GLN C 87 -16.53 -21.57 -34.30
CA GLN C 87 -17.53 -22.55 -33.89
C GLN C 87 -18.34 -23.08 -35.08
N ALA C 88 -18.55 -22.24 -36.10
CA ALA C 88 -19.07 -22.75 -37.37
C ALA C 88 -18.07 -23.69 -38.02
N ASP C 89 -16.81 -23.26 -38.11
CA ASP C 89 -15.76 -24.08 -38.72
C ASP C 89 -15.64 -25.43 -38.05
N LEU C 90 -15.90 -25.52 -36.75
CA LEU C 90 -15.91 -26.81 -36.07
C LEU C 90 -17.24 -27.54 -36.20
N GLY C 91 -18.21 -26.95 -36.89
CA GLY C 91 -19.51 -27.56 -37.01
C GLY C 91 -20.34 -27.49 -35.74
N ILE C 92 -19.99 -26.59 -34.82
CA ILE C 92 -20.78 -26.46 -33.59
C ILE C 92 -21.99 -25.57 -33.83
N ILE C 93 -21.87 -24.59 -34.72
CA ILE C 93 -22.98 -23.69 -35.03
C ILE C 93 -23.14 -23.64 -36.54
N PRO C 94 -24.31 -23.20 -37.03
CA PRO C 94 -24.55 -23.19 -38.47
C PRO C 94 -23.65 -22.19 -39.19
N LYS C 95 -23.16 -22.60 -40.36
CA LYS C 95 -22.30 -21.74 -41.16
C LYS C 95 -23.01 -20.44 -41.54
N ASN C 96 -24.30 -20.53 -41.88
CA ASN C 96 -25.03 -19.34 -42.29
C ASN C 96 -25.24 -18.39 -41.12
N ALA C 97 -25.43 -18.95 -39.91
CA ALA C 97 -25.58 -18.11 -38.73
C ALA C 97 -24.34 -17.27 -38.47
N ALA C 98 -23.15 -17.86 -38.65
CA ALA C 98 -21.92 -17.11 -38.46
C ALA C 98 -21.88 -15.88 -39.37
N HIS C 99 -22.25 -16.04 -40.64
CA HIS C 99 -22.22 -14.90 -41.55
C HIS C 99 -23.09 -13.75 -41.07
N GLU C 100 -24.16 -14.04 -40.33
CA GLU C 100 -24.96 -12.93 -39.81
C GLU C 100 -24.33 -12.35 -38.57
N ILE C 101 -23.75 -13.20 -37.72
CA ILE C 101 -23.04 -12.73 -36.54
C ILE C 101 -21.87 -11.83 -36.95
N VAL C 102 -21.02 -12.29 -37.87
CA VAL C 102 -19.84 -11.51 -38.25
C VAL C 102 -20.24 -10.20 -38.93
N GLU C 103 -21.27 -10.24 -39.78
CA GLU C 103 -21.66 -9.02 -40.50
C GLU C 103 -22.12 -7.93 -39.55
N HIS C 104 -22.74 -8.29 -38.42
CA HIS C 104 -23.25 -7.33 -37.47
C HIS C 104 -22.31 -7.08 -36.30
N CYS C 105 -21.06 -7.51 -36.43
CA CYS C 105 -20.02 -7.21 -35.44
C CYS C 105 -19.28 -5.94 -35.83
N ARG C 106 -20.04 -4.85 -35.95
CA ARG C 106 -19.51 -3.54 -36.28
C ARG C 106 -19.97 -2.54 -35.22
N VAL C 107 -19.03 -1.86 -34.57
CA VAL C 107 -19.37 -0.93 -33.51
C VAL C 107 -20.29 0.17 -34.02
N GLN C 108 -20.18 0.49 -35.31
CA GLN C 108 -21.06 1.50 -35.91
C GLN C 108 -22.53 1.13 -35.76
N GLU C 109 -22.85 -0.14 -35.48
CA GLU C 109 -24.22 -0.62 -35.43
C GLU C 109 -24.75 -0.80 -34.00
N ILE C 110 -24.09 -0.21 -33.01
CA ILE C 110 -24.48 -0.39 -31.61
C ILE C 110 -25.06 0.92 -31.10
N ASP C 111 -26.27 0.85 -30.56
CA ASP C 111 -26.90 1.99 -29.91
C ASP C 111 -26.31 2.11 -28.51
N TRP C 112 -25.72 3.27 -28.21
CA TRP C 112 -25.05 3.45 -26.94
C TRP C 112 -26.01 3.64 -25.77
N ALA C 113 -27.04 2.78 -25.69
CA ALA C 113 -27.97 2.75 -24.58
C ALA C 113 -27.31 2.00 -23.43
N LEU C 114 -26.59 2.74 -22.59
CA LEU C 114 -25.89 2.15 -21.45
C LEU C 114 -26.79 1.19 -20.69
N TYR C 115 -26.21 0.09 -20.22
CA TYR C 115 -26.94 -0.94 -19.46
C TYR C 115 -26.18 -1.24 -18.19
N LYS C 116 -26.85 -1.04 -17.05
CA LYS C 116 -26.23 -1.26 -15.73
C LYS C 116 -27.13 -2.15 -14.86
N TYR C 124 -25.30 -4.95 -17.37
CA TYR C 124 -24.38 -5.96 -17.87
C TYR C 124 -23.38 -5.38 -18.86
N PRO C 125 -22.09 -5.67 -18.65
CA PRO C 125 -21.06 -5.07 -19.52
C PRO C 125 -21.02 -5.66 -20.92
N VAL C 126 -21.14 -6.98 -21.03
CA VAL C 126 -21.04 -7.69 -22.30
C VAL C 126 -22.41 -8.06 -22.84
N LEU C 127 -23.26 -8.65 -22.00
CA LEU C 127 -24.57 -9.08 -22.46
C LEU C 127 -25.41 -7.91 -22.96
N GLY C 128 -25.11 -6.69 -22.52
CA GLY C 128 -25.78 -5.53 -23.12
C GLY C 128 -25.45 -5.38 -24.59
N ILE C 129 -24.25 -5.81 -24.99
CA ILE C 129 -23.86 -5.78 -26.40
C ILE C 129 -24.37 -7.02 -27.14
N VAL C 130 -24.12 -8.21 -26.59
CA VAL C 130 -24.53 -9.44 -27.28
C VAL C 130 -26.04 -9.53 -27.43
N GLN C 131 -26.80 -8.83 -26.59
CA GLN C 131 -28.23 -8.74 -26.83
C GLN C 131 -28.52 -7.87 -28.05
N GLN C 132 -27.80 -6.75 -28.18
CA GLN C 132 -27.91 -5.93 -29.39
C GLN C 132 -27.35 -6.63 -30.61
N LEU C 133 -26.48 -7.63 -30.44
CA LEU C 133 -25.95 -8.36 -31.59
C LEU C 133 -26.89 -9.46 -32.03
N VAL C 134 -27.48 -10.20 -31.08
CA VAL C 134 -28.46 -11.23 -31.44
C VAL C 134 -29.73 -10.59 -32.00
N ALA C 135 -30.24 -9.57 -31.31
CA ALA C 135 -31.46 -8.89 -31.75
C ALA C 135 -31.25 -8.07 -33.02
N ASN C 136 -30.01 -7.94 -33.47
CA ASN C 136 -29.69 -7.23 -34.69
C ASN C 136 -29.47 -8.19 -35.87
N CYS C 137 -29.42 -9.49 -35.60
CA CYS C 137 -29.27 -10.49 -36.65
C CYS C 137 -30.63 -11.00 -37.11
N LYS C 138 -30.80 -11.09 -38.41
CA LYS C 138 -32.03 -11.57 -39.02
C LYS C 138 -32.13 -13.10 -38.94
N ASP C 139 -33.36 -13.59 -39.08
CA ASP C 139 -33.67 -15.01 -39.18
C ASP C 139 -33.46 -15.76 -37.86
N GLY C 140 -33.39 -15.06 -36.75
CA GLY C 140 -33.04 -15.72 -35.50
C GLY C 140 -31.74 -16.47 -35.59
N LEU C 141 -30.88 -16.11 -36.56
CA LEU C 141 -29.57 -16.72 -36.69
C LEU C 141 -28.60 -16.26 -35.60
N GLY C 142 -28.89 -15.13 -34.95
CA GLY C 142 -28.10 -14.60 -33.86
C GLY C 142 -28.15 -15.40 -32.58
N GLU C 143 -28.94 -16.47 -32.54
CA GLU C 143 -29.01 -17.30 -31.34
C GLU C 143 -27.74 -18.11 -31.11
N TYR C 144 -26.78 -18.06 -32.04
CA TYR C 144 -25.61 -18.92 -31.99
C TYR C 144 -24.35 -18.22 -31.50
N CYS C 145 -24.39 -16.91 -31.29
CA CYS C 145 -23.20 -16.24 -30.78
C CYS C 145 -23.08 -16.45 -29.27
N HIS C 146 -21.88 -16.21 -28.75
CA HIS C 146 -21.60 -16.32 -27.33
C HIS C 146 -21.81 -17.73 -26.81
N TRP C 147 -21.85 -18.73 -27.70
CA TRP C 147 -22.12 -20.10 -27.30
C TRP C 147 -20.96 -20.65 -26.47
N GLY C 148 -21.29 -21.16 -25.28
CA GLY C 148 -20.30 -21.73 -24.39
C GLY C 148 -19.37 -20.74 -23.74
N ALA C 149 -19.50 -19.45 -24.00
CA ALA C 149 -18.63 -18.43 -23.43
C ALA C 149 -19.35 -17.73 -22.28
N THR C 150 -18.59 -17.41 -21.24
CA THR C 150 -19.07 -16.64 -20.09
C THR C 150 -18.67 -15.18 -20.22
N THR C 151 -19.36 -14.32 -19.47
CA THR C 151 -19.12 -12.88 -19.57
C THR C 151 -17.65 -12.54 -19.31
N GLN C 152 -17.06 -13.13 -18.28
CA GLN C 152 -15.66 -12.82 -17.98
C GLN C 152 -14.73 -13.26 -19.12
N ASP C 153 -15.12 -14.31 -19.86
CA ASP C 153 -14.35 -14.74 -21.01
C ASP C 153 -14.15 -13.59 -22.00
N ILE C 154 -15.21 -12.85 -22.28
CA ILE C 154 -15.12 -11.73 -23.23
C ILE C 154 -14.28 -10.61 -22.64
N THR C 155 -14.56 -10.24 -21.38
CA THR C 155 -13.87 -9.09 -20.79
C THR C 155 -12.36 -9.35 -20.65
N ASP C 156 -12.00 -10.48 -20.03
CA ASP C 156 -10.58 -10.77 -19.82
C ASP C 156 -9.84 -10.85 -21.14
N THR C 157 -10.37 -11.60 -22.11
CA THR C 157 -9.70 -11.69 -23.40
C THR C 157 -9.60 -10.34 -24.08
N ALA C 158 -10.66 -9.52 -23.97
CA ALA C 158 -10.61 -8.17 -24.51
C ALA C 158 -9.57 -7.33 -23.79
N THR C 159 -9.53 -7.42 -22.46
CA THR C 159 -8.49 -6.71 -21.71
C THR C 159 -7.12 -7.10 -22.21
N VAL C 160 -6.89 -8.41 -22.39
CA VAL C 160 -5.62 -8.86 -22.92
C VAL C 160 -5.29 -8.12 -24.21
N MET C 161 -6.28 -7.99 -25.09
CA MET C 161 -6.07 -7.28 -26.34
C MET C 161 -5.69 -5.82 -26.10
N GLN C 162 -6.33 -5.17 -25.13
CA GLN C 162 -6.02 -3.77 -24.83
C GLN C 162 -4.64 -3.64 -24.21
N ILE C 163 -4.26 -4.58 -23.34
CA ILE C 163 -2.92 -4.55 -22.77
C ILE C 163 -1.87 -4.60 -23.86
N ARG C 164 -2.12 -5.38 -24.92
CA ARG C 164 -1.17 -5.45 -26.01
C ARG C 164 -1.04 -4.09 -26.70
N GLN C 165 -2.17 -3.47 -27.05
CA GLN C 165 -2.13 -2.13 -27.62
C GLN C 165 -1.45 -1.14 -26.68
N SER C 166 -1.72 -1.26 -25.38
CA SER C 166 -1.09 -0.36 -24.42
C SER C 166 0.40 -0.61 -24.33
N LEU C 167 0.81 -1.89 -24.27
CA LEU C 167 2.24 -2.19 -24.23
C LEU C 167 2.94 -1.85 -25.53
N THR C 168 2.19 -1.78 -26.64
CA THR C 168 2.76 -1.28 -27.89
C THR C 168 3.24 0.16 -27.73
N LEU C 169 2.39 1.02 -27.17
CA LEU C 169 2.79 2.40 -26.93
C LEU C 169 3.97 2.48 -25.96
N VAL C 170 3.94 1.67 -24.90
CA VAL C 170 5.01 1.73 -23.91
C VAL C 170 6.35 1.41 -24.55
N LYS C 171 6.37 0.40 -25.43
CA LYS C 171 7.62 0.05 -26.10
C LYS C 171 8.13 1.19 -26.96
N GLN C 172 7.23 1.91 -27.61
CA GLN C 172 7.64 3.03 -28.47
C GLN C 172 8.16 4.20 -27.65
N ARG C 173 7.44 4.56 -26.58
CA ARG C 173 7.88 5.64 -25.71
C ARG C 173 9.21 5.29 -25.04
N LEU C 174 9.39 4.03 -24.65
CA LEU C 174 10.66 3.63 -24.04
C LEU C 174 11.81 3.73 -25.03
N ASP C 175 11.56 3.45 -26.32
CA ASP C 175 12.60 3.62 -27.32
C ASP C 175 13.04 5.07 -27.42
N SER C 176 12.08 5.98 -27.53
CA SER C 176 12.41 7.41 -27.58
C SER C 176 13.21 7.82 -26.35
N ILE C 177 12.83 7.31 -25.18
CA ILE C 177 13.53 7.63 -23.95
C ILE C 177 14.94 7.06 -23.95
N VAL C 178 15.09 5.82 -24.43
CA VAL C 178 16.42 5.22 -24.48
C VAL C 178 17.28 5.94 -25.52
N SER C 179 16.68 6.33 -26.64
CA SER C 179 17.42 7.10 -27.64
C SER C 179 17.92 8.41 -27.06
N SER C 180 17.01 9.21 -26.49
CA SER C 180 17.39 10.49 -25.89
C SER C 180 18.54 10.33 -24.91
N LEU C 181 18.44 9.32 -24.04
CA LEU C 181 19.49 9.13 -23.04
C LEU C 181 20.81 8.74 -23.70
N GLU C 182 20.77 7.87 -24.70
CA GLU C 182 21.97 7.52 -25.44
C GLU C 182 22.65 8.77 -25.98
N HIS C 183 21.87 9.70 -26.55
CA HIS C 183 22.46 10.91 -27.11
C HIS C 183 23.03 11.80 -26.00
N LEU C 184 22.26 12.00 -24.93
CA LEU C 184 22.74 12.85 -23.84
C LEU C 184 23.97 12.25 -23.17
N ALA C 185 24.01 10.93 -23.01
CA ALA C 185 25.15 10.30 -22.37
C ALA C 185 26.43 10.55 -23.16
N GLU C 186 26.34 10.54 -24.49
CA GLU C 186 27.52 10.83 -25.32
C GLU C 186 27.83 12.32 -25.32
N GLN C 187 26.85 13.14 -25.72
CA GLN C 187 27.07 14.58 -25.85
C GLN C 187 27.72 15.15 -24.60
N HIS C 188 27.16 14.85 -23.44
CA HIS C 188 27.68 15.35 -22.17
C HIS C 188 28.57 14.32 -21.49
N ARG C 189 29.26 13.50 -22.28
CA ARG C 189 30.09 12.43 -21.73
C ARG C 189 31.11 12.99 -20.74
N ASN C 190 31.66 14.16 -21.02
CA ASN C 190 32.75 14.72 -20.24
C ASN C 190 32.35 15.94 -19.44
N VAL C 191 31.07 16.30 -19.43
CA VAL C 191 30.61 17.46 -18.69
C VAL C 191 30.72 17.13 -17.20
N PRO C 192 31.62 17.78 -16.47
CA PRO C 192 31.81 17.46 -15.05
C PRO C 192 30.70 18.01 -14.18
N MET C 193 30.52 17.35 -13.04
CA MET C 193 29.50 17.74 -12.06
C MET C 193 29.81 17.05 -10.74
N ALA C 194 29.14 17.49 -9.69
CA ALA C 194 29.33 16.97 -8.36
C ALA C 194 28.36 15.83 -8.09
N ALA C 195 28.90 14.65 -7.79
CA ALA C 195 28.05 13.58 -7.31
C ALA C 195 27.53 13.93 -5.92
N ARG C 196 26.26 13.62 -5.66
CA ARG C 196 25.58 14.05 -4.46
C ARG C 196 25.07 12.84 -3.70
N SER C 197 25.39 12.76 -2.41
CA SER C 197 24.96 11.69 -1.53
C SER C 197 24.18 12.30 -0.36
N ASN C 198 22.89 11.97 -0.27
CA ASN C 198 22.01 12.56 0.73
C ASN C 198 21.91 14.08 0.51
N LEU C 199 21.82 14.49 -0.75
CA LEU C 199 21.75 15.89 -1.17
C LEU C 199 23.02 16.66 -0.82
N LYS C 200 24.02 16.03 -0.22
CA LYS C 200 25.31 16.64 0.03
C LYS C 200 26.28 16.22 -1.08
N GLN C 201 27.22 17.11 -1.39
CA GLN C 201 28.20 16.80 -2.43
C GLN C 201 29.15 15.70 -1.97
N ALA C 202 29.63 14.92 -2.93
CA ALA C 202 30.47 13.75 -2.63
C ALA C 202 31.79 13.81 -3.38
N VAL C 203 31.78 13.38 -4.64
CA VAL C 203 32.96 13.44 -5.50
C VAL C 203 32.53 13.81 -6.91
N PRO C 204 33.50 14.23 -7.73
CA PRO C 204 33.16 14.66 -9.09
C PRO C 204 32.81 13.49 -9.99
N ILE C 205 31.80 13.71 -10.84
CA ILE C 205 31.44 12.80 -11.93
C ILE C 205 30.99 13.64 -13.12
N THR C 206 30.67 12.97 -14.21
CA THR C 206 30.19 13.63 -15.42
C THR C 206 28.70 13.43 -15.60
N PHE C 207 28.07 14.38 -16.28
CA PHE C 207 26.63 14.28 -16.52
C PHE C 207 26.29 13.07 -17.38
N GLY C 208 27.18 12.69 -18.29
CA GLY C 208 26.93 11.50 -19.09
C GLY C 208 26.86 10.24 -18.25
N PHE C 209 27.66 10.17 -17.19
CA PHE C 209 27.59 9.03 -16.28
C PHE C 209 26.22 8.94 -15.62
N LYS C 210 25.68 10.07 -15.18
CA LYS C 210 24.34 10.09 -14.61
C LYS C 210 23.30 9.62 -15.63
N MET C 211 23.34 10.18 -16.84
CA MET C 211 22.36 9.79 -17.85
C MET C 211 22.50 8.33 -18.24
N ALA C 212 23.72 7.80 -18.24
CA ALA C 212 23.91 6.39 -18.59
C ALA C 212 23.31 5.47 -17.55
N ARG C 213 23.41 5.82 -16.27
CA ARG C 213 22.86 4.99 -15.22
C ARG C 213 21.35 4.80 -15.39
N PHE C 214 20.67 5.86 -15.80
CA PHE C 214 19.25 5.74 -16.15
C PHE C 214 19.10 4.84 -17.37
N LEU C 215 19.92 5.07 -18.39
CA LEU C 215 19.84 4.29 -19.62
C LEU C 215 19.91 2.79 -19.34
N ALA C 216 20.91 2.37 -18.55
CA ALA C 216 21.03 0.95 -18.25
C ALA C 216 19.76 0.41 -17.59
N THR C 217 19.09 1.23 -16.77
CA THR C 217 17.88 0.80 -16.10
C THR C 217 16.71 0.69 -17.08
N PHE C 218 16.48 1.74 -17.88
CA PHE C 218 15.39 1.69 -18.84
C PHE C 218 15.54 0.53 -19.81
N ARG C 219 16.77 0.11 -20.08
CA ARG C 219 16.98 -1.08 -20.91
C ARG C 219 16.54 -2.34 -20.16
N ARG C 220 16.87 -2.44 -18.87
CA ARG C 220 16.38 -3.54 -18.07
C ARG C 220 14.85 -3.58 -18.09
N HIS C 221 14.21 -2.41 -17.95
CA HIS C 221 12.75 -2.37 -17.96
C HIS C 221 12.20 -2.93 -19.26
N GLN C 222 12.89 -2.68 -20.37
CA GLN C 222 12.45 -3.21 -21.66
C GLN C 222 12.52 -4.73 -21.70
N GLN C 223 13.60 -5.30 -21.18
CA GLN C 223 13.69 -6.75 -21.10
C GLN C 223 12.54 -7.32 -20.28
N ARG C 224 12.21 -6.69 -19.15
CA ARG C 224 11.11 -7.15 -18.31
C ARG C 224 9.79 -7.14 -19.07
N LEU C 225 9.54 -6.09 -19.85
CA LEU C 225 8.29 -6.01 -20.60
C LEU C 225 8.18 -7.17 -21.59
N VAL C 226 9.25 -7.48 -22.30
CA VAL C 226 9.20 -8.55 -23.29
C VAL C 226 8.90 -9.89 -22.62
N GLU C 227 9.53 -10.14 -21.47
CA GLU C 227 9.36 -11.42 -20.80
C GLU C 227 7.93 -11.63 -20.33
N LEU C 228 7.27 -10.57 -19.86
CA LEU C 228 5.90 -10.73 -19.39
C LEU C 228 4.88 -10.81 -20.53
N GLU C 229 5.21 -10.27 -21.71
CA GLU C 229 4.28 -10.32 -22.83
C GLU C 229 3.90 -11.75 -23.17
N LYS C 230 4.87 -12.68 -23.13
CA LYS C 230 4.59 -14.05 -23.53
C LYS C 230 3.62 -14.74 -22.57
N ARG C 231 3.51 -14.25 -21.34
CA ARG C 231 2.53 -14.78 -20.40
C ARG C 231 1.20 -14.02 -20.48
N VAL C 232 1.26 -12.70 -20.70
CA VAL C 232 0.05 -11.88 -20.66
C VAL C 232 -0.80 -12.10 -21.91
N TYR C 233 -0.16 -12.27 -23.07
CA TYR C 233 -0.86 -12.39 -24.34
C TYR C 233 -1.44 -13.80 -24.51
N THR C 234 -2.32 -14.16 -23.58
CA THR C 234 -2.98 -15.44 -23.55
C THR C 234 -4.49 -15.24 -23.68
N LEU C 235 -5.18 -16.31 -24.05
CA LEU C 235 -6.61 -16.29 -24.23
C LEU C 235 -7.34 -16.61 -22.92
N GLU C 236 -8.58 -16.14 -22.83
CA GLU C 236 -9.49 -16.42 -21.73
C GLU C 236 -10.78 -17.01 -22.27
N PHE C 237 -10.84 -18.35 -22.36
CA PHE C 237 -12.02 -19.06 -22.85
C PHE C 237 -12.16 -20.36 -22.06
N GLY C 238 -12.94 -20.30 -20.98
CA GLY C 238 -13.15 -21.46 -20.13
C GLY C 238 -14.60 -21.69 -19.75
N GLY C 239 -15.48 -20.79 -20.17
CA GLY C 239 -16.87 -20.96 -19.77
C GLY C 239 -17.07 -20.58 -18.31
N ALA C 240 -18.09 -21.20 -17.70
CA ALA C 240 -18.49 -20.81 -16.35
C ALA C 240 -17.45 -21.18 -15.32
N ALA C 241 -16.94 -22.41 -15.37
CA ALA C 241 -15.97 -22.88 -14.39
C ALA C 241 -14.63 -23.25 -15.01
N GLY C 242 -14.40 -22.92 -16.28
CA GLY C 242 -13.14 -23.26 -16.93
C GLY C 242 -13.12 -24.60 -17.60
N ASN C 243 -14.21 -25.38 -17.52
CA ASN C 243 -14.26 -26.71 -18.10
C ASN C 243 -14.99 -26.76 -19.44
N LEU C 244 -15.66 -25.67 -19.83
CA LEU C 244 -16.38 -25.61 -21.10
C LEU C 244 -17.35 -26.78 -21.22
N SER C 245 -18.24 -26.88 -20.22
CA SER C 245 -19.22 -27.97 -20.20
C SER C 245 -20.09 -27.94 -21.45
N SER C 246 -20.69 -26.78 -21.74
CA SER C 246 -21.67 -26.72 -22.82
C SER C 246 -21.06 -26.99 -24.20
N LEU C 247 -19.76 -26.78 -24.38
CA LEU C 247 -19.12 -27.15 -25.64
C LEU C 247 -18.74 -28.62 -25.71
N GLY C 248 -19.04 -29.41 -24.69
CA GLY C 248 -18.75 -30.82 -24.69
C GLY C 248 -17.30 -31.14 -25.04
N ASP C 249 -17.11 -31.97 -26.06
CA ASP C 249 -15.78 -32.38 -26.48
C ASP C 249 -15.13 -31.40 -27.45
N GLN C 250 -15.89 -30.42 -27.95
CA GLN C 250 -15.34 -29.39 -28.81
C GLN C 250 -14.77 -28.21 -28.04
N GLY C 251 -14.93 -28.17 -26.72
CA GLY C 251 -14.46 -27.05 -25.94
C GLY C 251 -13.00 -26.71 -26.13
N ILE C 252 -12.11 -27.68 -25.87
CA ILE C 252 -10.69 -27.43 -26.05
C ILE C 252 -10.38 -27.11 -27.51
N ALA C 253 -11.09 -27.74 -28.43
CA ALA C 253 -10.95 -27.42 -29.85
C ALA C 253 -11.31 -25.97 -30.13
N THR C 254 -12.43 -25.50 -29.57
CA THR C 254 -12.85 -24.11 -29.78
C THR C 254 -11.85 -23.13 -29.17
N HIS C 255 -11.39 -23.41 -27.95
CA HIS C 255 -10.46 -22.49 -27.30
C HIS C 255 -9.20 -22.31 -28.14
N ASP C 256 -8.55 -23.42 -28.50
CA ASP C 256 -7.31 -23.34 -29.28
C ASP C 256 -7.53 -22.68 -30.62
N ALA C 257 -8.68 -22.94 -31.25
CA ALA C 257 -9.02 -22.28 -32.50
C ALA C 257 -9.11 -20.76 -32.32
N LEU C 258 -9.83 -20.33 -31.28
CA LEU C 258 -10.01 -18.90 -31.05
C LEU C 258 -8.68 -18.22 -30.73
N ALA C 259 -7.79 -18.90 -29.99
CA ALA C 259 -6.50 -18.33 -29.67
C ALA C 259 -5.71 -18.00 -30.93
N LYS C 260 -5.66 -18.95 -31.88
CA LYS C 260 -5.00 -18.68 -33.15
C LYS C 260 -5.72 -17.59 -33.92
N MET C 261 -7.06 -17.58 -33.85
CA MET C 261 -7.82 -16.56 -34.57
C MET C 261 -7.49 -15.16 -34.07
N LEU C 262 -7.17 -15.02 -32.79
CA LEU C 262 -6.94 -13.72 -32.18
C LEU C 262 -5.45 -13.45 -31.97
N ASP C 263 -4.58 -14.26 -32.56
CA ASP C 263 -3.14 -14.11 -32.40
C ASP C 263 -2.78 -14.02 -30.91
N LEU C 264 -3.36 -14.94 -30.13
CA LEU C 264 -3.10 -15.06 -28.71
C LEU C 264 -2.60 -16.46 -28.40
N ALA C 265 -1.86 -16.58 -27.31
CA ALA C 265 -1.41 -17.91 -26.93
C ALA C 265 -2.58 -18.67 -26.31
N PRO C 266 -2.72 -19.95 -26.62
CA PRO C 266 -3.77 -20.73 -25.97
C PRO C 266 -3.43 -20.87 -24.49
N ALA C 267 -4.45 -21.00 -23.67
CA ALA C 267 -4.23 -21.10 -22.24
C ALA C 267 -4.12 -22.56 -21.85
N GLU C 268 -3.16 -22.86 -20.97
CA GLU C 268 -3.03 -24.22 -20.42
C GLU C 268 -4.31 -24.64 -19.72
N ILE C 269 -4.87 -23.73 -18.93
CA ILE C 269 -6.11 -23.98 -18.20
C ILE C 269 -6.70 -22.62 -17.85
N ALA C 270 -7.94 -22.62 -17.38
CA ALA C 270 -8.65 -21.37 -17.11
C ALA C 270 -7.91 -20.53 -16.07
N TRP C 271 -8.10 -19.21 -16.13
CA TRP C 271 -7.46 -18.29 -15.19
C TRP C 271 -8.42 -17.19 -14.76
N HIS C 272 -9.68 -17.54 -14.56
CA HIS C 272 -10.69 -16.56 -14.15
C HIS C 272 -10.46 -16.03 -12.75
N THR C 273 -9.80 -16.80 -11.89
CA THR C 273 -9.50 -16.41 -10.52
C THR C 273 -8.01 -16.39 -10.24
N GLU C 274 -7.19 -16.54 -11.28
CA GLU C 274 -5.75 -16.59 -11.09
C GLU C 274 -5.21 -15.18 -10.87
N HIS C 275 -5.33 -14.30 -11.86
CA HIS C 275 -4.88 -12.91 -11.77
C HIS C 275 -3.38 -12.80 -11.61
N ASP C 276 -2.64 -13.85 -11.95
CA ASP C 276 -1.19 -13.76 -11.89
C ASP C 276 -0.68 -12.92 -13.04
N ARG C 277 -1.34 -13.02 -14.19
CA ARG C 277 -0.93 -12.28 -15.38
C ARG C 277 -1.10 -10.78 -15.18
N PHE C 278 -2.34 -10.34 -14.90
CA PHE C 278 -2.59 -8.91 -14.76
C PHE C 278 -1.73 -8.29 -13.67
N ALA C 279 -1.54 -9.00 -12.55
CA ALA C 279 -0.71 -8.46 -11.48
C ALA C 279 0.72 -8.25 -11.94
N GLU C 280 1.26 -9.20 -12.71
CA GLU C 280 2.59 -9.06 -13.29
C GLU C 280 2.71 -7.75 -14.06
N VAL C 281 1.69 -7.43 -14.88
CA VAL C 281 1.66 -6.16 -15.60
C VAL C 281 1.70 -5.00 -14.63
N GLY C 282 0.82 -5.02 -13.63
CA GLY C 282 0.75 -3.97 -12.62
C GLY C 282 2.08 -3.71 -11.93
N THR C 283 2.68 -4.76 -11.38
CA THR C 283 3.97 -4.61 -10.71
C THR C 283 5.03 -4.09 -11.68
N PHE C 284 4.92 -4.45 -12.97
CA PHE C 284 5.84 -3.90 -13.96
C PHE C 284 5.65 -2.39 -14.09
N LEU C 285 4.40 -1.95 -14.30
CA LEU C 285 4.13 -0.52 -14.34
C LEU C 285 4.64 0.17 -13.06
N GLY C 286 4.59 -0.53 -11.94
CA GLY C 286 5.13 0.04 -10.70
C GLY C 286 6.62 0.23 -10.77
N LEU C 287 7.35 -0.80 -11.23
CA LEU C 287 8.79 -0.68 -11.36
C LEU C 287 9.15 0.43 -12.35
N LEU C 288 8.48 0.44 -13.51
CA LEU C 288 8.80 1.42 -14.54
C LEU C 288 8.55 2.84 -14.04
N THR C 289 7.35 3.11 -13.52
CA THR C 289 7.06 4.42 -12.99
C THR C 289 8.02 4.77 -11.85
N GLY C 290 8.50 3.78 -11.12
CA GLY C 290 9.47 4.04 -10.07
C GLY C 290 10.71 4.72 -10.62
N THR C 291 11.24 4.22 -11.74
CA THR C 291 12.41 4.84 -12.35
C THR C 291 12.07 6.21 -12.91
N LEU C 292 10.94 6.32 -13.61
CA LEU C 292 10.50 7.62 -14.11
C LEU C 292 10.36 8.62 -12.96
N ALA C 293 10.08 8.14 -11.75
CA ALA C 293 10.01 9.03 -10.59
C ALA C 293 11.41 9.50 -10.17
N LYS C 294 12.39 8.60 -10.17
CA LYS C 294 13.76 9.02 -9.85
C LYS C 294 14.25 10.05 -10.87
N LEU C 295 13.93 9.85 -12.14
CA LEU C 295 14.34 10.79 -13.17
C LEU C 295 13.72 12.16 -12.92
N ALA C 296 12.41 12.20 -12.65
CA ALA C 296 11.74 13.46 -12.40
C ALA C 296 12.31 14.17 -11.17
N THR C 297 12.72 13.40 -10.16
CA THR C 297 13.32 13.99 -8.97
C THR C 297 14.67 14.62 -9.30
N ASP C 298 15.52 13.90 -10.02
CA ASP C 298 16.86 14.41 -10.31
C ASP C 298 16.82 15.68 -11.16
N ILE C 299 15.91 15.73 -12.14
CA ILE C 299 15.83 16.91 -13.00
C ILE C 299 15.39 18.13 -12.19
N LYS C 300 14.23 18.07 -11.55
CA LYS C 300 13.76 19.23 -10.81
C LYS C 300 14.67 19.52 -9.63
N LEU C 301 15.38 18.51 -9.12
CA LEU C 301 16.45 18.78 -8.16
C LEU C 301 17.57 19.57 -8.82
N MET C 302 17.98 19.15 -10.03
CA MET C 302 19.03 19.83 -10.78
C MET C 302 18.54 21.11 -11.44
N SER C 303 17.23 21.33 -11.52
CA SER C 303 16.68 22.58 -12.01
C SER C 303 16.25 23.50 -10.87
N GLN C 304 16.63 23.15 -9.64
CA GLN C 304 16.36 23.98 -8.48
C GLN C 304 16.98 25.36 -8.68
N THR C 305 16.37 26.38 -8.07
CA THR C 305 16.88 27.74 -8.23
C THR C 305 18.33 27.86 -7.78
N GLU C 306 18.67 27.28 -6.65
CA GLU C 306 20.02 27.37 -6.10
C GLU C 306 21.01 26.43 -6.79
N VAL C 307 20.56 25.58 -7.71
CA VAL C 307 21.43 24.62 -8.39
C VAL C 307 21.59 25.02 -9.86
N GLY C 308 20.52 24.90 -10.63
CA GLY C 308 20.52 25.40 -12.00
C GLY C 308 21.42 24.64 -12.95
N GLU C 309 21.70 23.37 -12.67
CA GLU C 309 22.58 22.58 -13.52
C GLU C 309 21.91 22.13 -14.81
N VAL C 310 20.57 22.03 -14.83
CA VAL C 310 19.79 21.66 -16.01
C VAL C 310 18.52 22.49 -16.05
N GLY C 311 17.78 22.38 -17.15
CA GLY C 311 16.54 23.11 -17.31
C GLY C 311 15.49 22.41 -18.16
N GLU C 312 14.25 22.36 -17.66
CA GLU C 312 13.17 21.73 -18.40
C GLU C 312 12.74 22.62 -19.56
N PRO C 313 12.06 22.05 -20.56
CA PRO C 313 11.49 22.83 -21.66
C PRO C 313 10.04 23.22 -21.38
N SER C 332 6.65 19.88 -15.44
CA SER C 332 6.32 18.68 -16.22
C SER C 332 6.85 17.43 -15.55
N CYS C 333 7.95 17.57 -14.81
CA CYS C 333 8.45 16.43 -14.03
C CYS C 333 7.65 16.25 -12.76
N VAL C 334 7.10 17.34 -12.21
CA VAL C 334 6.33 17.24 -10.98
C VAL C 334 5.10 16.36 -11.15
N TYR C 335 4.60 16.23 -12.39
CA TYR C 335 3.44 15.38 -12.61
C TYR C 335 3.80 13.92 -12.54
N ILE C 336 4.97 13.55 -13.06
CA ILE C 336 5.39 12.14 -13.02
C ILE C 336 5.45 11.64 -11.60
N HIS C 337 5.72 12.53 -10.64
CA HIS C 337 5.81 12.10 -9.24
C HIS C 337 4.49 11.50 -8.78
N ALA C 338 3.37 12.12 -9.13
CA ALA C 338 2.07 11.61 -8.73
C ALA C 338 1.78 10.26 -9.39
N CYS C 339 2.08 10.14 -10.69
CA CYS C 339 1.88 8.87 -11.38
C CYS C 339 2.59 7.74 -10.66
N ALA C 340 3.88 7.93 -10.34
CA ALA C 340 4.63 6.90 -9.66
C ALA C 340 3.95 6.50 -8.35
N ALA C 341 3.46 7.50 -7.60
CA ALA C 341 2.83 7.22 -6.32
C ALA C 341 1.48 6.52 -6.50
N ASN C 342 0.69 6.93 -7.49
CA ASN C 342 -0.61 6.31 -7.72
C ASN C 342 -0.47 4.90 -8.29
N VAL C 343 0.47 4.70 -9.21
CA VAL C 343 0.62 3.41 -9.86
C VAL C 343 1.10 2.37 -8.85
N ARG C 344 2.02 2.74 -7.96
CA ARG C 344 2.53 1.76 -7.01
C ARG C 344 1.44 1.29 -6.06
N GLN C 345 0.64 2.22 -5.51
CA GLN C 345 -0.43 1.80 -4.60
C GLN C 345 -1.48 1.01 -5.35
N GLY C 346 -1.77 1.39 -6.59
CA GLY C 346 -2.64 0.58 -7.42
C GLY C 346 -2.09 -0.83 -7.58
N ALA C 347 -0.78 -0.95 -7.81
CA ALA C 347 -0.16 -2.26 -7.94
C ALA C 347 -0.41 -3.11 -6.70
N ALA C 348 -0.32 -2.51 -5.51
CA ALA C 348 -0.63 -3.25 -4.29
C ALA C 348 -2.06 -3.78 -4.32
N ALA C 349 -3.00 -2.96 -4.79
CA ALA C 349 -4.38 -3.43 -4.94
C ALA C 349 -4.44 -4.65 -5.85
N LEU C 350 -3.70 -4.63 -6.95
CA LEU C 350 -3.73 -5.75 -7.88
C LEU C 350 -3.16 -7.02 -7.24
N LEU C 351 -2.11 -6.87 -6.42
CA LEU C 351 -1.61 -8.00 -5.67
C LEU C 351 -2.63 -8.50 -4.67
N ASP C 352 -3.41 -7.59 -4.08
CA ASP C 352 -4.47 -8.00 -3.16
C ASP C 352 -5.56 -8.76 -3.91
N ALA C 353 -5.90 -8.30 -5.12
CA ALA C 353 -6.91 -8.98 -5.92
C ALA C 353 -6.54 -10.42 -6.24
N MET C 354 -5.27 -10.79 -6.06
CA MET C 354 -4.85 -12.16 -6.34
C MET C 354 -5.46 -13.16 -5.36
N GLN C 355 -5.85 -12.71 -4.17
CA GLN C 355 -6.47 -13.57 -3.17
C GLN C 355 -7.96 -13.76 -3.49
N SER C 356 -8.21 -14.31 -4.67
CA SER C 356 -9.58 -14.63 -5.06
C SER C 356 -9.96 -15.99 -4.50
N ASP C 357 -11.24 -16.32 -4.62
CA ASP C 357 -11.78 -17.55 -4.06
C ASP C 357 -12.35 -18.42 -5.17
N HIS C 358 -11.97 -19.69 -5.15
CA HIS C 358 -12.54 -20.72 -6.02
C HIS C 358 -12.47 -20.37 -7.49
N GLU C 359 -13.56 -20.60 -8.23
CA GLU C 359 -13.53 -20.55 -9.69
C GLU C 359 -13.97 -19.23 -10.31
N ALA C 360 -14.71 -18.40 -9.59
CA ALA C 360 -15.08 -17.09 -10.11
C ALA C 360 -15.50 -16.20 -8.95
N GLY C 361 -15.12 -14.93 -9.03
CA GLY C 361 -15.43 -14.02 -7.94
C GLY C 361 -15.44 -12.56 -8.33
N THR C 362 -16.60 -11.90 -8.21
CA THR C 362 -16.63 -10.47 -8.39
C THR C 362 -15.92 -9.81 -7.22
N GLY C 363 -15.42 -8.60 -7.45
CA GLY C 363 -14.67 -7.92 -6.43
C GLY C 363 -13.20 -7.95 -6.75
N PRO C 364 -12.55 -9.11 -6.55
CA PRO C 364 -11.18 -9.24 -7.06
C PRO C 364 -11.09 -8.85 -8.52
N TRP C 365 -12.06 -9.32 -9.33
CA TRP C 365 -12.14 -8.90 -10.72
C TRP C 365 -12.38 -7.39 -10.81
N GLU C 366 -13.30 -6.87 -9.98
CA GLU C 366 -13.58 -5.44 -10.01
C GLU C 366 -12.34 -4.61 -9.70
N ILE C 367 -11.56 -5.02 -8.70
CA ILE C 367 -10.32 -4.30 -8.37
C ILE C 367 -9.44 -4.18 -9.60
N ILE C 368 -9.27 -5.28 -10.33
CA ILE C 368 -8.49 -5.25 -11.56
C ILE C 368 -9.19 -4.38 -12.59
N TRP C 369 -10.52 -4.50 -12.68
CA TRP C 369 -11.32 -3.74 -13.64
C TRP C 369 -11.15 -2.23 -13.47
N VAL C 370 -10.85 -1.77 -12.26
CA VAL C 370 -10.73 -0.35 -11.97
C VAL C 370 -9.27 0.12 -12.04
N GLN C 371 -8.37 -0.62 -11.39
CA GLN C 371 -7.00 -0.16 -11.26
C GLN C 371 -6.22 -0.26 -12.57
N LEU C 372 -6.37 -1.37 -13.28
CA LEU C 372 -5.58 -1.59 -14.49
C LEU C 372 -5.69 -0.45 -15.49
N PRO C 373 -6.87 -0.03 -15.92
CA PRO C 373 -6.95 1.11 -16.84
C PRO C 373 -6.39 2.39 -16.24
N LEU C 374 -6.61 2.64 -14.95
CA LEU C 374 -6.03 3.81 -14.30
C LEU C 374 -4.51 3.75 -14.34
N MET C 375 -3.93 2.61 -13.96
CA MET C 375 -2.48 2.48 -13.92
C MET C 375 -1.88 2.63 -15.30
N MET C 376 -2.58 2.13 -16.33
CA MET C 376 -2.07 2.27 -17.70
C MET C 376 -2.02 3.73 -18.12
N ASN C 377 -3.04 4.51 -17.76
CA ASN C 377 -3.07 5.91 -18.19
C ASN C 377 -2.14 6.76 -17.35
N TRP C 378 -1.97 6.43 -16.08
CA TRP C 378 -0.97 7.12 -15.28
C TRP C 378 0.43 6.87 -15.83
N THR C 379 0.72 5.62 -16.19
CA THR C 379 2.04 5.28 -16.71
C THR C 379 2.31 5.97 -18.05
N SER C 380 1.28 6.08 -18.91
CA SER C 380 1.49 6.74 -20.20
C SER C 380 1.75 8.23 -20.01
N ALA C 381 1.00 8.87 -19.10
CA ALA C 381 1.27 10.26 -18.77
C ALA C 381 2.73 10.46 -18.34
N ALA C 382 3.23 9.56 -17.49
CA ALA C 382 4.62 9.65 -17.07
C ALA C 382 5.56 9.48 -18.27
N LEU C 383 5.35 8.43 -19.06
CA LEU C 383 6.22 8.18 -20.20
C LEU C 383 6.21 9.35 -21.19
N ASN C 384 5.04 9.96 -21.41
CA ASN C 384 4.96 11.10 -22.31
C ASN C 384 5.79 12.27 -21.79
N ASN C 385 5.54 12.69 -20.55
CA ASN C 385 6.32 13.76 -19.95
C ASN C 385 7.81 13.43 -19.95
N ALA C 386 8.16 12.22 -19.47
CA ALA C 386 9.56 11.84 -19.43
C ALA C 386 10.20 11.91 -20.81
N ASP C 387 9.53 11.34 -21.83
CA ASP C 387 10.07 11.37 -23.19
C ASP C 387 10.32 12.81 -23.65
N PHE C 388 9.36 13.70 -23.40
CA PHE C 388 9.46 15.08 -23.88
C PHE C 388 10.60 15.84 -23.19
N VAL C 389 10.64 15.82 -21.86
CA VAL C 389 11.64 16.57 -21.13
C VAL C 389 13.05 16.10 -21.48
N LEU C 390 13.21 14.79 -21.75
CA LEU C 390 14.53 14.29 -22.11
C LEU C 390 14.97 14.79 -23.47
N ARG C 391 14.05 14.79 -24.45
CA ARG C 391 14.43 15.30 -25.77
C ARG C 391 14.75 16.79 -25.73
N GLY C 392 14.09 17.55 -24.87
CA GLY C 392 14.32 18.97 -24.83
C GLY C 392 15.05 19.46 -23.61
N LEU C 393 15.79 18.57 -22.94
CA LEU C 393 16.44 18.94 -21.70
C LEU C 393 17.59 19.90 -22.00
N GLN C 394 17.62 21.03 -21.29
CA GLN C 394 18.69 22.00 -21.43
C GLN C 394 19.72 21.77 -20.33
N VAL C 395 20.98 21.64 -20.74
CA VAL C 395 22.08 21.39 -19.81
C VAL C 395 23.04 22.57 -19.86
N PHE C 396 23.34 23.14 -18.69
CA PHE C 396 24.20 24.31 -18.55
C PHE C 396 25.49 23.87 -17.86
N PRO C 397 26.51 23.46 -18.61
CA PRO C 397 27.74 22.96 -17.98
C PRO C 397 28.39 23.95 -17.04
N ASP C 398 28.21 25.25 -17.28
CA ASP C 398 28.85 26.25 -16.41
C ASP C 398 28.34 26.14 -14.98
N ALA C 399 27.02 25.96 -14.81
CA ALA C 399 26.47 25.82 -13.46
C ALA C 399 27.09 24.63 -12.74
N MET C 400 27.25 23.51 -13.43
CA MET C 400 27.90 22.34 -12.82
C MET C 400 29.32 22.69 -12.41
N GLN C 401 30.04 23.41 -13.27
CA GLN C 401 31.36 23.92 -12.90
C GLN C 401 31.26 24.84 -11.69
N HIS C 402 30.28 25.74 -11.69
CA HIS C 402 30.14 26.70 -10.60
C HIS C 402 29.94 25.99 -9.27
N ASN C 403 29.00 25.05 -9.22
CA ASN C 403 28.77 24.30 -7.99
C ASN C 403 29.98 23.46 -7.61
N LEU C 404 30.70 22.92 -8.60
CA LEU C 404 31.85 22.09 -8.29
C LEU C 404 32.92 22.86 -7.54
N ASP C 405 33.06 24.16 -7.82
CA ASP C 405 34.08 24.98 -7.19
C ASP C 405 33.64 25.55 -5.84
N LEU C 406 32.38 25.35 -5.45
CA LEU C 406 31.92 25.88 -4.17
C LEU C 406 32.77 25.32 -3.02
N SER C 407 33.15 24.06 -3.09
CA SER C 407 34.00 23.48 -2.06
C SER C 407 35.43 23.98 -2.14
N LYS C 408 35.79 24.67 -3.23
CA LYS C 408 37.14 25.24 -3.39
C LYS C 408 38.22 24.16 -3.28
N GLY C 409 37.94 22.99 -3.88
CA GLY C 409 38.87 21.89 -3.94
C GLY C 409 38.67 20.80 -2.91
N LEU C 410 37.95 21.07 -1.81
CA LEU C 410 37.70 20.02 -0.84
C LEU C 410 37.04 18.81 -1.48
N ILE C 411 36.21 19.03 -2.50
CA ILE C 411 35.49 17.92 -3.12
C ILE C 411 36.46 16.91 -3.73
N VAL C 412 37.65 17.38 -4.13
CA VAL C 412 38.65 16.49 -4.72
C VAL C 412 39.78 16.29 -3.73
N SER C 413 39.46 16.34 -2.43
CA SER C 413 40.49 16.15 -1.41
C SER C 413 41.14 14.78 -1.51
N GLU C 414 40.37 13.75 -1.90
CA GLU C 414 40.95 12.42 -2.05
C GLU C 414 42.07 12.42 -3.08
N ALA C 415 41.94 13.24 -4.14
CA ALA C 415 42.97 13.30 -5.17
C ALA C 415 44.28 13.85 -4.58
N VAL C 416 44.20 14.94 -3.83
CA VAL C 416 45.39 15.51 -3.22
C VAL C 416 46.09 14.50 -2.34
N MET C 417 45.31 13.69 -1.61
CA MET C 417 45.90 12.68 -0.73
C MET C 417 46.75 11.68 -1.52
N MET C 418 46.18 11.13 -2.60
CA MET C 418 46.89 10.10 -3.35
C MET C 418 48.12 10.65 -4.04
N GLY C 419 48.05 11.89 -4.51
CA GLY C 419 49.22 12.51 -5.12
C GLY C 419 50.37 12.60 -4.14
N LEU C 420 50.13 13.28 -3.02
CA LEU C 420 51.18 13.43 -2.02
C LEU C 420 51.56 12.09 -1.40
N GLY C 421 50.68 11.09 -1.50
CA GLY C 421 50.98 9.77 -0.96
C GLY C 421 52.18 9.11 -1.58
N ASN C 422 52.57 9.54 -2.79
CA ASN C 422 53.73 8.96 -3.45
C ASN C 422 55.03 9.49 -2.87
N THR C 423 55.17 10.81 -2.80
CA THR C 423 56.39 11.41 -2.24
C THR C 423 56.46 11.26 -0.73
N LEU C 424 55.41 11.70 -0.01
CA LEU C 424 55.38 11.68 1.45
C LEU C 424 54.77 10.42 2.05
N GLY C 425 54.05 9.63 1.29
CA GLY C 425 53.48 8.39 1.83
C GLY C 425 51.96 8.47 1.82
N ARG C 426 51.33 7.34 1.51
CA ARG C 426 49.86 7.31 1.43
C ARG C 426 49.21 7.58 2.78
N GLN C 427 49.54 6.78 3.79
CA GLN C 427 48.88 6.91 5.09
C GLN C 427 49.11 8.29 5.68
N TYR C 428 50.37 8.75 5.66
CA TYR C 428 50.68 10.07 6.20
C TYR C 428 49.97 11.16 5.41
N ALA C 429 49.87 10.99 4.09
CA ALA C 429 49.24 12.00 3.25
C ALA C 429 47.82 12.34 3.71
N HIS C 430 46.96 11.33 3.86
CA HIS C 430 45.58 11.62 4.25
C HIS C 430 45.51 12.25 5.64
N ASP C 431 46.28 11.70 6.59
CA ASP C 431 46.23 12.20 7.95
C ASP C 431 46.66 13.66 8.02
N ALA C 432 47.48 14.10 7.06
CA ALA C 432 47.97 15.47 6.98
C ALA C 432 47.06 16.37 6.14
N VAL C 433 46.66 15.89 4.96
CA VAL C 433 45.78 16.67 4.10
C VAL C 433 44.45 16.95 4.79
N TYR C 434 43.94 15.98 5.55
CA TYR C 434 42.71 16.20 6.29
C TYR C 434 42.82 17.45 7.16
N GLU C 435 43.97 17.63 7.81
CA GLU C 435 44.16 18.82 8.64
C GLU C 435 44.16 20.08 7.79
N CYS C 436 44.74 20.03 6.59
CA CYS C 436 44.65 21.17 5.69
C CYS C 436 43.20 21.44 5.28
N CYS C 437 42.38 20.38 5.23
CA CYS C 437 40.96 20.57 4.90
C CYS C 437 40.23 21.28 6.04
N ARG C 438 40.43 20.82 7.28
CA ARG C 438 39.82 21.49 8.42
C ARG C 438 40.17 22.98 8.42
N THR C 439 41.45 23.30 8.18
CA THR C 439 41.88 24.69 8.13
C THR C 439 41.23 25.42 6.94
N ALA C 440 41.37 24.88 5.74
CA ALA C 440 40.83 25.55 4.56
C ALA C 440 39.34 25.75 4.68
N PHE C 441 38.65 24.86 5.39
CA PHE C 441 37.21 25.01 5.59
C PHE C 441 36.90 26.03 6.67
N VAL C 442 37.54 25.90 7.83
CA VAL C 442 37.31 26.83 8.93
C VAL C 442 37.68 28.25 8.54
N GLN C 443 38.65 28.40 7.64
CA GLN C 443 39.07 29.71 7.16
C GLN C 443 38.39 30.10 5.85
N ASP C 444 37.54 29.23 5.31
CA ASP C 444 36.89 29.46 4.02
C ASP C 444 37.89 29.91 2.97
N ARG C 445 38.98 29.17 2.85
CA ARG C 445 40.01 29.46 1.88
C ARG C 445 40.22 28.26 0.97
N PRO C 446 40.66 28.47 -0.27
CA PRO C 446 40.87 27.36 -1.19
C PRO C 446 41.80 26.32 -0.58
N LEU C 447 41.52 25.05 -0.89
CA LEU C 447 42.38 23.98 -0.41
C LEU C 447 43.80 24.16 -0.92
N LEU C 448 43.94 24.61 -2.17
CA LEU C 448 45.27 24.86 -2.72
C LEU C 448 46.04 25.87 -1.88
N ASP C 449 45.36 26.92 -1.38
CA ASP C 449 46.06 27.95 -0.62
C ASP C 449 46.56 27.43 0.72
N VAL C 450 45.76 26.59 1.38
CA VAL C 450 46.20 26.03 2.65
C VAL C 450 47.26 24.96 2.43
N LEU C 451 47.17 24.25 1.31
CA LEU C 451 48.20 23.27 0.97
C LEU C 451 49.54 23.93 0.74
N LEU C 452 49.56 25.09 0.07
CA LEU C 452 50.81 25.75 -0.29
C LEU C 452 51.50 26.39 0.91
N GLU C 453 50.77 26.66 1.99
CA GLU C 453 51.37 27.21 3.20
C GLU C 453 52.03 26.15 4.07
N ASN C 454 51.81 24.87 3.81
CA ASN C 454 52.59 23.81 4.43
C ASN C 454 53.87 23.59 3.63
N HIS C 455 55.03 23.71 4.28
CA HIS C 455 56.29 23.64 3.55
C HIS C 455 56.55 22.23 3.04
N GLU C 456 56.29 21.21 3.87
CA GLU C 456 56.52 19.83 3.45
C GLU C 456 55.82 19.55 2.13
N ILE C 457 54.60 20.05 1.97
CA ILE C 457 53.90 19.93 0.68
C ILE C 457 54.61 20.78 -0.37
N ALA C 458 54.82 22.07 -0.06
CA ALA C 458 55.43 22.98 -1.03
C ALA C 458 56.83 22.56 -1.44
N SER C 459 57.52 21.77 -0.61
CA SER C 459 58.88 21.36 -0.93
C SER C 459 58.92 20.04 -1.69
N LYS C 460 57.98 19.13 -1.42
CA LYS C 460 57.90 17.82 -2.06
C LYS C 460 56.94 17.82 -3.24
N LEU C 461 56.32 18.95 -3.55
CA LEU C 461 55.40 19.05 -4.68
C LEU C 461 55.32 20.52 -5.12
N ASP C 462 55.15 20.71 -6.42
CA ASP C 462 55.19 22.03 -7.01
C ASP C 462 53.77 22.56 -7.22
N ARG C 463 53.68 23.87 -7.43
CA ARG C 463 52.37 24.50 -7.55
C ARG C 463 51.64 24.01 -8.79
N THR C 464 52.38 23.73 -9.86
CA THR C 464 51.75 23.36 -11.12
C THR C 464 50.86 22.13 -10.96
N GLU C 465 51.31 21.14 -10.19
CA GLU C 465 50.53 19.93 -9.96
C GLU C 465 49.63 19.99 -8.73
N LEU C 466 50.01 20.76 -7.71
CA LEU C 466 49.10 20.97 -6.59
C LEU C 466 47.83 21.68 -7.05
N GLU C 467 47.97 22.63 -7.97
CA GLU C 467 46.79 23.20 -8.62
C GLU C 467 46.05 22.14 -9.42
N LYS C 468 46.79 21.27 -10.12
CA LYS C 468 46.18 20.25 -10.96
C LYS C 468 45.43 19.20 -10.14
N LEU C 469 45.91 18.90 -8.93
CA LEU C 469 45.23 17.93 -8.08
C LEU C 469 43.92 18.48 -7.52
N CYS C 470 43.90 19.77 -7.17
CA CYS C 470 42.69 20.39 -6.62
C CYS C 470 41.65 20.72 -7.67
N ASP C 471 41.94 20.47 -8.95
CA ASP C 471 40.97 20.70 -10.02
C ASP C 471 40.00 19.53 -10.08
N PRO C 472 38.69 19.75 -9.92
CA PRO C 472 37.75 18.62 -9.97
C PRO C 472 37.81 17.86 -11.28
N ALA C 473 38.10 18.54 -12.40
CA ALA C 473 38.09 17.88 -13.70
C ALA C 473 39.17 16.82 -13.83
N ASN C 474 40.15 16.81 -12.93
CA ASN C 474 41.23 15.83 -13.01
C ASN C 474 40.94 14.58 -12.19
N TYR C 475 39.95 14.61 -11.30
CA TYR C 475 39.56 13.46 -10.50
C TYR C 475 38.21 12.89 -10.92
N LEU C 476 37.97 12.79 -12.23
CA LEU C 476 36.69 12.28 -12.70
C LEU C 476 36.64 10.76 -12.73
N GLY C 477 37.78 10.07 -12.76
CA GLY C 477 37.76 8.64 -12.75
C GLY C 477 37.36 8.07 -14.10
N GLN C 478 37.04 6.78 -14.08
CA GLN C 478 36.63 6.10 -15.30
C GLN C 478 35.13 6.33 -15.46
N CYS C 479 34.75 7.24 -16.35
CA CYS C 479 33.34 7.51 -16.58
C CYS C 479 33.04 7.28 -18.04
N SER C 480 33.78 7.93 -18.94
CA SER C 480 33.62 7.67 -20.35
C SER C 480 33.68 6.18 -20.65
N GLN C 481 34.50 5.44 -19.89
CA GLN C 481 34.58 3.99 -20.08
C GLN C 481 33.29 3.30 -19.63
N TRP C 482 32.78 3.65 -18.44
CA TRP C 482 31.48 3.14 -18.02
C TRP C 482 30.39 3.54 -19.02
N ILE C 483 30.39 4.80 -19.45
CA ILE C 483 29.44 5.23 -20.47
C ILE C 483 29.59 4.37 -21.72
N ASP C 484 30.83 4.05 -22.09
CA ASP C 484 31.05 3.19 -23.25
C ASP C 484 30.47 1.80 -23.01
N ARG C 485 30.62 1.28 -21.78
CA ARG C 485 30.07 -0.04 -21.46
C ARG C 485 28.56 -0.06 -21.63
N VAL C 486 27.87 0.98 -21.17
CA VAL C 486 26.42 1.04 -21.28
C VAL C 486 25.98 1.25 -22.72
N LEU C 487 26.77 1.99 -23.51
CA LEU C 487 26.39 2.32 -24.87
C LEU C 487 26.74 1.24 -25.89
N SER C 488 27.47 0.20 -25.50
CA SER C 488 27.88 -0.82 -26.47
C SER C 488 26.72 -1.76 -26.80
N PRO C 489 25.93 -2.21 -25.81
CA PRO C 489 24.77 -3.05 -26.17
C PRO C 489 23.55 -2.20 -26.56
N GLY D 59 13.94 0.57 16.24
CA GLY D 59 13.35 1.40 17.28
C GLY D 59 14.37 1.95 18.27
N THR D 60 13.86 2.69 19.31
CA THR D 60 14.71 3.24 20.36
C THR D 60 14.63 2.41 21.63
N PRO D 61 15.72 2.33 22.39
CA PRO D 61 15.70 1.55 23.64
C PRO D 61 14.50 1.84 24.52
N GLN D 62 14.00 3.08 24.50
CA GLN D 62 12.85 3.43 25.32
C GLN D 62 11.58 2.71 24.82
N MET D 63 11.34 2.73 23.52
CA MET D 63 10.14 2.09 22.99
C MET D 63 10.30 0.58 22.85
N ARG D 64 11.50 0.10 22.55
CA ARG D 64 11.71 -1.34 22.36
C ARG D 64 11.58 -2.13 23.65
N GLU D 65 11.54 -1.48 24.81
CA GLU D 65 11.30 -2.22 26.04
C GLU D 65 9.81 -2.31 26.34
N ILE D 66 9.03 -1.32 25.90
CA ILE D 66 7.58 -1.43 26.03
C ILE D 66 7.08 -2.69 25.35
N TRP D 67 7.62 -2.98 24.15
CA TRP D 67 7.20 -4.12 23.34
C TRP D 67 8.16 -5.30 23.43
N SER D 68 9.04 -5.32 24.42
CA SER D 68 9.88 -6.49 24.64
C SER D 68 9.05 -7.64 25.18
N ASP D 69 9.56 -8.86 24.96
CA ASP D 69 8.90 -10.05 25.50
C ASP D 69 8.67 -9.93 27.00
N GLN D 70 9.72 -9.53 27.73
CA GLN D 70 9.62 -9.39 29.18
C GLN D 70 8.44 -8.52 29.58
N ASN D 71 8.26 -7.39 28.90
CA ASN D 71 7.13 -6.53 29.22
C ASN D 71 5.81 -7.19 28.88
N ARG D 72 5.77 -7.95 27.79
CA ARG D 72 4.53 -8.60 27.37
C ARG D 72 4.07 -9.61 28.41
N VAL D 73 4.93 -10.57 28.75
CA VAL D 73 4.59 -11.55 29.77
C VAL D 73 4.34 -10.89 31.12
N ALA D 74 4.83 -9.66 31.30
CA ALA D 74 4.50 -8.90 32.51
C ALA D 74 3.04 -8.47 32.50
N CYS D 75 2.56 -7.94 31.37
CA CYS D 75 1.14 -7.61 31.28
C CYS D 75 0.27 -8.86 31.40
N TYR D 76 0.69 -9.96 30.77
CA TYR D 76 -0.01 -11.23 30.93
C TYR D 76 -0.22 -11.54 32.40
N LEU D 77 0.86 -11.56 33.18
CA LEU D 77 0.75 -11.91 34.59
C LEU D 77 -0.05 -10.86 35.36
N GLU D 78 0.05 -9.60 34.98
CA GLU D 78 -0.73 -8.57 35.66
C GLU D 78 -2.22 -8.72 35.36
N ILE D 79 -2.55 -9.17 34.15
CA ILE D 79 -3.96 -9.40 33.81
C ILE D 79 -4.50 -10.61 34.56
N GLU D 80 -3.75 -11.71 34.58
CA GLU D 80 -4.22 -12.91 35.25
C GLU D 80 -4.47 -12.62 36.73
N ALA D 81 -3.57 -11.87 37.37
CA ALA D 81 -3.74 -11.52 38.77
C ALA D 81 -5.04 -10.74 38.98
N ALA D 82 -5.25 -9.69 38.19
CA ALA D 82 -6.47 -8.90 38.34
C ALA D 82 -7.72 -9.76 38.16
N LEU D 83 -7.68 -10.71 37.21
CA LEU D 83 -8.83 -11.59 37.01
C LEU D 83 -9.07 -12.46 38.23
N ALA D 84 -8.00 -13.01 38.82
CA ALA D 84 -8.17 -13.85 40.01
C ALA D 84 -8.77 -13.05 41.15
N ILE D 85 -8.28 -11.83 41.36
CA ILE D 85 -8.88 -10.95 42.36
C ILE D 85 -10.36 -10.73 42.08
N VAL D 86 -10.68 -10.29 40.86
CA VAL D 86 -12.06 -9.97 40.51
C VAL D 86 -12.97 -11.20 40.68
N GLN D 87 -12.52 -12.35 40.20
CA GLN D 87 -13.38 -13.54 40.19
C GLN D 87 -13.53 -14.14 41.57
N ALA D 88 -12.51 -14.01 42.43
CA ALA D 88 -12.70 -14.34 43.84
C ALA D 88 -13.71 -13.39 44.48
N ASP D 89 -13.53 -12.09 44.26
CA ASP D 89 -14.43 -11.10 44.86
C ASP D 89 -15.89 -11.34 44.50
N LEU D 90 -16.15 -11.83 43.29
CA LEU D 90 -17.52 -12.19 42.90
C LEU D 90 -17.92 -13.59 43.35
N GLY D 91 -17.05 -14.30 44.06
CA GLY D 91 -17.38 -15.65 44.45
C GLY D 91 -17.32 -16.66 43.32
N ILE D 92 -16.60 -16.34 42.24
CA ILE D 92 -16.46 -17.27 41.13
C ILE D 92 -15.37 -18.30 41.41
N ILE D 93 -14.31 -17.89 42.11
CA ILE D 93 -13.19 -18.80 42.41
C ILE D 93 -12.89 -18.70 43.90
N PRO D 94 -12.16 -19.67 44.45
CA PRO D 94 -11.88 -19.67 45.89
C PRO D 94 -11.04 -18.47 46.29
N LYS D 95 -11.37 -17.90 47.45
CA LYS D 95 -10.65 -16.72 47.94
C LYS D 95 -9.18 -17.01 48.15
N ASN D 96 -8.85 -18.18 48.72
CA ASN D 96 -7.44 -18.50 48.98
C ASN D 96 -6.68 -18.83 47.70
N ALA D 97 -7.36 -19.45 46.73
CA ALA D 97 -6.70 -19.77 45.46
C ALA D 97 -6.20 -18.51 44.77
N ALA D 98 -7.01 -17.45 44.76
CA ALA D 98 -6.59 -16.18 44.19
C ALA D 98 -5.33 -15.66 44.87
N HIS D 99 -5.27 -15.76 46.21
CA HIS D 99 -4.12 -15.25 46.93
C HIS D 99 -2.83 -15.86 46.45
N GLU D 100 -2.86 -17.12 46.02
CA GLU D 100 -1.64 -17.75 45.51
C GLU D 100 -1.43 -17.46 44.03
N ILE D 101 -2.51 -17.38 43.25
CA ILE D 101 -2.38 -16.99 41.86
C ILE D 101 -1.67 -15.64 41.77
N VAL D 102 -2.14 -14.66 42.53
CA VAL D 102 -1.53 -13.33 42.51
C VAL D 102 -0.09 -13.41 42.99
N GLU D 103 0.16 -14.28 43.97
CA GLU D 103 1.51 -14.40 44.53
C GLU D 103 2.52 -14.81 43.47
N HIS D 104 2.11 -15.61 42.48
CA HIS D 104 3.01 -16.08 41.44
C HIS D 104 2.88 -15.28 40.16
N CYS D 105 2.24 -14.11 40.21
CA CYS D 105 2.19 -13.21 39.05
C CYS D 105 3.33 -12.21 39.10
N ARG D 106 4.54 -12.77 39.19
CA ARG D 106 5.78 -12.02 39.15
C ARG D 106 6.65 -12.61 38.06
N VAL D 107 7.03 -11.78 37.08
CA VAL D 107 7.77 -12.27 35.93
C VAL D 107 9.10 -12.89 36.34
N GLN D 108 9.66 -12.45 37.47
CA GLN D 108 10.92 -13.00 37.95
C GLN D 108 10.88 -14.51 38.14
N GLU D 109 9.70 -15.11 38.21
CA GLU D 109 9.57 -16.53 38.51
C GLU D 109 9.28 -17.39 37.27
N ILE D 110 9.51 -16.86 36.07
CA ILE D 110 9.13 -17.56 34.83
C ILE D 110 10.38 -18.03 34.12
N ASP D 111 10.42 -19.33 33.79
CA ASP D 111 11.50 -19.91 33.00
C ASP D 111 11.25 -19.65 31.52
N TRP D 112 12.18 -18.97 30.86
CA TRP D 112 12.08 -18.65 29.44
C TRP D 112 12.39 -19.86 28.56
N ALA D 113 11.63 -20.95 28.78
CA ALA D 113 11.78 -22.15 27.98
C ALA D 113 11.19 -21.99 26.58
N LEU D 114 10.46 -20.90 26.32
CA LEU D 114 9.86 -20.62 25.02
C LEU D 114 9.48 -21.87 24.23
N ILE D 123 6.15 -22.63 23.57
CA ILE D 123 6.21 -21.79 22.37
C ILE D 123 4.99 -20.87 22.30
N TYR D 124 3.83 -21.39 22.71
CA TYR D 124 2.58 -20.66 22.89
C TYR D 124 2.72 -19.29 23.53
N PRO D 125 1.96 -18.30 23.04
CA PRO D 125 2.14 -16.93 23.58
C PRO D 125 1.62 -16.76 25.01
N VAL D 126 0.42 -17.24 25.32
CA VAL D 126 -0.19 -17.06 26.64
C VAL D 126 -0.18 -18.35 27.46
N LEU D 127 -0.68 -19.45 26.88
CA LEU D 127 -0.80 -20.70 27.62
C LEU D 127 0.56 -21.22 28.07
N GLY D 128 1.65 -20.83 27.41
CA GLY D 128 2.96 -21.16 27.92
C GLY D 128 3.23 -20.52 29.27
N ILE D 129 2.63 -19.35 29.51
CA ILE D 129 2.77 -18.69 30.81
C ILE D 129 1.79 -19.28 31.82
N VAL D 130 0.52 -19.43 31.44
CA VAL D 130 -0.47 -19.94 32.38
C VAL D 130 -0.15 -21.35 32.84
N GLN D 131 0.61 -22.12 32.04
CA GLN D 131 1.08 -23.41 32.51
C GLN D 131 2.16 -23.24 33.57
N GLN D 132 3.08 -22.29 33.36
CA GLN D 132 4.08 -21.98 34.36
C GLN D 132 3.48 -21.34 35.59
N LEU D 133 2.29 -20.76 35.49
CA LEU D 133 1.61 -20.23 36.66
C LEU D 133 0.82 -21.29 37.40
N VAL D 134 0.13 -22.17 36.67
CA VAL D 134 -0.62 -23.26 37.30
C VAL D 134 0.34 -24.26 37.94
N ALA D 135 1.35 -24.68 37.19
CA ALA D 135 2.34 -25.63 37.71
C ALA D 135 3.24 -24.98 38.75
N ASN D 136 3.13 -23.68 38.94
CA ASN D 136 3.90 -22.96 39.95
C ASN D 136 3.07 -22.68 41.20
N CYS D 137 1.75 -22.92 41.15
CA CYS D 137 0.92 -22.74 42.32
C CYS D 137 0.77 -24.07 43.06
N LYS D 138 1.01 -24.03 44.36
CA LYS D 138 0.90 -25.21 45.22
C LYS D 138 -0.56 -25.50 45.57
N ASP D 139 -0.81 -26.72 45.99
CA ASP D 139 -2.12 -27.15 46.48
C ASP D 139 -3.16 -27.21 45.38
N GLY D 140 -2.72 -27.29 44.12
CA GLY D 140 -3.64 -27.23 42.99
C GLY D 140 -4.47 -25.98 42.92
N LEU D 141 -4.01 -24.88 43.53
CA LEU D 141 -4.73 -23.61 43.42
C LEU D 141 -4.61 -23.01 42.03
N GLY D 142 -3.59 -23.41 41.25
CA GLY D 142 -3.44 -22.87 39.92
C GLY D 142 -4.50 -23.34 38.94
N GLU D 143 -5.40 -24.24 39.34
CA GLU D 143 -6.47 -24.67 38.45
C GLU D 143 -7.54 -23.61 38.26
N TYR D 144 -7.46 -22.50 39.00
CA TYR D 144 -8.54 -21.51 39.01
C TYR D 144 -8.22 -20.24 38.22
N CYS D 145 -7.00 -20.08 37.72
CA CYS D 145 -6.69 -18.89 36.93
C CYS D 145 -7.15 -19.07 35.48
N HIS D 146 -7.20 -17.95 34.76
CA HIS D 146 -7.59 -17.93 33.36
C HIS D 146 -9.03 -18.41 33.15
N TRP D 147 -9.83 -18.42 34.21
CA TRP D 147 -11.18 -18.95 34.13
C TRP D 147 -12.05 -18.10 33.22
N GLY D 148 -12.68 -18.74 32.24
CA GLY D 148 -13.60 -18.08 31.34
C GLY D 148 -12.97 -17.13 30.34
N ALA D 149 -11.65 -16.98 30.36
CA ALA D 149 -10.95 -16.07 29.45
C ALA D 149 -10.32 -16.87 28.32
N THR D 150 -10.34 -16.30 27.12
CA THR D 150 -9.69 -16.89 25.96
C THR D 150 -8.31 -16.26 25.74
N THR D 151 -7.47 -16.96 24.98
CA THR D 151 -6.09 -16.50 24.79
C THR D 151 -6.04 -15.08 24.24
N GLN D 152 -6.88 -14.76 23.25
CA GLN D 152 -6.86 -13.41 22.68
C GLN D 152 -7.23 -12.35 23.72
N ASP D 153 -8.07 -12.70 24.70
CA ASP D 153 -8.39 -11.75 25.76
C ASP D 153 -7.11 -11.25 26.45
N ILE D 154 -6.21 -12.16 26.78
CA ILE D 154 -4.97 -11.77 27.46
C ILE D 154 -4.08 -10.96 26.52
N THR D 155 -3.93 -11.43 25.28
CA THR D 155 -3.03 -10.76 24.34
C THR D 155 -3.51 -9.36 24.00
N ASP D 156 -4.75 -9.23 23.55
CA ASP D 156 -5.26 -7.91 23.16
C ASP D 156 -5.23 -6.93 24.32
N THR D 157 -5.71 -7.36 25.50
CA THR D 157 -5.69 -6.46 26.64
C THR D 157 -4.26 -6.02 26.97
N ALA D 158 -3.29 -6.93 26.86
CA ALA D 158 -1.91 -6.55 27.07
C ALA D 158 -1.46 -5.55 26.01
N THR D 159 -1.83 -5.78 24.75
CA THR D 159 -1.53 -4.82 23.70
C THR D 159 -2.11 -3.46 24.04
N VAL D 160 -3.37 -3.43 24.48
CA VAL D 160 -3.98 -2.16 24.89
C VAL D 160 -3.09 -1.48 25.92
N MET D 161 -2.62 -2.25 26.90
CA MET D 161 -1.75 -1.69 27.93
C MET D 161 -0.45 -1.16 27.33
N GLN D 162 0.14 -1.91 26.40
CA GLN D 162 1.39 -1.49 25.77
C GLN D 162 1.19 -0.28 24.87
N ILE D 163 0.07 -0.22 24.17
CA ILE D 163 -0.22 0.94 23.34
C ILE D 163 -0.26 2.21 24.19
N ARG D 164 -0.81 2.12 25.39
CA ARG D 164 -0.87 3.28 26.27
C ARG D 164 0.53 3.73 26.67
N GLN D 165 1.36 2.79 27.12
CA GLN D 165 2.74 3.13 27.45
C GLN D 165 3.47 3.74 26.26
N SER D 166 3.17 3.24 25.05
CA SER D 166 3.81 3.77 23.86
C SER D 166 3.37 5.20 23.59
N LEU D 167 2.06 5.46 23.73
CA LEU D 167 1.55 6.82 23.54
C LEU D 167 2.03 7.76 24.65
N THR D 168 2.39 7.23 25.81
CA THR D 168 3.04 8.06 26.82
C THR D 168 4.33 8.63 26.28
N LEU D 169 5.18 7.80 25.68
CA LEU D 169 6.40 8.30 25.06
C LEU D 169 6.09 9.26 23.93
N VAL D 170 5.12 8.90 23.08
CA VAL D 170 4.81 9.73 21.93
C VAL D 170 4.33 11.11 22.35
N LYS D 171 3.50 11.17 23.39
CA LYS D 171 3.02 12.46 23.87
C LYS D 171 4.17 13.32 24.40
N GLN D 172 5.14 12.70 25.08
CA GLN D 172 6.26 13.45 25.64
C GLN D 172 7.18 13.97 24.55
N ARG D 173 7.50 13.12 23.57
CA ARG D 173 8.33 13.56 22.45
C ARG D 173 7.63 14.65 21.66
N LEU D 174 6.31 14.56 21.53
CA LEU D 174 5.57 15.61 20.83
C LEU D 174 5.68 16.95 21.56
N ASP D 175 5.72 16.93 22.89
CA ASP D 175 5.93 18.16 23.64
C ASP D 175 7.30 18.77 23.32
N SER D 176 8.36 17.95 23.41
CA SER D 176 9.68 18.44 23.06
C SER D 176 9.73 19.00 21.64
N ILE D 177 9.07 18.30 20.71
CA ILE D 177 9.05 18.76 19.33
C ILE D 177 8.23 20.03 19.20
N VAL D 178 7.08 20.10 19.87
CA VAL D 178 6.26 21.32 19.82
C VAL D 178 6.97 22.46 20.53
N SER D 179 7.66 22.15 21.63
CA SER D 179 8.44 23.17 22.34
C SER D 179 9.52 23.76 21.44
N SER D 180 10.35 22.89 20.84
CA SER D 180 11.41 23.36 19.95
C SER D 180 10.86 24.29 18.85
N LEU D 181 9.75 23.91 18.24
CA LEU D 181 9.21 24.73 17.14
C LEU D 181 8.75 26.10 17.64
N GLU D 182 8.08 26.14 18.80
CA GLU D 182 7.68 27.42 19.38
C GLU D 182 8.88 28.34 19.54
N HIS D 183 10.00 27.81 20.04
CA HIS D 183 11.18 28.63 20.22
C HIS D 183 11.74 29.10 18.88
N LEU D 184 11.86 28.18 17.92
CA LEU D 184 12.38 28.56 16.61
C LEU D 184 11.45 29.53 15.90
N ALA D 185 10.14 29.35 16.07
CA ALA D 185 9.20 30.25 15.40
C ALA D 185 9.40 31.69 15.85
N GLU D 186 9.68 31.89 17.14
CA GLU D 186 9.97 33.24 17.64
C GLU D 186 11.39 33.67 17.30
N GLN D 187 12.37 32.87 17.72
CA GLN D 187 13.78 33.25 17.56
C GLN D 187 14.07 33.70 16.13
N HIS D 188 13.66 32.92 15.15
CA HIS D 188 13.85 33.26 13.74
C HIS D 188 12.60 33.90 13.15
N ARG D 189 11.81 34.59 13.97
CA ARG D 189 10.55 35.16 13.54
C ARG D 189 10.73 36.07 12.33
N ASN D 190 11.83 36.82 12.30
CA ASN D 190 12.04 37.83 11.27
C ASN D 190 13.18 37.47 10.31
N VAL D 191 13.77 36.28 10.45
CA VAL D 191 14.85 35.88 9.55
C VAL D 191 14.22 35.61 8.18
N PRO D 192 14.47 36.44 7.18
CA PRO D 192 13.84 36.25 5.87
C PRO D 192 14.49 35.11 5.09
N MET D 193 13.69 34.58 4.17
CA MET D 193 14.13 33.51 3.28
C MET D 193 13.15 33.40 2.13
N ALA D 194 13.54 32.65 1.11
CA ALA D 194 12.74 32.51 -0.11
C ALA D 194 11.77 31.35 0.03
N ALA D 195 10.47 31.64 -0.08
CA ALA D 195 9.49 30.58 -0.19
C ALA D 195 9.69 29.84 -1.51
N ARG D 196 9.57 28.52 -1.46
CA ARG D 196 9.91 27.66 -2.59
C ARG D 196 8.70 26.86 -3.00
N SER D 197 8.38 26.90 -4.29
CA SER D 197 7.27 26.16 -4.89
C SER D 197 7.82 25.23 -5.96
N ASN D 198 7.72 23.93 -5.74
CA ASN D 198 8.32 22.94 -6.63
C ASN D 198 9.83 23.09 -6.68
N LEU D 199 10.44 23.36 -5.53
CA LEU D 199 11.88 23.57 -5.39
C LEU D 199 12.35 24.81 -6.14
N LYS D 200 11.44 25.56 -6.76
CA LYS D 200 11.73 26.85 -7.39
C LYS D 200 11.36 27.97 -6.41
N GLN D 201 12.08 29.08 -6.49
CA GLN D 201 11.79 30.20 -5.62
C GLN D 201 10.48 30.87 -6.03
N ALA D 202 9.79 31.42 -5.03
CA ALA D 202 8.47 32.01 -5.26
C ALA D 202 8.44 33.44 -4.77
N VAL D 203 8.20 33.64 -3.47
CA VAL D 203 8.22 34.96 -2.87
C VAL D 203 8.84 34.86 -1.48
N PRO D 204 9.26 36.00 -0.93
CA PRO D 204 9.94 35.96 0.38
C PRO D 204 8.97 35.68 1.52
N ILE D 205 9.46 34.90 2.49
CA ILE D 205 8.81 34.68 3.77
C ILE D 205 9.91 34.60 4.83
N THR D 206 9.51 34.44 6.08
CA THR D 206 10.47 34.33 7.17
C THR D 206 10.59 32.89 7.63
N PHE D 207 11.77 32.55 8.15
CA PHE D 207 12.01 31.19 8.63
C PHE D 207 11.09 30.85 9.80
N GLY D 208 10.75 31.84 10.63
CA GLY D 208 9.78 31.61 11.69
C GLY D 208 8.41 31.24 11.16
N PHE D 209 8.02 31.81 10.02
CA PHE D 209 6.76 31.44 9.39
C PHE D 209 6.74 29.96 9.04
N LYS D 210 7.85 29.46 8.49
CA LYS D 210 7.97 28.03 8.18
C LYS D 210 7.82 27.19 9.44
N MET D 211 8.54 27.55 10.51
CA MET D 211 8.47 26.77 11.75
C MET D 211 7.07 26.77 12.35
N ALA D 212 6.32 27.86 12.18
CA ALA D 212 4.97 27.90 12.73
C ALA D 212 4.05 26.91 12.02
N ARG D 213 4.21 26.77 10.70
CA ARG D 213 3.35 25.86 9.95
C ARG D 213 3.52 24.42 10.43
N PHE D 214 4.77 24.02 10.73
CA PHE D 214 4.96 22.71 11.36
C PHE D 214 4.35 22.69 12.75
N LEU D 215 4.62 23.72 13.55
CA LEU D 215 4.09 23.78 14.91
C LEU D 215 2.57 23.62 14.93
N ALA D 216 1.87 24.40 14.10
CA ALA D 216 0.42 24.29 14.05
C ALA D 216 -0.04 22.88 13.72
N THR D 217 0.74 22.16 12.90
CA THR D 217 0.38 20.79 12.51
C THR D 217 0.56 19.83 13.68
N PHE D 218 1.74 19.85 14.31
CA PHE D 218 2.00 18.93 15.42
C PHE D 218 0.99 19.10 16.54
N ARG D 219 0.43 20.29 16.70
CA ARG D 219 -0.63 20.47 17.69
C ARG D 219 -1.89 19.72 17.28
N ARG D 220 -2.23 19.76 16.00
CA ARG D 220 -3.34 18.95 15.51
C ARG D 220 -3.10 17.47 15.75
N HIS D 221 -1.88 16.99 15.49
CA HIS D 221 -1.58 15.58 15.76
C HIS D 221 -1.79 15.26 17.23
N GLN D 222 -1.45 16.20 18.11
CA GLN D 222 -1.66 15.99 19.53
C GLN D 222 -3.14 15.86 19.85
N GLN D 223 -3.97 16.72 19.25
CA GLN D 223 -5.42 16.59 19.40
C GLN D 223 -5.89 15.22 18.94
N ARG D 224 -5.40 14.76 17.78
CA ARG D 224 -5.80 13.45 17.26
C ARG D 224 -5.40 12.34 18.22
N LEU D 225 -4.20 12.41 18.81
CA LEU D 225 -3.73 11.37 19.71
C LEU D 225 -4.67 11.21 20.90
N VAL D 226 -5.08 12.34 21.50
CA VAL D 226 -5.94 12.28 22.67
C VAL D 226 -7.29 11.67 22.32
N GLU D 227 -7.84 12.04 21.17
CA GLU D 227 -9.19 11.59 20.83
C GLU D 227 -9.24 10.08 20.66
N LEU D 228 -8.19 9.47 20.09
CA LEU D 228 -8.22 8.03 19.92
C LEU D 228 -7.94 7.27 21.21
N GLU D 229 -7.27 7.91 22.17
CA GLU D 229 -6.97 7.23 23.44
C GLU D 229 -8.24 6.75 24.11
N LYS D 230 -9.31 7.54 24.05
CA LYS D 230 -10.54 7.17 24.75
C LYS D 230 -11.21 5.94 24.15
N ARG D 231 -10.96 5.62 22.88
CA ARG D 231 -11.46 4.39 22.30
C ARG D 231 -10.48 3.23 22.44
N VAL D 232 -9.18 3.52 22.36
CA VAL D 232 -8.17 2.46 22.37
C VAL D 232 -8.04 1.84 23.76
N TYR D 233 -8.12 2.68 24.79
CA TYR D 233 -7.93 2.22 26.17
C TYR D 233 -9.20 1.51 26.68
N THR D 234 -9.55 0.44 25.97
CA THR D 234 -10.70 -0.39 26.30
C THR D 234 -10.21 -1.80 26.64
N LEU D 235 -11.05 -2.53 27.37
CA LEU D 235 -10.71 -3.89 27.77
C LEU D 235 -11.16 -4.89 26.72
N GLU D 236 -10.47 -6.03 26.67
CA GLU D 236 -10.81 -7.14 25.80
C GLU D 236 -10.95 -8.40 26.66
N PHE D 237 -12.18 -8.69 27.09
CA PHE D 237 -12.47 -9.88 27.90
C PHE D 237 -13.85 -10.42 27.47
N GLY D 238 -13.85 -11.33 26.50
CA GLY D 238 -15.09 -11.85 25.97
C GLY D 238 -15.16 -13.37 25.84
N GLY D 239 -14.06 -14.06 26.19
CA GLY D 239 -14.07 -15.50 26.06
C GLY D 239 -13.98 -15.96 24.61
N ALA D 240 -14.53 -17.14 24.34
CA ALA D 240 -14.34 -17.78 23.05
C ALA D 240 -15.07 -17.04 21.93
N ALA D 241 -16.33 -16.67 22.15
CA ALA D 241 -17.12 -15.99 21.13
C ALA D 241 -17.56 -14.59 21.56
N GLY D 242 -17.04 -14.06 22.66
CA GLY D 242 -17.41 -12.74 23.11
C GLY D 242 -18.58 -12.70 24.08
N ASN D 243 -19.19 -13.85 24.38
CA ASN D 243 -20.35 -13.92 25.27
C ASN D 243 -20.01 -14.39 26.68
N LEU D 244 -18.79 -14.86 26.91
CA LEU D 244 -18.38 -15.35 28.23
C LEU D 244 -19.36 -16.42 28.72
N SER D 245 -19.49 -17.47 27.90
CA SER D 245 -20.41 -18.55 28.25
C SER D 245 -20.06 -19.19 29.59
N SER D 246 -18.80 -19.59 29.77
CA SER D 246 -18.43 -20.33 30.97
C SER D 246 -18.60 -19.51 32.24
N LEU D 247 -18.60 -18.18 32.14
CA LEU D 247 -18.89 -17.34 33.30
C LEU D 247 -20.38 -17.19 33.55
N GLY D 248 -21.23 -17.83 32.74
CA GLY D 248 -22.66 -17.76 32.93
C GLY D 248 -23.15 -16.34 33.05
N ASP D 249 -23.86 -16.06 34.14
CA ASP D 249 -24.41 -14.74 34.40
C ASP D 249 -23.41 -13.81 35.06
N GLN D 250 -22.25 -14.33 35.47
CA GLN D 250 -21.19 -13.52 36.04
C GLN D 250 -20.26 -12.92 34.99
N GLY D 251 -20.43 -13.26 33.73
CA GLY D 251 -19.56 -12.77 32.68
C GLY D 251 -19.44 -11.26 32.63
N ILE D 252 -20.57 -10.57 32.45
CA ILE D 252 -20.54 -9.11 32.40
C ILE D 252 -20.05 -8.54 33.72
N ALA D 253 -20.40 -9.19 34.83
CA ALA D 253 -19.89 -8.75 36.13
C ALA D 253 -18.37 -8.82 36.17
N THR D 254 -17.80 -9.94 35.71
CA THR D 254 -16.35 -10.07 35.69
C THR D 254 -15.71 -9.07 34.74
N HIS D 255 -16.29 -8.89 33.56
CA HIS D 255 -15.69 -8.00 32.58
C HIS D 255 -15.54 -6.58 33.13
N ASP D 256 -16.64 -5.99 33.61
CA ASP D 256 -16.57 -4.63 34.14
C ASP D 256 -15.64 -4.55 35.34
N ALA D 257 -15.62 -5.60 36.17
CA ALA D 257 -14.70 -5.64 37.30
C ALA D 257 -13.25 -5.58 36.84
N LEU D 258 -12.90 -6.41 35.85
CA LEU D 258 -11.52 -6.44 35.37
C LEU D 258 -11.13 -5.12 34.72
N ALA D 259 -12.06 -4.51 33.97
CA ALA D 259 -11.78 -3.22 33.35
C ALA D 259 -11.45 -2.17 34.40
N LYS D 260 -12.24 -2.11 35.47
CA LYS D 260 -11.95 -1.18 36.56
C LYS D 260 -10.63 -1.54 37.23
N MET D 261 -10.33 -2.83 37.35
CA MET D 261 -9.08 -3.27 37.95
C MET D 261 -7.87 -2.81 37.17
N LEU D 262 -7.98 -2.71 35.84
CA LEU D 262 -6.84 -2.41 34.99
C LEU D 262 -6.82 -0.97 34.48
N ASP D 263 -7.67 -0.10 35.03
CA ASP D 263 -7.78 1.29 34.57
C ASP D 263 -7.98 1.35 33.06
N LEU D 264 -8.91 0.52 32.56
CA LEU D 264 -9.29 0.51 31.17
C LEU D 264 -10.80 0.72 31.07
N ALA D 265 -11.23 1.27 29.94
CA ALA D 265 -12.66 1.41 29.78
C ALA D 265 -13.26 0.06 29.42
N PRO D 266 -14.42 -0.29 30.00
CA PRO D 266 -15.04 -1.55 29.62
C PRO D 266 -15.53 -1.48 28.18
N ALA D 267 -15.62 -2.65 27.56
CA ALA D 267 -16.03 -2.73 26.17
C ALA D 267 -17.53 -2.87 26.12
N GLU D 268 -18.15 -2.16 25.15
CA GLU D 268 -19.59 -2.29 24.92
C GLU D 268 -19.94 -3.73 24.58
N ILE D 269 -19.12 -4.34 23.74
CA ILE D 269 -19.31 -5.71 23.28
C ILE D 269 -17.95 -6.20 22.80
N ALA D 270 -17.84 -7.50 22.55
CA ALA D 270 -16.57 -8.07 22.17
C ALA D 270 -16.04 -7.44 20.88
N TRP D 271 -14.71 -7.44 20.74
CA TRP D 271 -14.07 -6.88 19.55
C TRP D 271 -12.90 -7.75 19.09
N HIS D 272 -13.05 -9.07 19.19
CA HIS D 272 -11.97 -9.98 18.82
C HIS D 272 -11.69 -9.97 17.31
N THR D 273 -12.68 -9.62 16.50
CA THR D 273 -12.52 -9.51 15.06
C THR D 273 -12.83 -8.11 14.57
N GLU D 274 -13.19 -7.19 15.47
CA GLU D 274 -13.43 -5.79 15.16
C GLU D 274 -12.14 -4.98 15.36
N HIS D 275 -11.17 -5.22 14.47
CA HIS D 275 -9.86 -4.58 14.56
C HIS D 275 -9.84 -3.10 14.20
N ASP D 276 -10.92 -2.38 14.50
CA ASP D 276 -10.97 -0.95 14.21
C ASP D 276 -10.10 -0.14 15.15
N ARG D 277 -10.05 -0.51 16.43
CA ARG D 277 -9.28 0.26 17.41
C ARG D 277 -7.80 0.27 17.06
N PHE D 278 -7.20 -0.92 16.95
CA PHE D 278 -5.79 -1.02 16.61
C PHE D 278 -5.50 -0.33 15.29
N ALA D 279 -6.41 -0.45 14.32
CA ALA D 279 -6.21 0.22 13.03
C ALA D 279 -6.18 1.73 13.23
N GLU D 280 -7.05 2.25 14.09
CA GLU D 280 -7.03 3.67 14.41
C GLU D 280 -5.64 4.11 14.85
N VAL D 281 -4.98 3.31 15.69
CA VAL D 281 -3.61 3.62 16.10
C VAL D 281 -2.70 3.68 14.88
N GLY D 282 -2.76 2.65 14.03
CA GLY D 282 -1.94 2.60 12.83
C GLY D 282 -2.07 3.82 11.96
N THR D 283 -3.30 4.17 11.59
CA THR D 283 -3.51 5.33 10.73
C THR D 283 -3.00 6.60 11.39
N PHE D 284 -3.06 6.68 12.71
CA PHE D 284 -2.49 7.83 13.40
C PHE D 284 -0.98 7.89 13.21
N LEU D 285 -0.29 6.77 13.49
CA LEU D 285 1.16 6.73 13.24
C LEU D 285 1.48 7.12 11.81
N GLY D 286 0.60 6.79 10.86
CA GLY D 286 0.83 7.18 9.48
C GLY D 286 0.76 8.69 9.29
N LEU D 287 -0.28 9.32 9.82
CA LEU D 287 -0.38 10.77 9.74
C LEU D 287 0.78 11.45 10.47
N LEU D 288 1.09 10.98 11.69
CA LEU D 288 2.16 11.59 12.48
C LEU D 288 3.49 11.48 11.76
N THR D 289 3.87 10.26 11.36
CA THR D 289 5.12 10.09 10.63
C THR D 289 5.11 10.89 9.32
N GLY D 290 3.94 11.07 8.71
CA GLY D 290 3.88 11.86 7.50
C GLY D 290 4.44 13.25 7.70
N THR D 291 4.05 13.91 8.79
CA THR D 291 4.57 15.24 9.08
C THR D 291 6.06 15.18 9.42
N LEU D 292 6.46 14.22 10.26
CA LEU D 292 7.87 14.06 10.55
C LEU D 292 8.67 13.84 9.28
N ALA D 293 8.05 13.26 8.25
CA ALA D 293 8.72 13.05 6.98
C ALA D 293 8.90 14.37 6.22
N LYS D 294 7.85 15.21 6.16
CA LYS D 294 7.99 16.50 5.51
C LYS D 294 9.05 17.36 6.19
N LEU D 295 9.10 17.32 7.52
CA LEU D 295 10.12 18.09 8.24
C LEU D 295 11.52 17.64 7.85
N ALA D 296 11.75 16.33 7.83
CA ALA D 296 13.06 15.82 7.45
C ALA D 296 13.42 16.20 6.02
N THR D 297 12.42 16.26 5.13
CA THR D 297 12.69 16.66 3.75
C THR D 297 13.13 18.12 3.67
N ASP D 298 12.41 19.02 4.35
CA ASP D 298 12.75 20.43 4.28
C ASP D 298 14.13 20.70 4.88
N ILE D 299 14.46 20.04 5.98
CA ILE D 299 15.77 20.25 6.61
C ILE D 299 16.89 19.82 5.67
N LYS D 300 16.83 18.55 5.24
CA LYS D 300 17.90 18.04 4.39
C LYS D 300 17.95 18.77 3.05
N LEU D 301 16.80 19.30 2.59
CA LEU D 301 16.82 20.18 1.43
C LEU D 301 17.52 21.50 1.75
N MET D 302 17.19 22.10 2.90
CA MET D 302 17.81 23.36 3.30
C MET D 302 19.23 23.17 3.79
N SER D 303 19.66 21.94 4.06
CA SER D 303 21.04 21.66 4.42
C SER D 303 21.83 21.18 3.21
N GLN D 304 21.26 21.30 2.01
CA GLN D 304 21.96 20.95 0.78
C GLN D 304 23.24 21.76 0.66
N THR D 305 24.25 21.19 0.00
CA THR D 305 25.51 21.91 -0.19
C THR D 305 25.28 23.24 -0.90
N GLU D 306 24.45 23.23 -1.95
CA GLU D 306 24.19 24.42 -2.75
C GLU D 306 23.22 25.39 -2.10
N VAL D 307 22.62 25.02 -0.97
CA VAL D 307 21.65 25.88 -0.29
C VAL D 307 22.23 26.36 1.04
N GLY D 308 22.40 25.45 1.99
CA GLY D 308 23.09 25.78 3.23
C GLY D 308 22.36 26.75 4.13
N GLU D 309 21.03 26.82 4.03
CA GLU D 309 20.25 27.72 4.86
C GLU D 309 20.10 27.23 6.30
N VAL D 310 20.25 25.93 6.55
CA VAL D 310 20.17 25.34 7.88
C VAL D 310 21.27 24.30 8.03
N GLY D 311 21.40 23.76 9.24
CA GLY D 311 22.39 22.72 9.49
C GLY D 311 21.99 21.76 10.60
N GLU D 312 22.15 20.47 10.35
CA GLU D 312 21.81 19.47 11.35
C GLU D 312 22.88 19.42 12.44
N PRO D 313 22.53 18.92 13.63
CA PRO D 313 23.48 18.67 14.72
C PRO D 313 24.00 17.22 14.75
N SER D 332 20.94 12.27 9.85
CA SER D 332 20.07 11.99 10.98
C SER D 332 18.60 12.15 10.59
N CYS D 333 18.33 13.05 9.63
CA CYS D 333 16.99 13.20 9.10
C CYS D 333 16.68 12.11 8.07
N VAL D 334 17.70 11.63 7.37
CA VAL D 334 17.48 10.65 6.31
C VAL D 334 16.87 9.36 6.84
N TYR D 335 17.06 9.07 8.13
CA TYR D 335 16.46 7.86 8.68
C TYR D 335 14.96 8.01 8.81
N ILE D 336 14.48 9.22 9.14
CA ILE D 336 13.06 9.46 9.28
C ILE D 336 12.30 9.14 8.00
N HIS D 337 12.96 9.30 6.84
CA HIS D 337 12.27 9.02 5.58
C HIS D 337 11.84 7.57 5.49
N ALA D 338 12.72 6.65 5.88
CA ALA D 338 12.38 5.24 5.82
C ALA D 338 11.25 4.90 6.80
N CYS D 339 11.32 5.46 8.02
CA CYS D 339 10.26 5.23 9.00
C CYS D 339 8.90 5.60 8.42
N ALA D 340 8.78 6.79 7.84
CA ALA D 340 7.52 7.21 7.25
C ALA D 340 7.04 6.22 6.20
N ALA D 341 7.95 5.73 5.37
CA ALA D 341 7.57 4.81 4.29
C ALA D 341 7.10 3.47 4.83
N ASN D 342 7.77 2.94 5.86
CA ASN D 342 7.35 1.67 6.43
C ASN D 342 6.06 1.80 7.22
N VAL D 343 5.91 2.88 7.99
CA VAL D 343 4.73 3.02 8.83
C VAL D 343 3.47 3.18 7.98
N ARG D 344 3.57 3.92 6.87
CA ARG D 344 2.39 4.11 6.03
C ARG D 344 1.94 2.79 5.40
N GLN D 345 2.89 2.02 4.87
CA GLN D 345 2.52 0.74 4.29
C GLN D 345 2.04 -0.23 5.36
N GLY D 346 2.65 -0.19 6.54
CA GLY D 346 2.14 -0.99 7.64
C GLY D 346 0.70 -0.66 7.95
N ALA D 347 0.36 0.63 7.98
CA ALA D 347 -1.02 1.05 8.20
C ALA D 347 -1.94 0.43 7.17
N ALA D 348 -1.50 0.36 5.91
CA ALA D 348 -2.32 -0.30 4.90
C ALA D 348 -2.57 -1.75 5.27
N ALA D 349 -1.56 -2.44 5.78
CA ALA D 349 -1.76 -3.81 6.25
C ALA D 349 -2.83 -3.86 7.33
N LEU D 350 -2.79 -2.92 8.27
CA LEU D 350 -3.76 -2.93 9.37
C LEU D 350 -5.18 -2.69 8.85
N LEU D 351 -5.34 -1.83 7.86
CA LEU D 351 -6.64 -1.69 7.22
C LEU D 351 -7.06 -2.97 6.54
N ASP D 352 -6.10 -3.70 5.97
CA ASP D 352 -6.41 -5.00 5.37
C ASP D 352 -6.85 -5.99 6.45
N ALA D 353 -6.19 -5.98 7.61
CA ALA D 353 -6.57 -6.87 8.68
C ALA D 353 -7.98 -6.59 9.19
N MET D 354 -8.54 -5.42 8.89
CA MET D 354 -9.89 -5.10 9.35
C MET D 354 -10.95 -5.99 8.72
N GLN D 355 -10.67 -6.57 7.56
CA GLN D 355 -11.62 -7.47 6.91
C GLN D 355 -11.48 -8.87 7.52
N SER D 356 -11.74 -8.94 8.83
CA SER D 356 -11.73 -10.23 9.50
C SER D 356 -13.08 -10.91 9.33
N ASP D 357 -13.13 -12.19 9.68
CA ASP D 357 -14.32 -13.00 9.45
C ASP D 357 -14.89 -13.50 10.78
N HIS D 358 -16.20 -13.31 10.95
CA HIS D 358 -16.94 -13.87 12.06
C HIS D 358 -16.35 -13.53 13.43
N GLU D 359 -16.24 -14.52 14.30
CA GLU D 359 -15.95 -14.23 15.71
C GLU D 359 -14.48 -14.31 16.07
N ALA D 360 -13.68 -15.05 15.31
CA ALA D 360 -12.26 -15.09 15.64
C ALA D 360 -11.52 -15.57 14.41
N GLY D 361 -10.34 -14.99 14.18
CA GLY D 361 -9.58 -15.34 13.00
C GLY D 361 -8.10 -15.06 13.10
N THR D 362 -7.30 -16.11 13.03
CA THR D 362 -5.86 -15.94 12.97
C THR D 362 -5.49 -15.38 11.60
N GLY D 363 -4.41 -14.61 11.56
CA GLY D 363 -4.03 -13.96 10.32
C GLY D 363 -4.29 -12.48 10.42
N PRO D 364 -5.56 -12.07 10.36
CA PRO D 364 -5.87 -10.67 10.68
C PRO D 364 -5.22 -10.26 11.99
N TRP D 365 -5.31 -11.13 13.00
CA TRP D 365 -4.60 -10.91 14.25
C TRP D 365 -3.09 -10.88 14.01
N GLU D 366 -2.58 -11.83 13.22
CA GLU D 366 -1.14 -11.89 12.94
C GLU D 366 -0.64 -10.61 12.31
N ILE D 367 -1.38 -10.06 11.34
CA ILE D 367 -0.95 -8.82 10.70
C ILE D 367 -0.73 -7.75 11.76
N ILE D 368 -1.70 -7.57 12.65
CA ILE D 368 -1.55 -6.58 13.71
C ILE D 368 -0.44 -6.98 14.67
N TRP D 369 -0.37 -8.27 15.02
CA TRP D 369 0.63 -8.75 15.97
C TRP D 369 2.04 -8.42 15.50
N VAL D 370 2.25 -8.29 14.20
CA VAL D 370 3.56 -8.02 13.63
C VAL D 370 3.75 -6.52 13.35
N GLN D 371 2.74 -5.89 12.74
CA GLN D 371 2.90 -4.52 12.26
C GLN D 371 2.94 -3.52 13.41
N LEU D 372 2.02 -3.65 14.36
CA LEU D 372 1.93 -2.66 15.43
C LEU D 372 3.26 -2.51 16.16
N PRO D 373 3.89 -3.57 16.68
CA PRO D 373 5.20 -3.38 17.32
C PRO D 373 6.25 -2.81 16.39
N LEU D 374 6.27 -3.23 15.13
CA LEU D 374 7.20 -2.65 14.17
C LEU D 374 6.90 -1.17 13.97
N MET D 375 5.63 -0.84 13.75
CA MET D 375 5.25 0.55 13.49
C MET D 375 5.54 1.45 14.68
N MET D 376 5.37 0.93 15.90
CA MET D 376 5.65 1.74 17.09
C MET D 376 7.13 2.08 17.19
N ASN D 377 8.00 1.14 16.88
CA ASN D 377 9.43 1.41 17.02
C ASN D 377 9.95 2.28 15.89
N TRP D 378 9.37 2.18 14.69
CA TRP D 378 9.75 3.10 13.63
C TRP D 378 9.35 4.53 14.00
N THR D 379 8.14 4.70 14.52
CA THR D 379 7.65 6.04 14.87
C THR D 379 8.48 6.64 15.99
N SER D 380 8.91 5.83 16.96
CA SER D 380 9.73 6.36 18.03
C SER D 380 11.10 6.78 17.51
N ALA D 381 11.69 5.99 16.62
CA ALA D 381 12.92 6.40 15.97
C ALA D 381 12.75 7.76 15.30
N ALA D 382 11.65 7.94 14.57
CA ALA D 382 11.40 9.21 13.89
C ALA D 382 11.26 10.35 14.90
N LEU D 383 10.42 10.18 15.91
CA LEU D 383 10.22 11.24 16.90
C LEU D 383 11.54 11.60 17.59
N ASN D 384 12.37 10.60 17.90
CA ASN D 384 13.65 10.88 18.54
C ASN D 384 14.55 11.73 17.62
N ASN D 385 14.77 11.26 16.39
CA ASN D 385 15.58 12.03 15.46
C ASN D 385 15.02 13.43 15.27
N ALA D 386 13.72 13.54 15.01
CA ALA D 386 13.11 14.85 14.83
C ALA D 386 13.32 15.72 16.07
N ASP D 387 13.04 15.16 17.25
CA ASP D 387 13.22 15.92 18.49
C ASP D 387 14.65 16.41 18.63
N PHE D 388 15.62 15.53 18.39
CA PHE D 388 17.02 15.89 18.59
C PHE D 388 17.48 16.95 17.60
N VAL D 389 17.21 16.73 16.31
CA VAL D 389 17.67 17.69 15.30
C VAL D 389 17.06 19.06 15.53
N LEU D 390 15.82 19.14 16.01
CA LEU D 390 15.20 20.43 16.24
C LEU D 390 15.87 21.16 17.41
N ARG D 391 16.17 20.45 18.50
CA ARG D 391 16.82 21.09 19.63
C ARG D 391 18.21 21.60 19.26
N GLY D 392 18.89 20.94 18.32
CA GLY D 392 20.22 21.35 17.91
C GLY D 392 20.29 21.94 16.50
N LEU D 393 19.15 22.40 15.98
CA LEU D 393 19.11 22.87 14.60
C LEU D 393 19.94 24.14 14.46
N GLN D 394 20.82 24.18 13.47
CA GLN D 394 21.59 25.36 13.15
C GLN D 394 20.89 26.13 12.05
N VAL D 395 20.62 27.41 12.28
CA VAL D 395 19.97 28.27 11.30
C VAL D 395 20.94 29.39 10.95
N PHE D 396 21.22 29.54 9.65
CA PHE D 396 22.17 30.52 9.14
C PHE D 396 21.46 31.57 8.31
N PRO D 397 20.99 32.66 8.91
CA PRO D 397 20.25 33.67 8.13
C PRO D 397 21.02 34.23 6.96
N ASP D 398 22.35 34.22 7.01
CA ASP D 398 23.15 34.74 5.92
C ASP D 398 22.91 33.93 4.64
N ALA D 399 22.87 32.60 4.76
CA ALA D 399 22.60 31.77 3.60
C ALA D 399 21.25 32.11 2.99
N MET D 400 20.24 32.30 3.83
CA MET D 400 18.93 32.71 3.33
C MET D 400 19.04 34.06 2.64
N GLN D 401 19.84 34.97 3.21
CA GLN D 401 20.13 36.24 2.55
C GLN D 401 20.77 36.01 1.19
N HIS D 402 21.79 35.15 1.13
CA HIS D 402 22.52 34.95 -0.12
C HIS D 402 21.61 34.38 -1.20
N ASN D 403 20.90 33.28 -0.88
CA ASN D 403 20.02 32.67 -1.86
C ASN D 403 18.88 33.61 -2.24
N LEU D 404 18.38 34.36 -1.26
CA LEU D 404 17.24 35.22 -1.53
C LEU D 404 17.58 36.31 -2.53
N ASP D 405 18.82 36.81 -2.50
CA ASP D 405 19.25 37.88 -3.38
C ASP D 405 19.75 37.40 -4.74
N LEU D 406 19.82 36.08 -4.94
CA LEU D 406 20.31 35.56 -6.22
C LEU D 406 19.49 36.08 -7.39
N SER D 407 18.18 36.24 -7.21
CA SER D 407 17.33 36.74 -8.27
C SER D 407 17.56 38.22 -8.58
N LYS D 408 18.34 38.91 -7.75
CA LYS D 408 18.65 40.33 -7.97
C LYS D 408 17.37 41.17 -8.01
N GLY D 409 16.42 40.83 -7.13
CA GLY D 409 15.18 41.55 -7.02
C GLY D 409 14.01 40.92 -7.75
N LEU D 410 14.27 40.00 -8.69
CA LEU D 410 13.17 39.36 -9.41
C LEU D 410 12.17 38.71 -8.48
N ILE D 411 12.63 38.15 -7.35
CA ILE D 411 11.73 37.46 -6.45
C ILE D 411 10.70 38.41 -5.85
N VAL D 412 11.06 39.69 -5.71
CA VAL D 412 10.14 40.67 -5.14
C VAL D 412 9.65 41.59 -6.25
N SER D 413 9.59 41.06 -7.47
CA SER D 413 9.08 41.85 -8.59
C SER D 413 7.63 42.25 -8.37
N GLU D 414 6.85 41.39 -7.71
CA GLU D 414 5.46 41.71 -7.42
C GLU D 414 5.35 43.00 -6.60
N ALA D 415 6.30 43.22 -5.68
CA ALA D 415 6.26 44.45 -4.89
C ALA D 415 6.45 45.68 -5.77
N VAL D 416 7.45 45.64 -6.67
CA VAL D 416 7.67 46.76 -7.57
C VAL D 416 6.42 47.04 -8.39
N MET D 417 5.72 45.97 -8.81
CA MET D 417 4.50 46.15 -9.59
C MET D 417 3.47 46.95 -8.81
N MET D 418 3.23 46.57 -7.55
CA MET D 418 2.22 47.26 -6.77
C MET D 418 2.64 48.68 -6.42
N GLY D 419 3.94 48.90 -6.21
CA GLY D 419 4.42 50.24 -5.92
C GLY D 419 4.12 51.23 -7.03
N LEU D 420 4.60 50.96 -8.25
CA LEU D 420 4.35 51.88 -9.34
C LEU D 420 2.87 51.96 -9.68
N GLY D 421 2.09 50.98 -9.21
CA GLY D 421 0.66 51.00 -9.44
C GLY D 421 -0.03 52.21 -8.86
N ASN D 422 0.60 52.87 -7.89
CA ASN D 422 0.04 54.08 -7.31
C ASN D 422 0.24 55.29 -8.22
N THR D 423 1.48 55.53 -8.64
CA THR D 423 1.75 56.63 -9.55
C THR D 423 1.17 56.36 -10.93
N LEU D 424 1.54 55.22 -11.52
CA LEU D 424 1.00 54.77 -12.80
C LEU D 424 -0.19 53.85 -12.54
N GLY D 425 -0.85 53.41 -13.60
CA GLY D 425 -1.94 52.47 -13.43
C GLY D 425 -1.46 51.15 -12.85
N ARG D 426 -2.29 50.53 -12.01
CA ARG D 426 -1.92 49.24 -11.44
C ARG D 426 -1.68 48.21 -12.54
N GLN D 427 -2.66 48.04 -13.42
CA GLN D 427 -2.50 47.09 -14.52
C GLN D 427 -1.31 47.47 -15.41
N TYR D 428 -1.19 48.76 -15.74
CA TYR D 428 -0.07 49.23 -16.54
C TYR D 428 1.25 48.99 -15.83
N ALA D 429 1.28 49.18 -14.50
CA ALA D 429 2.47 48.91 -13.71
C ALA D 429 2.97 47.48 -13.91
N HIS D 430 2.05 46.51 -13.82
CA HIS D 430 2.43 45.11 -13.93
C HIS D 430 3.05 44.80 -15.30
N ASP D 431 2.45 45.30 -16.38
CA ASP D 431 2.97 45.01 -17.71
C ASP D 431 4.38 45.56 -17.91
N ALA D 432 4.78 46.56 -17.14
CA ALA D 432 6.08 47.18 -17.28
C ALA D 432 7.15 46.42 -16.49
N VAL D 433 6.86 46.08 -15.24
CA VAL D 433 7.83 45.33 -14.44
C VAL D 433 8.15 43.99 -15.10
N TYR D 434 7.11 43.30 -15.60
CA TYR D 434 7.36 42.04 -16.29
C TYR D 434 8.31 42.24 -17.47
N GLU D 435 8.11 43.30 -18.25
CA GLU D 435 9.01 43.58 -19.36
C GLU D 435 10.39 43.98 -18.85
N CYS D 436 10.44 44.75 -17.77
CA CYS D 436 11.73 45.05 -17.15
C CYS D 436 12.38 43.80 -16.59
N CYS D 437 11.57 42.83 -16.16
CA CYS D 437 12.11 41.57 -15.63
C CYS D 437 12.74 40.73 -16.73
N ARG D 438 12.06 40.58 -17.86
CA ARG D 438 12.64 39.85 -18.98
C ARG D 438 14.04 40.37 -19.33
N THR D 439 14.20 41.69 -19.35
CA THR D 439 15.51 42.27 -19.64
C THR D 439 16.54 41.86 -18.60
N ALA D 440 16.25 42.10 -17.32
CA ALA D 440 17.19 41.76 -16.26
C ALA D 440 17.49 40.27 -16.25
N PHE D 441 16.52 39.46 -16.71
CA PHE D 441 16.72 38.02 -16.77
C PHE D 441 17.66 37.65 -17.92
N VAL D 442 17.37 38.15 -19.12
CA VAL D 442 18.24 37.90 -20.27
C VAL D 442 19.62 38.50 -20.07
N GLN D 443 19.72 39.59 -19.30
CA GLN D 443 20.99 40.24 -19.04
C GLN D 443 21.65 39.83 -17.74
N ASP D 444 21.02 38.98 -16.93
CA ASP D 444 21.54 38.60 -15.62
C ASP D 444 22.05 39.83 -14.87
N ARG D 445 21.21 40.86 -14.83
CA ARG D 445 21.52 42.11 -14.16
C ARG D 445 20.46 42.42 -13.11
N PRO D 446 20.80 43.19 -12.08
CA PRO D 446 19.82 43.52 -11.06
C PRO D 446 18.58 44.16 -11.67
N LEU D 447 17.41 43.81 -11.10
CA LEU D 447 16.17 44.41 -11.59
C LEU D 447 16.17 45.92 -11.34
N LEU D 448 16.73 46.36 -10.21
CA LEU D 448 16.78 47.78 -9.91
C LEU D 448 17.43 48.56 -11.04
N ASP D 449 18.52 48.03 -11.61
CA ASP D 449 19.21 48.72 -12.69
C ASP D 449 18.35 48.77 -13.95
N VAL D 450 17.60 47.70 -14.22
CA VAL D 450 16.72 47.71 -15.40
C VAL D 450 15.52 48.60 -15.15
N LEU D 451 15.08 48.72 -13.90
CA LEU D 451 14.03 49.67 -13.59
C LEU D 451 14.48 51.10 -13.86
N LEU D 452 15.73 51.42 -13.50
CA LEU D 452 16.24 52.77 -13.66
C LEU D 452 16.59 53.12 -15.10
N GLU D 453 16.80 52.11 -15.96
CA GLU D 453 17.03 52.38 -17.37
C GLU D 453 15.74 52.62 -18.14
N ASN D 454 14.59 52.32 -17.55
CA ASN D 454 13.33 52.82 -18.07
C ASN D 454 13.15 54.21 -17.50
N HIS D 455 13.05 55.21 -18.39
CA HIS D 455 13.05 56.59 -17.91
C HIS D 455 11.74 56.94 -17.22
N GLU D 456 10.61 56.50 -17.77
CA GLU D 456 9.32 56.76 -17.13
C GLU D 456 9.33 56.29 -15.68
N ILE D 457 9.97 55.16 -15.41
CA ILE D 457 10.09 54.67 -14.03
C ILE D 457 10.92 55.66 -13.21
N ALA D 458 12.11 56.01 -13.69
CA ALA D 458 13.00 56.91 -12.97
C ALA D 458 12.38 58.28 -12.73
N SER D 459 11.38 58.67 -13.52
CA SER D 459 10.76 59.98 -13.40
C SER D 459 9.59 60.01 -12.43
N LYS D 460 8.84 58.90 -12.33
CA LYS D 460 7.71 58.82 -11.42
C LYS D 460 8.08 58.19 -10.08
N LEU D 461 9.34 57.79 -9.92
CA LEU D 461 9.85 57.22 -8.67
C LEU D 461 11.36 57.37 -8.66
N ASP D 462 11.93 57.62 -7.48
CA ASP D 462 13.36 57.87 -7.37
C ASP D 462 14.08 56.60 -6.90
N ARG D 463 15.41 56.64 -7.00
CA ARG D 463 16.20 55.43 -6.74
C ARG D 463 16.01 54.93 -5.31
N THR D 464 15.87 55.85 -4.35
CA THR D 464 15.81 55.43 -2.95
C THR D 464 14.66 54.47 -2.68
N GLU D 465 13.49 54.68 -3.29
CA GLU D 465 12.36 53.80 -3.06
C GLU D 465 12.32 52.62 -4.02
N LEU D 466 12.83 52.78 -5.24
CA LEU D 466 12.97 51.61 -6.11
C LEU D 466 13.94 50.60 -5.51
N GLU D 467 15.00 51.09 -4.87
CA GLU D 467 15.86 50.20 -4.10
C GLU D 467 15.07 49.56 -2.95
N LYS D 468 14.23 50.34 -2.29
CA LYS D 468 13.46 49.83 -1.16
C LYS D 468 12.41 48.81 -1.60
N LEU D 469 11.84 48.99 -2.81
CA LEU D 469 10.88 48.01 -3.31
C LEU D 469 11.56 46.72 -3.74
N CYS D 470 12.75 46.82 -4.35
CA CYS D 470 13.46 45.64 -4.81
C CYS D 470 14.14 44.89 -3.67
N ASP D 471 14.04 45.41 -2.44
CA ASP D 471 14.63 44.73 -1.29
C ASP D 471 13.69 43.61 -0.85
N PRO D 472 14.14 42.35 -0.89
CA PRO D 472 13.24 41.26 -0.49
C PRO D 472 12.75 41.35 0.95
N ALA D 473 13.56 41.89 1.85
CA ALA D 473 13.19 41.93 3.26
C ALA D 473 11.98 42.82 3.51
N ASN D 474 11.58 43.65 2.55
CA ASN D 474 10.45 44.54 2.71
C ASN D 474 9.13 43.94 2.21
N TYR D 475 9.17 42.84 1.47
CA TYR D 475 7.97 42.19 0.95
C TYR D 475 7.67 40.89 1.68
N LEU D 476 7.80 40.89 3.00
CA LEU D 476 7.56 39.69 3.78
C LEU D 476 6.09 39.45 4.10
N GLY D 477 5.25 40.47 4.04
CA GLY D 477 3.85 40.30 4.33
C GLY D 477 3.65 40.23 5.84
N GLN D 478 2.44 39.86 6.24
CA GLN D 478 2.13 39.79 7.67
C GLN D 478 2.46 38.39 8.21
N CYS D 479 3.76 38.10 8.27
CA CYS D 479 4.21 36.78 8.72
C CYS D 479 4.32 36.73 10.24
N SER D 480 5.06 37.67 10.81
CA SER D 480 5.14 37.76 12.26
C SER D 480 3.76 37.73 12.90
N GLN D 481 2.76 38.29 12.20
CA GLN D 481 1.39 38.25 12.70
C GLN D 481 0.83 36.84 12.64
N TRP D 482 0.98 36.16 11.50
CA TRP D 482 0.58 34.75 11.43
C TRP D 482 1.31 33.92 12.49
N ILE D 483 2.61 34.16 12.65
CA ILE D 483 3.38 33.43 13.66
C ILE D 483 2.75 33.61 15.04
N ASP D 484 2.28 34.82 15.35
CA ASP D 484 1.65 35.06 16.65
C ASP D 484 0.37 34.25 16.81
N ARG D 485 -0.41 34.14 15.74
CA ARG D 485 -1.68 33.42 15.81
C ARG D 485 -1.48 31.97 16.23
N VAL D 486 -0.43 31.33 15.70
CA VAL D 486 -0.17 29.93 16.04
C VAL D 486 0.31 29.80 17.49
N LEU D 487 0.98 30.84 18.01
CA LEU D 487 1.54 30.81 19.36
C LEU D 487 0.52 31.15 20.45
N SER D 488 -0.71 31.52 20.10
CA SER D 488 -1.68 31.92 21.10
C SER D 488 -2.37 30.70 21.72
N PRO D 489 -2.93 29.78 20.94
CA PRO D 489 -3.65 28.68 21.59
C PRO D 489 -2.74 27.49 21.93
CA TRA E . -17.78 -10.66 -14.41
CB TRA E . -17.79 -11.52 -13.38
CG TRA E . -19.00 -11.93 -12.59
CAC TRA E . -18.91 -9.89 -15.07
CBC TRA E . -16.45 -12.13 -12.95
CGC TRA E . -18.83 -13.09 -11.59
OA1 TRA E . -20.10 -10.07 -14.77
OA2 TRA E . -18.51 -9.07 -15.95
OB1 TRA E . -16.34 -13.38 -12.92
OB2 TRA E . -15.56 -11.31 -12.68
OG1 TRA E . -19.62 -14.05 -11.70
OG2 TRA E . -17.94 -12.98 -10.72
HA TRA E . -16.95 -10.50 -14.80
HG1 TRA E . -19.71 -12.19 -13.22
HG2 TRA E . -19.33 -11.17 -12.10
#